data_4I26
#
_entry.id   4I26
#
_cell.length_a   88.266
_cell.length_b   141.894
_cell.length_c   172.917
_cell.angle_alpha   90.000
_cell.angle_beta   90.000
_cell.angle_gamma   90.000
#
_symmetry.space_group_name_H-M   'P 21 21 21'
#
loop_
_entity.id
_entity.type
_entity.pdbx_description
1 polymer '2-aminomuconate 6-semialdehyde dehydrogenase'
2 non-polymer 1,2-ETHANEDIOL
3 non-polymer 'SODIUM ION'
4 water water
#
_entity_poly.entity_id   1
_entity_poly.type   'polypeptide(L)'
_entity_poly.pdbx_seq_one_letter_code
;MNTLPSQVWRTNIGSAPSQLLNYIDGNFVTSASSFANINPVNGKLISDVFEADAKQVNEAVVAAQNALKGPWGKLSVQDR
AALIHKIADGIQARFEEFVAAEVADTGRPVHQARTLDIPRAIANFRTFADLAKTSHTDLFEMSTSDGSGALNYTVRKPLG
VIGVISPWNLPLLLFTWKVAPALACGNTVVAKPSEESPSSATLLAEVMHDAGVPPGVFNLIHGFGKDSAGEFLTQHPGIS
ALTFTGESKTGSTIMKAVADGVKEVSFELGGKNAAVVFADADLDAAIEGVLRSSFTNSGQVCLCSERVYVHRSIFDEFVS
GLKVEAERLVVGYPDQDGVNMGPLISHGHRDKVLSYYRLAVDEGATVVTGGGVPKFNDERDQGAYVQPTIWTGLSDKARC
VTEEIFGPVCHISPFDDEDEVINRVNDSNYGLACAIWTTNLSRAHRVSRQIHVGLVWVNTWYLRDLRTPFGGVKLSGLGR
EGGRFSMDFYSDIANICIKI
;
_entity_poly.pdbx_strand_id   A,B,C,D
#
# COMPACT_ATOMS: atom_id res chain seq x y z
N GLN A 19 15.13 45.77 -3.17
CA GLN A 19 13.71 45.70 -2.74
C GLN A 19 12.96 44.36 -3.03
N LEU A 20 11.97 44.05 -2.19
CA LEU A 20 11.26 42.77 -2.29
C LEU A 20 9.75 42.96 -2.26
N LEU A 21 9.08 42.69 -3.39
CA LEU A 21 7.63 42.88 -3.46
C LEU A 21 6.81 41.65 -3.13
N ASN A 22 5.52 41.85 -2.90
CA ASN A 22 4.62 40.73 -2.81
C ASN A 22 4.40 40.19 -4.21
N TYR A 23 3.79 39.01 -4.35
CA TYR A 23 3.45 38.52 -5.68
C TYR A 23 2.02 38.00 -5.66
N ILE A 24 1.13 38.78 -6.28
CA ILE A 24 -0.28 38.52 -6.19
C ILE A 24 -0.92 38.45 -7.57
N ASP A 25 -1.60 37.34 -7.83
CA ASP A 25 -2.38 37.14 -9.06
C ASP A 25 -1.58 37.51 -10.29
N GLY A 26 -0.37 36.99 -10.36
CA GLY A 26 0.44 37.14 -11.55
C GLY A 26 1.30 38.38 -11.54
N ASN A 27 1.12 39.23 -10.53
CA ASN A 27 1.85 40.51 -10.49
C ASN A 27 2.59 40.82 -9.20
N PHE A 28 3.84 41.27 -9.36
CA PHE A 28 4.55 41.92 -8.25
C PHE A 28 3.91 43.27 -7.92
N VAL A 29 3.75 43.51 -6.63
CA VAL A 29 3.10 44.72 -6.15
C VAL A 29 3.77 45.16 -4.88
N THR A 30 3.73 46.46 -4.63
CA THR A 30 4.25 47.05 -3.42
C THR A 30 3.12 47.15 -2.41
N SER A 31 3.40 47.79 -1.28
CA SER A 31 2.42 48.02 -0.22
C SER A 31 2.58 49.41 0.38
N ALA A 32 1.62 49.80 1.22
CA ALA A 32 1.73 50.99 2.08
C ALA A 32 3.02 50.96 2.90
N SER A 33 3.13 49.94 3.75
CA SER A 33 4.25 49.80 4.67
C SER A 33 5.38 48.95 4.13
N SER A 34 6.57 49.18 4.67
CA SER A 34 7.72 48.33 4.40
C SER A 34 8.54 48.09 5.68
N PHE A 35 9.38 47.05 5.65
CA PHE A 35 10.25 46.78 6.77
C PHE A 35 11.61 46.38 6.27
N ALA A 36 12.58 46.46 7.16
CA ALA A 36 13.97 46.24 6.78
C ALA A 36 14.36 44.77 6.92
N ASN A 37 15.23 44.31 6.03
CA ASN A 37 15.83 42.99 6.15
C ASN A 37 17.32 43.19 6.42
N ILE A 38 17.77 42.69 7.56
CA ILE A 38 19.08 43.00 8.04
C ILE A 38 19.97 41.80 7.95
N ASN A 39 21.14 42.01 7.36
CA ASN A 39 22.16 40.97 7.34
C ASN A 39 22.70 40.76 8.74
N PRO A 40 22.53 39.54 9.31
CA PRO A 40 22.96 39.23 10.69
C PRO A 40 24.49 39.06 10.87
N VAL A 41 25.22 39.07 9.77
CA VAL A 41 26.67 39.05 9.86
C VAL A 41 27.21 40.40 10.39
N ASN A 42 26.63 41.50 9.94
CA ASN A 42 27.17 42.84 10.21
C ASN A 42 26.12 43.95 10.46
N GLY A 43 24.84 43.59 10.53
CA GLY A 43 23.78 44.54 10.85
C GLY A 43 23.41 45.51 9.76
N LYS A 44 23.96 45.29 8.59
CA LYS A 44 23.68 46.16 7.47
C LYS A 44 22.39 45.80 6.70
N LEU A 45 21.77 46.82 6.15
CA LEU A 45 20.61 46.68 5.29
C LEU A 45 20.89 45.86 4.01
N ILE A 46 20.03 44.89 3.74
CA ILE A 46 20.07 44.16 2.48
C ILE A 46 18.98 44.67 1.52
N SER A 47 17.81 44.96 2.05
CA SER A 47 16.69 45.32 1.20
C SER A 47 15.51 45.82 2.00
N ASP A 48 14.58 46.50 1.33
CA ASP A 48 13.28 46.82 1.92
C ASP A 48 12.19 45.82 1.42
N VAL A 49 11.30 45.46 2.33
CA VAL A 49 10.30 44.44 2.09
C VAL A 49 8.95 45.06 2.35
N PHE A 50 8.08 45.02 1.34
CA PHE A 50 6.72 45.53 1.45
C PHE A 50 5.74 44.63 2.18
N GLU A 51 5.18 45.15 3.26
CA GLU A 51 4.24 44.44 4.08
C GLU A 51 2.86 44.44 3.45
N ALA A 52 2.33 43.25 3.16
CA ALA A 52 0.99 43.13 2.64
C ALA A 52 -0.03 43.46 3.72
N ASP A 53 -1.08 44.19 3.36
CA ASP A 53 -2.16 44.48 4.30
C ASP A 53 -3.32 43.50 4.11
N ALA A 54 -4.36 43.65 4.94
CA ALA A 54 -5.50 42.74 4.91
C ALA A 54 -6.17 42.71 3.54
N LYS A 55 -6.20 43.85 2.87
CA LYS A 55 -6.90 43.96 1.62
C LYS A 55 -6.15 43.17 0.54
N GLN A 56 -4.83 43.19 0.61
CA GLN A 56 -4.02 42.47 -0.39
C GLN A 56 -3.97 40.96 -0.10
N VAL A 57 -4.05 40.58 1.16
CA VAL A 57 -4.20 39.19 1.51
C VAL A 57 -5.53 38.68 0.94
N ASN A 58 -6.60 39.45 1.14
CA ASN A 58 -7.87 39.10 0.51
C ASN A 58 -7.67 38.97 -0.99
N GLU A 59 -6.94 39.88 -1.60
CA GLU A 59 -6.70 39.78 -3.04
C GLU A 59 -6.00 38.43 -3.38
N ALA A 60 -5.06 38.03 -2.53
CA ALA A 60 -4.30 36.80 -2.80
C ALA A 60 -5.22 35.57 -2.70
N VAL A 61 -6.01 35.50 -1.63
CA VAL A 61 -6.88 34.37 -1.44
C VAL A 61 -7.91 34.22 -2.56
N VAL A 62 -8.54 35.33 -2.95
CA VAL A 62 -9.59 35.31 -3.98
C VAL A 62 -8.97 34.87 -5.29
N ALA A 63 -7.77 35.39 -5.59
CA ALA A 63 -7.14 35.04 -6.86
C ALA A 63 -6.76 33.56 -6.85
N ALA A 64 -6.35 33.05 -5.69
CA ALA A 64 -6.00 31.64 -5.56
C ALA A 64 -7.26 30.80 -5.77
N GLN A 65 -8.37 31.26 -5.21
CA GLN A 65 -9.63 30.57 -5.40
C GLN A 65 -9.99 30.47 -6.87
N ASN A 66 -9.82 31.57 -7.61
CA ASN A 66 -10.24 31.61 -9.03
C ASN A 66 -9.29 30.82 -9.89
N ALA A 67 -8.03 30.86 -9.53
CA ALA A 67 -7.03 30.08 -10.23
C ALA A 67 -7.41 28.58 -10.21
N LEU A 68 -8.08 28.11 -9.17
CA LEU A 68 -8.50 26.71 -9.17
C LEU A 68 -9.44 26.40 -10.35
N LYS A 69 -10.13 27.43 -10.84
CA LYS A 69 -11.12 27.27 -11.90
C LYS A 69 -10.57 27.63 -13.30
N GLY A 70 -9.30 28.03 -13.35
CA GLY A 70 -8.67 28.38 -14.60
C GLY A 70 -7.84 27.23 -15.10
N PRO A 71 -6.87 27.49 -15.98
CA PRO A 71 -6.06 26.47 -16.67
C PRO A 71 -5.33 25.54 -15.70
N TRP A 72 -5.00 26.06 -14.52
CA TRP A 72 -4.26 25.30 -13.57
C TRP A 72 -5.08 24.06 -13.29
N GLY A 73 -6.37 24.26 -13.04
CA GLY A 73 -7.31 23.19 -12.73
C GLY A 73 -7.59 22.21 -13.87
N LYS A 74 -7.21 22.53 -15.10
CA LYS A 74 -7.50 21.68 -16.27
C LYS A 74 -6.29 20.83 -16.62
N LEU A 75 -5.17 21.14 -16.00
CA LEU A 75 -3.96 20.37 -16.24
C LEU A 75 -4.11 18.91 -15.80
N SER A 76 -3.61 18.00 -16.61
CA SER A 76 -3.44 16.61 -16.20
C SER A 76 -2.42 16.54 -15.10
N VAL A 77 -2.36 15.40 -14.43
CA VAL A 77 -1.41 15.23 -13.36
C VAL A 77 -0.03 15.22 -13.99
N GLN A 78 0.07 14.60 -15.16
CA GLN A 78 1.32 14.60 -15.92
C GLN A 78 1.82 15.99 -16.27
N ASP A 79 0.94 16.83 -16.80
CA ASP A 79 1.36 18.15 -17.22
C ASP A 79 1.66 19.03 -16.00
N ARG A 80 0.91 18.85 -14.92
CA ARG A 80 1.13 19.63 -13.72
C ARG A 80 2.49 19.27 -13.20
N ALA A 81 2.80 17.97 -13.18
CA ALA A 81 4.07 17.52 -12.68
C ALA A 81 5.21 18.04 -13.53
N ALA A 82 5.02 18.19 -14.84
CA ALA A 82 6.10 18.63 -15.71
C ALA A 82 6.41 20.07 -15.40
N LEU A 83 5.36 20.84 -15.17
CA LEU A 83 5.49 22.26 -14.85
C LEU A 83 6.21 22.42 -13.51
N ILE A 84 5.87 21.61 -12.52
CA ILE A 84 6.57 21.65 -11.24
C ILE A 84 8.05 21.27 -11.41
N HIS A 85 8.35 20.31 -12.29
CA HIS A 85 9.77 20.08 -12.66
C HIS A 85 10.43 21.31 -13.37
N LYS A 86 9.67 22.07 -14.12
CA LYS A 86 10.19 23.30 -14.71
C LYS A 86 10.57 24.30 -13.58
N ILE A 87 9.71 24.46 -12.58
CA ILE A 87 10.03 25.30 -11.44
C ILE A 87 11.35 24.87 -10.84
N ALA A 88 11.49 23.58 -10.60
CA ALA A 88 12.71 23.08 -10.06
C ALA A 88 13.93 23.37 -10.98
N ASP A 89 13.71 23.28 -12.29
CA ASP A 89 14.74 23.59 -13.28
C ASP A 89 15.14 25.07 -13.19
N GLY A 90 14.13 25.93 -13.11
CA GLY A 90 14.33 27.36 -13.04
C GLY A 90 15.11 27.79 -11.79
N ILE A 91 15.02 27.01 -10.72
CA ILE A 91 15.79 27.29 -9.51
C ILE A 91 17.20 26.76 -9.70
N GLN A 92 17.33 25.61 -10.35
CA GLN A 92 18.65 25.07 -10.62
C GLN A 92 19.46 25.98 -11.53
N ALA A 93 18.75 26.70 -12.39
CA ALA A 93 19.34 27.61 -13.37
C ALA A 93 19.73 28.94 -12.73
N ARG A 94 19.35 29.14 -11.48
CA ARG A 94 19.73 30.35 -10.78
C ARG A 94 20.29 29.92 -9.46
N PHE A 95 20.86 28.72 -9.45
CA PHE A 95 21.29 28.12 -8.22
C PHE A 95 22.04 29.14 -7.32
N GLU A 96 23.09 29.74 -7.86
CA GLU A 96 23.99 30.58 -7.08
C GLU A 96 23.31 31.86 -6.57
N GLU A 97 22.38 32.42 -7.33
CA GLU A 97 21.57 33.55 -6.85
C GLU A 97 20.75 33.16 -5.64
N PHE A 98 20.23 31.93 -5.65
CA PHE A 98 19.47 31.44 -4.52
C PHE A 98 20.40 31.20 -3.33
N VAL A 99 21.56 30.62 -3.60
CA VAL A 99 22.53 30.46 -2.52
C VAL A 99 22.83 31.84 -1.92
N ALA A 100 23.02 32.84 -2.78
CA ALA A 100 23.41 34.18 -2.33
C ALA A 100 22.33 34.80 -1.45
N ALA A 101 21.08 34.67 -1.89
CA ALA A 101 19.94 35.20 -1.16
C ALA A 101 19.74 34.56 0.22
N GLU A 102 19.82 33.23 0.33
CA GLU A 102 19.72 32.57 1.65
C GLU A 102 20.80 33.04 2.62
N VAL A 103 22.02 33.01 2.15
CA VAL A 103 23.17 33.42 2.93
C VAL A 103 23.04 34.87 3.43
N ALA A 104 22.61 35.75 2.55
CA ALA A 104 22.51 37.17 2.89
C ALA A 104 21.50 37.37 4.02
N ASP A 105 20.28 36.83 3.88
CA ASP A 105 19.24 36.98 4.90
C ASP A 105 19.59 36.42 6.27
N THR A 106 20.30 35.31 6.31
CA THR A 106 20.42 34.50 7.53
C THR A 106 21.85 34.31 8.07
N GLY A 107 22.88 34.55 7.27
CA GLY A 107 24.26 34.29 7.68
C GLY A 107 24.73 32.83 7.62
N ARG A 108 23.95 31.94 7.03
CA ARG A 108 24.39 30.55 7.07
C ARG A 108 25.64 30.37 6.19
N PRO A 109 26.53 29.46 6.56
CA PRO A 109 27.70 29.23 5.70
C PRO A 109 27.30 28.93 4.27
N VAL A 110 28.11 29.37 3.32
CA VAL A 110 27.81 29.21 1.90
C VAL A 110 27.79 27.74 1.59
N HIS A 111 28.67 27.01 2.26
CA HIS A 111 28.77 25.57 2.18
C HIS A 111 27.41 24.92 2.40
N GLN A 112 26.79 25.22 3.53
CA GLN A 112 25.50 24.64 3.92
C GLN A 112 24.40 25.05 2.94
N ALA A 113 24.44 26.27 2.46
CA ALA A 113 23.45 26.70 1.50
C ALA A 113 23.57 25.95 0.19
N ARG A 114 24.81 25.64 -0.20
CA ARG A 114 25.06 24.99 -1.48
C ARG A 114 24.78 23.50 -1.45
N THR A 115 25.01 22.84 -0.31
CA THR A 115 24.86 21.39 -0.25
C THR A 115 23.64 20.86 0.56
N LEU A 116 23.02 21.71 1.38
CA LEU A 116 21.79 21.32 2.05
C LEU A 116 20.62 22.19 1.59
N ASP A 117 20.67 23.47 1.92
CA ASP A 117 19.52 24.31 1.67
C ASP A 117 19.01 24.28 0.25
N ILE A 118 19.76 24.79 -0.72
CA ILE A 118 19.16 24.98 -2.04
C ILE A 118 18.90 23.63 -2.75
N PRO A 119 19.79 22.67 -2.64
CA PRO A 119 19.47 21.36 -3.22
C PRO A 119 18.22 20.74 -2.64
N ARG A 120 17.98 20.76 -1.34
CA ARG A 120 16.63 20.39 -0.90
C ARG A 120 15.43 21.14 -1.49
N ALA A 121 15.48 22.47 -1.59
CA ALA A 121 14.31 23.21 -2.09
C ALA A 121 13.98 22.57 -3.42
N ILE A 122 15.02 22.33 -4.18
CA ILE A 122 14.87 21.82 -5.54
C ILE A 122 14.30 20.40 -5.48
N ALA A 123 14.89 19.56 -4.65
CA ALA A 123 14.48 18.16 -4.51
C ALA A 123 13.05 18.06 -3.94
N ASN A 124 12.64 19.07 -3.18
CA ASN A 124 11.29 19.07 -2.62
C ASN A 124 10.30 19.07 -3.79
N PHE A 125 10.50 19.98 -4.76
CA PHE A 125 9.59 20.11 -5.89
C PHE A 125 9.60 18.83 -6.74
N ARG A 126 10.77 18.23 -6.88
CA ARG A 126 10.94 17.11 -7.80
C ARG A 126 10.31 15.86 -7.21
N THR A 127 10.49 15.68 -5.90
CA THR A 127 9.96 14.53 -5.21
C THR A 127 8.45 14.55 -5.26
N PHE A 128 7.85 15.70 -4.93
CA PHE A 128 6.40 15.77 -4.91
C PHE A 128 5.77 15.76 -6.30
N ALA A 129 6.47 16.32 -7.30
CA ALA A 129 6.00 16.19 -8.68
C ALA A 129 6.02 14.70 -9.11
N ASP A 130 7.07 13.99 -8.75
CA ASP A 130 7.13 12.56 -9.05
C ASP A 130 5.99 11.78 -8.36
N LEU A 131 5.71 12.14 -7.12
CA LEU A 131 4.72 11.45 -6.32
C LEU A 131 3.33 11.73 -6.91
N ALA A 132 3.10 12.93 -7.42
CA ALA A 132 1.84 13.26 -8.05
C ALA A 132 1.61 12.33 -9.23
N LYS A 133 2.67 11.95 -9.93
CA LYS A 133 2.54 11.13 -11.13
C LYS A 133 2.31 9.66 -10.76
N THR A 134 2.98 9.19 -9.72
CA THR A 134 2.88 7.80 -9.37
C THR A 134 1.73 7.47 -8.45
N SER A 135 1.19 8.46 -7.73
CA SER A 135 0.29 8.17 -6.62
C SER A 135 -1.01 7.61 -7.17
N HIS A 136 -1.58 6.62 -6.49
CA HIS A 136 -2.92 6.18 -6.82
C HIS A 136 -3.77 6.05 -5.55
N THR A 137 -5.02 5.62 -5.70
CA THR A 137 -5.92 5.49 -4.58
C THR A 137 -6.52 4.06 -4.56
N ASP A 138 -7.63 3.86 -3.85
CA ASP A 138 -8.05 2.51 -3.47
C ASP A 138 -9.41 2.07 -4.03
N LEU A 139 -9.59 0.76 -4.13
CA LEU A 139 -10.80 0.15 -4.64
C LEU A 139 -11.16 -0.86 -3.58
N PHE A 140 -12.42 -0.78 -3.11
CA PHE A 140 -12.96 -1.70 -2.11
C PHE A 140 -14.22 -2.30 -2.70
N GLU A 141 -14.28 -3.61 -2.91
CA GLU A 141 -15.56 -4.22 -3.27
C GLU A 141 -16.32 -4.64 -2.00
N MET A 142 -17.64 -4.71 -2.10
CA MET A 142 -18.43 -5.25 -1.01
C MET A 142 -19.67 -5.97 -1.51
N SER A 143 -20.15 -6.91 -0.69
CA SER A 143 -21.42 -7.57 -0.94
C SER A 143 -22.60 -6.74 -0.40
N THR A 144 -23.75 -6.91 -1.01
CA THR A 144 -24.98 -6.24 -0.57
C THR A 144 -26.08 -7.30 -0.52
N SER A 145 -27.17 -6.98 0.16
CA SER A 145 -28.30 -7.91 0.32
C SER A 145 -28.75 -8.48 -1.00
N ASP A 146 -28.97 -7.61 -1.98
CA ASP A 146 -29.66 -8.06 -3.18
C ASP A 146 -28.72 -8.93 -4.01
N GLY A 147 -27.47 -9.05 -3.55
CA GLY A 147 -26.54 -9.97 -4.16
C GLY A 147 -25.82 -9.40 -5.38
N SER A 148 -26.07 -8.13 -5.70
CA SER A 148 -25.43 -7.52 -6.88
C SER A 148 -24.09 -6.83 -6.54
N GLY A 149 -23.91 -6.41 -5.28
CA GLY A 149 -22.62 -5.87 -4.86
C GLY A 149 -22.50 -4.35 -5.08
N ALA A 150 -21.38 -3.79 -4.64
CA ALA A 150 -21.13 -2.38 -4.74
C ALA A 150 -19.64 -2.18 -4.83
N LEU A 151 -19.21 -1.05 -5.37
CA LEU A 151 -17.80 -0.67 -5.39
C LEU A 151 -17.64 0.63 -4.68
N ASN A 152 -16.64 0.72 -3.83
CA ASN A 152 -16.16 1.98 -3.30
C ASN A 152 -14.82 2.26 -3.91
N TYR A 153 -14.66 3.46 -4.45
CA TYR A 153 -13.35 3.88 -4.87
C TYR A 153 -13.08 5.27 -4.38
N THR A 154 -11.82 5.54 -4.08
CA THR A 154 -11.48 6.84 -3.56
C THR A 154 -10.70 7.58 -4.60
N VAL A 155 -10.73 8.89 -4.49
CA VAL A 155 -9.95 9.76 -5.33
C VAL A 155 -9.31 10.86 -4.49
N ARG A 156 -8.20 11.40 -4.99
CA ARG A 156 -7.56 12.61 -4.42
C ARG A 156 -7.91 13.79 -5.29
N LYS A 157 -8.39 14.84 -4.65
CA LYS A 157 -8.66 16.10 -5.34
C LYS A 157 -7.94 17.20 -4.58
N PRO A 158 -7.68 18.33 -5.28
CA PRO A 158 -7.14 19.51 -4.61
C PRO A 158 -7.99 19.86 -3.41
N LEU A 159 -7.38 20.18 -2.28
CA LEU A 159 -8.10 20.60 -1.10
C LEU A 159 -8.75 21.97 -1.32
N GLY A 160 -8.03 22.85 -2.01
CA GLY A 160 -8.45 24.23 -2.27
C GLY A 160 -7.23 25.20 -2.22
N VAL A 161 -7.40 26.33 -1.52
CA VAL A 161 -6.27 27.23 -1.28
C VAL A 161 -5.52 26.88 -0.02
N ILE A 162 -4.23 26.66 -0.15
CA ILE A 162 -3.42 26.32 1.01
C ILE A 162 -2.70 27.59 1.50
N GLY A 163 -2.91 27.93 2.75
CA GLY A 163 -2.17 29.02 3.36
C GLY A 163 -0.90 28.45 3.93
N VAL A 164 0.24 29.02 3.58
CA VAL A 164 1.52 28.55 4.07
C VAL A 164 2.20 29.64 4.90
N ILE A 165 2.49 29.34 6.16
CA ILE A 165 3.26 30.26 6.99
C ILE A 165 4.53 29.55 7.39
N SER A 166 5.66 30.12 6.98
CA SER A 166 6.92 29.41 7.13
C SER A 166 7.99 30.18 7.91
N PRO A 167 9.02 29.44 8.41
CA PRO A 167 10.02 29.92 9.36
C PRO A 167 11.32 30.40 8.72
N TRP A 168 12.17 31.00 9.53
CA TRP A 168 13.37 31.66 9.02
C TRP A 168 14.60 30.79 9.17
N ASN A 169 14.47 29.67 9.89
CA ASN A 169 15.65 28.86 10.20
C ASN A 169 16.14 28.04 8.99
N LEU A 170 15.21 27.62 8.14
CA LEU A 170 15.53 26.90 6.91
C LEU A 170 14.62 27.49 5.83
N PRO A 171 14.96 28.70 5.38
CA PRO A 171 13.95 29.50 4.69
C PRO A 171 13.40 28.82 3.44
N LEU A 172 14.22 28.59 2.42
CA LEU A 172 13.65 28.08 1.19
C LEU A 172 13.33 26.59 1.33
N LEU A 173 14.08 25.88 2.18
CA LEU A 173 13.90 24.45 2.37
C LEU A 173 12.54 24.14 2.99
N LEU A 174 12.18 24.81 4.08
CA LEU A 174 10.90 24.55 4.75
C LEU A 174 9.74 25.20 4.07
N PHE A 175 9.99 26.34 3.42
CA PHE A 175 9.04 27.00 2.56
C PHE A 175 8.59 26.06 1.44
N THR A 176 9.55 25.53 0.69
CA THR A 176 9.24 24.65 -0.43
C THR A 176 8.74 23.28 0.03
N TRP A 177 9.06 22.91 1.26
CA TRP A 177 8.60 21.67 1.80
C TRP A 177 7.09 21.66 1.90
N LYS A 178 6.49 22.86 2.03
CA LYS A 178 5.02 23.02 2.02
C LYS A 178 4.45 23.35 0.65
N VAL A 179 5.13 24.23 -0.08
CA VAL A 179 4.61 24.71 -1.34
C VAL A 179 4.61 23.60 -2.39
N ALA A 180 5.65 22.78 -2.37
CA ALA A 180 5.79 21.71 -3.37
C ALA A 180 4.64 20.68 -3.33
N PRO A 181 4.34 20.12 -2.15
CA PRO A 181 3.25 19.13 -2.08
C PRO A 181 1.91 19.80 -2.32
N ALA A 182 1.76 21.06 -1.92
CA ALA A 182 0.52 21.79 -2.17
C ALA A 182 0.22 21.97 -3.64
N LEU A 183 1.20 22.45 -4.40
CA LEU A 183 1.07 22.47 -5.86
C LEU A 183 0.97 21.09 -6.54
N ALA A 184 1.79 20.14 -6.12
CA ALA A 184 1.73 18.81 -6.69
C ALA A 184 0.33 18.19 -6.58
N CYS A 185 -0.40 18.54 -5.52
CA CYS A 185 -1.76 18.03 -5.33
C CYS A 185 -2.85 18.87 -6.03
N GLY A 186 -2.43 19.86 -6.81
CA GLY A 186 -3.36 20.65 -7.60
C GLY A 186 -3.97 21.87 -6.88
N ASN A 187 -3.52 22.16 -5.67
CA ASN A 187 -3.98 23.31 -4.95
C ASN A 187 -3.41 24.58 -5.53
N THR A 188 -3.92 25.69 -5.01
CA THR A 188 -3.28 27.00 -5.22
C THR A 188 -2.79 27.44 -3.85
N VAL A 189 -1.95 28.46 -3.80
CA VAL A 189 -1.16 28.74 -2.59
C VAL A 189 -1.08 30.25 -2.28
N VAL A 190 -1.23 30.57 -1.00
CA VAL A 190 -0.93 31.87 -0.48
C VAL A 190 0.05 31.64 0.65
N ALA A 191 1.26 32.16 0.48
CA ALA A 191 2.35 31.81 1.35
C ALA A 191 3.02 33.04 1.91
N LYS A 192 3.34 32.98 3.18
CA LYS A 192 3.96 34.08 3.89
C LYS A 192 5.30 33.64 4.46
N PRO A 193 6.40 34.07 3.83
CA PRO A 193 7.70 33.65 4.34
C PRO A 193 8.01 34.46 5.58
N SER A 194 9.03 34.08 6.35
CA SER A 194 9.42 34.83 7.53
C SER A 194 9.93 36.21 7.16
N GLU A 195 9.52 37.20 7.94
CA GLU A 195 10.12 38.53 7.90
C GLU A 195 11.66 38.49 7.94
N GLU A 196 12.24 37.54 8.66
CA GLU A 196 13.68 37.48 8.83
C GLU A 196 14.42 36.94 7.61
N SER A 197 13.68 36.38 6.64
CA SER A 197 14.32 35.69 5.52
C SER A 197 13.44 35.65 4.30
N PRO A 198 13.14 36.83 3.77
CA PRO A 198 12.15 36.90 2.72
C PRO A 198 12.73 36.71 1.34
N SER A 199 14.05 36.71 1.19
CA SER A 199 14.62 36.83 -0.13
C SER A 199 14.46 35.57 -1.02
N SER A 200 14.74 34.39 -0.48
CA SER A 200 14.78 33.21 -1.33
C SER A 200 13.36 32.99 -1.85
N ALA A 201 12.39 33.35 -1.03
CA ALA A 201 11.02 33.16 -1.46
C ALA A 201 10.63 34.11 -2.58
N THR A 202 11.10 35.35 -2.53
CA THR A 202 10.72 36.32 -3.55
C THR A 202 11.30 35.88 -4.90
N LEU A 203 12.54 35.41 -4.87
CA LEU A 203 13.19 34.83 -6.05
C LEU A 203 12.39 33.61 -6.57
N LEU A 204 11.96 32.73 -5.67
CA LEU A 204 11.10 31.61 -6.06
C LEU A 204 9.87 32.12 -6.82
N ALA A 205 9.27 33.20 -6.33
CA ALA A 205 8.15 33.80 -7.07
C ALA A 205 8.54 34.17 -8.51
N GLU A 206 9.77 34.66 -8.68
CA GLU A 206 10.26 35.00 -10.01
C GLU A 206 10.34 33.77 -10.87
N VAL A 207 10.89 32.69 -10.31
CA VAL A 207 11.05 31.47 -11.07
C VAL A 207 9.68 30.96 -11.57
N MET A 208 8.67 31.07 -10.72
CA MET A 208 7.32 30.64 -11.06
C MET A 208 6.76 31.50 -12.18
N HIS A 209 7.02 32.79 -12.12
CA HIS A 209 6.50 33.68 -13.13
C HIS A 209 7.12 33.35 -14.47
N ASP A 210 8.43 33.16 -14.45
CA ASP A 210 9.18 32.90 -15.65
C ASP A 210 8.79 31.54 -16.24
N ALA A 211 8.40 30.59 -15.39
CA ALA A 211 8.03 29.24 -15.86
C ALA A 211 6.58 29.18 -16.32
N GLY A 212 5.88 30.30 -16.26
CA GLY A 212 4.53 30.35 -16.77
C GLY A 212 3.48 29.79 -15.81
N VAL A 213 3.76 29.77 -14.52
CA VAL A 213 2.72 29.39 -13.57
C VAL A 213 1.54 30.33 -13.66
N PRO A 214 0.37 29.80 -14.00
CA PRO A 214 -0.79 30.67 -14.17
C PRO A 214 -1.00 31.58 -12.98
N PRO A 215 -1.50 32.80 -13.23
CA PRO A 215 -1.73 33.83 -12.22
C PRO A 215 -2.71 33.35 -11.13
N GLY A 216 -2.34 33.58 -9.88
CA GLY A 216 -3.16 33.18 -8.77
C GLY A 216 -2.79 31.83 -8.19
N VAL A 217 -2.00 31.04 -8.92
CA VAL A 217 -1.71 29.67 -8.45
C VAL A 217 -0.78 29.76 -7.26
N PHE A 218 0.29 30.53 -7.41
CA PHE A 218 1.23 30.82 -6.31
C PHE A 218 1.22 32.31 -5.95
N ASN A 219 0.87 32.62 -4.71
CA ASN A 219 0.93 34.00 -4.24
C ASN A 219 1.87 34.20 -3.03
N LEU A 220 2.71 35.23 -3.10
CA LEU A 220 3.65 35.52 -2.04
C LEU A 220 3.25 36.81 -1.30
N ILE A 221 3.02 36.71 0.00
CA ILE A 221 2.72 37.88 0.84
C ILE A 221 3.77 38.02 1.96
N HIS A 222 4.32 39.23 2.10
CA HIS A 222 5.28 39.53 3.16
C HIS A 222 4.63 40.19 4.37
N GLY A 223 5.27 40.00 5.53
CA GLY A 223 4.83 40.64 6.75
C GLY A 223 5.17 39.86 8.00
N PHE A 224 4.37 40.08 9.04
CA PHE A 224 4.63 39.50 10.34
C PHE A 224 3.44 38.63 10.74
N GLY A 225 3.27 38.40 12.03
CA GLY A 225 2.16 37.58 12.50
C GLY A 225 0.96 38.41 12.88
N LYS A 226 0.85 38.72 14.16
CA LYS A 226 -0.27 39.49 14.71
C LYS A 226 -0.49 40.83 14.02
N ASP A 227 -1.72 41.02 13.55
CA ASP A 227 -2.12 42.29 12.97
C ASP A 227 -1.27 42.54 11.72
N SER A 228 -0.77 41.44 11.14
CA SER A 228 -0.10 41.52 9.85
C SER A 228 -0.49 40.31 9.00
N ALA A 229 0.03 40.28 7.78
CA ALA A 229 -0.27 39.25 6.77
C ALA A 229 -0.49 37.81 7.30
N GLY A 230 0.30 37.40 8.29
CA GLY A 230 0.23 36.04 8.79
C GLY A 230 -1.14 35.80 9.40
N GLU A 231 -1.49 36.68 10.34
CA GLU A 231 -2.80 36.62 10.99
C GLU A 231 -3.92 36.72 9.94
N PHE A 232 -3.85 37.69 9.05
CA PHE A 232 -4.91 37.88 8.08
C PHE A 232 -5.13 36.58 7.31
N LEU A 233 -4.05 35.98 6.83
CA LEU A 233 -4.13 34.69 6.12
C LEU A 233 -4.91 33.68 6.98
N THR A 234 -4.47 33.46 8.22
CA THR A 234 -5.10 32.46 9.07
C THR A 234 -6.60 32.72 9.33
N GLN A 235 -7.02 33.99 9.26
CA GLN A 235 -8.41 34.33 9.52
C GLN A 235 -9.30 34.25 8.29
N HIS A 236 -8.70 34.23 7.11
CA HIS A 236 -9.47 34.41 5.88
C HIS A 236 -10.30 33.14 5.59
N PRO A 237 -11.64 33.29 5.45
CA PRO A 237 -12.58 32.17 5.24
C PRO A 237 -12.36 31.41 3.93
N GLY A 238 -11.74 32.09 2.97
CA GLY A 238 -11.38 31.52 1.68
C GLY A 238 -10.32 30.43 1.63
N ILE A 239 -9.51 30.25 2.67
CA ILE A 239 -8.56 29.14 2.61
C ILE A 239 -9.20 27.80 3.01
N SER A 240 -8.55 26.71 2.59
CA SER A 240 -9.03 25.38 2.96
C SER A 240 -8.14 24.76 4.04
N ALA A 241 -6.88 25.20 4.13
CA ALA A 241 -5.98 24.65 5.11
C ALA A 241 -4.89 25.66 5.47
N LEU A 242 -4.26 25.39 6.59
CA LEU A 242 -3.21 26.21 7.12
C LEU A 242 -2.12 25.28 7.54
N THR A 243 -1.01 25.31 6.81
CA THR A 243 0.13 24.53 7.23
C THR A 243 1.20 25.51 7.71
N PHE A 244 1.75 25.17 8.86
CA PHE A 244 2.64 26.04 9.58
C PHE A 244 3.78 25.24 10.18
N THR A 245 4.96 25.84 10.17
CA THR A 245 6.09 25.30 10.89
C THR A 245 6.64 26.44 11.74
N GLY A 246 7.05 26.13 12.99
CA GLY A 246 7.53 27.14 13.92
C GLY A 246 7.28 26.86 15.40
N GLU A 247 7.17 27.93 16.16
CA GLU A 247 6.97 27.87 17.61
C GLU A 247 5.61 27.28 18.01
N SER A 248 5.61 26.46 19.05
CA SER A 248 4.40 25.82 19.52
C SER A 248 3.24 26.77 19.85
N LYS A 249 3.53 27.80 20.64
CA LYS A 249 2.49 28.74 21.03
C LYS A 249 1.81 29.37 19.80
N THR A 250 2.58 29.60 18.75
CA THR A 250 2.04 30.14 17.51
C THR A 250 1.13 29.09 16.84
N GLY A 251 1.59 27.84 16.81
CA GLY A 251 0.73 26.72 16.44
C GLY A 251 -0.62 26.76 17.15
N SER A 252 -0.62 26.95 18.47
CA SER A 252 -1.86 26.99 19.26
C SER A 252 -2.76 28.13 18.84
N THR A 253 -2.13 29.28 18.63
CA THR A 253 -2.81 30.49 18.22
C THR A 253 -3.50 30.32 16.85
N ILE A 254 -2.78 29.74 15.88
CA ILE A 254 -3.31 29.43 14.55
C ILE A 254 -4.46 28.42 14.63
N MET A 255 -4.30 27.41 15.48
CA MET A 255 -5.35 26.40 15.61
C MET A 255 -6.66 27.04 16.12
N LYS A 256 -6.55 28.04 17.00
CA LYS A 256 -7.75 28.73 17.52
C LYS A 256 -8.41 29.57 16.45
N ALA A 257 -7.55 30.20 15.63
CA ALA A 257 -7.96 31.15 14.60
C ALA A 257 -8.67 30.49 13.42
N VAL A 258 -8.42 29.20 13.17
CA VAL A 258 -9.04 28.52 12.04
C VAL A 258 -10.22 27.67 12.51
N ALA A 259 -10.42 27.62 13.82
CA ALA A 259 -11.38 26.71 14.43
C ALA A 259 -12.81 26.93 13.91
N ASP A 260 -13.27 28.18 13.89
CA ASP A 260 -14.59 28.51 13.33
C ASP A 260 -14.81 27.96 11.91
N GLY A 261 -13.80 28.05 11.04
CA GLY A 261 -13.89 27.50 9.69
C GLY A 261 -13.60 26.01 9.57
N VAL A 262 -13.30 25.36 10.70
CA VAL A 262 -12.83 23.97 10.75
C VAL A 262 -11.79 23.62 9.67
N LYS A 263 -10.83 24.52 9.45
CA LYS A 263 -9.83 24.34 8.39
C LYS A 263 -8.89 23.19 8.75
N GLU A 264 -8.43 22.47 7.73
CA GLU A 264 -7.43 21.43 7.98
C GLU A 264 -6.13 22.10 8.44
N VAL A 265 -5.43 21.47 9.38
CA VAL A 265 -4.23 22.03 9.92
C VAL A 265 -3.13 20.96 10.00
N SER A 266 -1.90 21.38 9.70
CA SER A 266 -0.72 20.52 9.80
C SER A 266 0.40 21.33 10.46
N PHE A 267 0.91 20.86 11.61
CA PHE A 267 1.85 21.63 12.43
C PHE A 267 3.13 20.86 12.74
N GLU A 268 4.26 21.49 12.44
CA GLU A 268 5.56 20.98 12.81
C GLU A 268 6.12 22.06 13.76
N LEU A 269 6.16 21.73 15.05
CA LEU A 269 6.39 22.79 16.02
C LEU A 269 7.78 22.63 16.64
N GLY A 270 7.98 23.01 17.89
CA GLY A 270 9.33 22.95 18.39
C GLY A 270 9.72 21.61 19.00
N GLY A 271 10.79 21.66 19.77
CA GLY A 271 11.15 20.56 20.60
C GLY A 271 12.28 20.96 21.52
N LYS A 272 12.54 20.07 22.44
CA LYS A 272 13.74 20.15 23.24
C LYS A 272 14.36 18.79 23.00
N ASN A 273 15.01 18.63 21.84
CA ASN A 273 15.47 17.31 21.42
C ASN A 273 16.72 16.85 22.15
N ALA A 274 16.75 15.56 22.45
CA ALA A 274 17.84 14.93 23.15
C ALA A 274 18.74 14.09 22.21
N ALA A 275 19.95 13.85 22.68
CA ALA A 275 20.84 12.90 22.06
C ALA A 275 21.23 11.98 23.19
N VAL A 276 21.29 10.69 22.92
CA VAL A 276 21.64 9.71 23.92
C VAL A 276 22.87 8.98 23.42
N VAL A 277 23.94 8.98 24.22
CA VAL A 277 25.17 8.23 23.88
C VAL A 277 25.36 7.09 24.85
N PHE A 278 25.23 5.87 24.36
CA PHE A 278 25.35 4.70 25.21
C PHE A 278 26.80 4.28 25.31
N ALA A 279 27.10 3.41 26.28
CA ALA A 279 28.49 3.08 26.57
C ALA A 279 29.14 2.39 25.39
N ASP A 280 28.37 1.57 24.66
CA ASP A 280 28.95 0.91 23.50
C ASP A 280 28.92 1.77 22.23
N ALA A 281 28.77 3.09 22.36
CA ALA A 281 28.84 3.94 21.16
C ALA A 281 30.24 3.98 20.55
N ASP A 282 30.30 4.23 19.25
CA ASP A 282 31.57 4.64 18.66
C ASP A 282 31.79 6.07 19.13
N LEU A 283 32.74 6.25 20.05
CA LEU A 283 32.84 7.49 20.84
C LEU A 283 33.22 8.73 20.01
N ASP A 284 34.22 8.59 19.16
CA ASP A 284 34.59 9.69 18.25
C ASP A 284 33.44 10.05 17.34
N ALA A 285 32.76 9.03 16.81
CA ALA A 285 31.59 9.28 15.94
C ALA A 285 30.50 10.01 16.72
N ALA A 286 30.22 9.57 17.93
CA ALA A 286 29.16 10.20 18.71
C ALA A 286 29.53 11.65 19.01
N ILE A 287 30.81 11.94 19.26
CA ILE A 287 31.23 13.32 19.54
C ILE A 287 31.03 14.21 18.34
N GLU A 288 31.50 13.74 17.21
CA GLU A 288 31.23 14.42 15.96
C GLU A 288 29.73 14.63 15.69
N GLY A 289 28.92 13.60 15.95
CA GLY A 289 27.49 13.69 15.62
C GLY A 289 26.78 14.68 16.54
N VAL A 290 27.14 14.66 17.83
CA VAL A 290 26.51 15.59 18.78
C VAL A 290 26.93 17.02 18.55
N LEU A 291 28.18 17.22 18.18
CA LEU A 291 28.68 18.50 17.73
C LEU A 291 27.82 19.02 16.56
N ARG A 292 27.58 18.15 15.60
CA ARG A 292 26.74 18.54 14.48
C ARG A 292 25.28 18.79 14.93
N SER A 293 24.72 17.91 15.75
CA SER A 293 23.31 18.09 16.13
C SER A 293 23.10 19.21 17.14
N SER A 294 24.17 19.76 17.70
CA SER A 294 24.01 20.85 18.67
C SER A 294 24.29 22.20 18.03
N PHE A 295 25.20 22.24 17.06
CA PHE A 295 25.68 23.52 16.59
C PHE A 295 25.43 23.82 15.10
N THR A 296 24.94 22.83 14.34
CA THR A 296 24.58 23.05 12.93
C THR A 296 23.54 24.15 12.79
N ASN A 297 23.73 25.00 11.78
CA ASN A 297 22.96 26.20 11.59
C ASN A 297 22.94 27.08 12.83
N SER A 298 23.96 26.94 13.67
CA SER A 298 24.05 27.71 14.92
C SER A 298 22.93 27.31 15.89
N GLY A 299 22.64 26.00 15.89
CA GLY A 299 21.69 25.41 16.80
C GLY A 299 20.29 25.90 16.56
N GLN A 300 20.04 26.44 15.37
CA GLN A 300 18.71 26.93 15.00
C GLN A 300 18.05 25.99 14.00
N VAL A 301 18.04 24.71 14.28
CA VAL A 301 17.17 23.83 13.51
C VAL A 301 16.19 23.24 14.50
N CYS A 302 14.94 23.11 14.07
CA CYS A 302 13.89 22.48 14.87
C CYS A 302 14.43 21.21 15.50
N LEU A 303 15.27 20.51 14.74
CA LEU A 303 15.79 19.20 15.12
C LEU A 303 17.07 19.17 15.97
N CYS A 304 17.71 20.31 16.23
CA CYS A 304 18.96 20.28 17.02
C CYS A 304 18.77 19.68 18.39
N SER A 305 19.86 19.11 18.92
CA SER A 305 19.86 18.52 20.23
C SER A 305 20.34 19.53 21.27
N GLU A 306 19.45 19.96 22.16
CA GLU A 306 19.85 20.83 23.24
C GLU A 306 20.01 20.09 24.53
N ARG A 307 19.60 18.83 24.61
CA ARG A 307 19.85 18.01 25.81
C ARG A 307 20.65 16.79 25.39
N VAL A 308 21.58 16.36 26.22
CA VAL A 308 22.43 15.23 25.89
C VAL A 308 22.65 14.34 27.10
N TYR A 309 22.57 13.04 26.89
CA TYR A 309 22.67 12.12 27.99
C TYR A 309 23.74 11.15 27.60
N VAL A 310 24.72 10.97 28.48
CA VAL A 310 25.85 10.12 28.20
C VAL A 310 26.05 9.18 29.34
N HIS A 311 26.26 7.91 29.01
CA HIS A 311 26.39 6.93 30.04
C HIS A 311 27.54 7.32 30.95
N ARG A 312 27.42 6.97 32.23
CA ARG A 312 28.35 7.43 33.27
C ARG A 312 29.78 7.04 32.94
N SER A 313 29.97 5.78 32.57
CA SER A 313 31.30 5.23 32.30
C SER A 313 32.09 6.00 31.23
N ILE A 314 31.42 6.78 30.38
CA ILE A 314 32.14 7.52 29.34
C ILE A 314 31.85 9.00 29.39
N PHE A 315 31.12 9.44 30.41
CA PHE A 315 30.68 10.82 30.47
C PHE A 315 31.78 11.86 30.43
N ASP A 316 32.78 11.71 31.29
CA ASP A 316 33.85 12.69 31.36
C ASP A 316 34.63 12.71 30.08
N GLU A 317 34.99 11.53 29.58
CA GLU A 317 35.73 11.48 28.34
C GLU A 317 34.92 12.11 27.19
N PHE A 318 33.57 12.03 27.24
CA PHE A 318 32.72 12.58 26.15
C PHE A 318 32.72 14.09 26.22
N VAL A 319 32.52 14.62 27.42
CA VAL A 319 32.50 16.07 27.62
C VAL A 319 33.85 16.72 27.26
N SER A 320 34.94 16.05 27.63
CA SER A 320 36.27 16.58 27.30
C SER A 320 36.45 16.66 25.81
N GLY A 321 36.12 15.56 25.14
CA GLY A 321 36.22 15.48 23.70
C GLY A 321 35.33 16.48 22.99
N LEU A 322 34.10 16.69 23.48
CA LEU A 322 33.20 17.63 22.78
C LEU A 322 33.69 19.05 22.99
N LYS A 323 34.25 19.33 24.17
CA LYS A 323 34.84 20.65 24.45
C LYS A 323 35.90 21.01 23.43
N VAL A 324 36.86 20.10 23.25
CA VAL A 324 37.91 20.28 22.25
C VAL A 324 37.33 20.56 20.87
N GLU A 325 36.45 19.68 20.40
CA GLU A 325 35.91 19.82 19.04
C GLU A 325 35.09 21.10 18.88
N ALA A 326 34.38 21.53 19.91
CA ALA A 326 33.56 22.75 19.81
C ALA A 326 34.42 23.99 19.74
N GLU A 327 35.59 23.91 20.37
CA GLU A 327 36.52 25.04 20.38
C GLU A 327 37.37 25.15 19.08
N ARG A 328 37.46 24.06 18.32
CA ARG A 328 38.01 24.10 16.96
C ARG A 328 37.01 24.63 15.92
N LEU A 329 35.76 24.85 16.32
CA LEU A 329 34.78 25.33 15.36
C LEU A 329 35.12 26.74 14.97
N VAL A 330 35.13 26.99 13.66
CA VAL A 330 35.33 28.31 13.12
C VAL A 330 34.01 29.08 13.06
N VAL A 331 33.98 30.20 13.77
CA VAL A 331 32.83 31.08 13.81
C VAL A 331 33.16 32.33 12.99
N GLY A 332 32.37 32.65 11.98
CA GLY A 332 32.69 33.81 11.18
C GLY A 332 31.88 33.99 9.95
N TYR A 333 32.51 34.46 8.88
CA TYR A 333 31.78 34.83 7.67
C TYR A 333 31.23 33.60 6.93
N PRO A 334 30.10 33.76 6.26
CA PRO A 334 29.50 32.70 5.43
C PRO A 334 30.44 32.09 4.38
N ASP A 335 31.30 32.89 3.77
CA ASP A 335 32.22 32.36 2.77
C ASP A 335 33.69 32.29 3.23
N GLN A 336 33.89 32.35 4.54
CA GLN A 336 35.21 32.19 5.16
C GLN A 336 35.65 30.72 5.08
N ASP A 337 36.95 30.50 4.92
CA ASP A 337 37.55 29.19 4.60
C ASP A 337 36.72 27.94 5.02
N GLY A 338 37.05 27.37 6.18
CA GLY A 338 36.27 26.32 6.79
C GLY A 338 35.41 26.87 7.91
N VAL A 339 34.59 27.87 7.60
CA VAL A 339 33.63 28.36 8.57
C VAL A 339 32.65 27.25 8.95
N ASN A 340 32.39 27.12 10.24
CA ASN A 340 31.44 26.13 10.73
C ASN A 340 30.12 26.79 11.13
N MET A 341 30.19 27.97 11.72
CA MET A 341 29.01 28.69 12.18
C MET A 341 29.02 30.13 11.74
N GLY A 342 27.89 30.59 11.22
CA GLY A 342 27.58 32.01 11.07
C GLY A 342 26.96 32.57 12.35
N PRO A 343 26.30 33.74 12.24
CA PRO A 343 25.65 34.40 13.38
C PRO A 343 24.32 33.75 13.66
N LEU A 344 23.56 34.29 14.62
CA LEU A 344 22.18 33.90 14.78
C LEU A 344 21.37 34.73 13.78
N ILE A 345 20.10 34.36 13.53
CA ILE A 345 19.26 35.04 12.51
C ILE A 345 19.13 36.57 12.68
N SER A 346 19.25 37.05 13.92
CA SER A 346 18.94 38.45 14.24
C SER A 346 19.45 38.86 15.64
N HIS A 347 19.58 40.17 15.84
CA HIS A 347 19.95 40.75 17.15
C HIS A 347 18.91 40.43 18.24
N GLY A 348 17.64 40.61 17.90
CA GLY A 348 16.52 40.21 18.74
C GLY A 348 16.59 38.73 19.13
N HIS A 349 16.96 37.86 18.20
CA HIS A 349 17.05 36.44 18.57
C HIS A 349 18.25 36.24 19.49
N ARG A 350 19.34 36.95 19.21
CA ARG A 350 20.51 36.81 20.08
C ARG A 350 20.20 37.29 21.50
N ASP A 351 19.40 38.34 21.63
CA ASP A 351 19.00 38.79 22.96
C ASP A 351 18.37 37.62 23.73
N LYS A 352 17.41 36.95 23.10
CA LYS A 352 16.70 35.85 23.74
C LYS A 352 17.70 34.74 24.11
N VAL A 353 18.59 34.40 23.18
CA VAL A 353 19.59 33.35 23.44
C VAL A 353 20.57 33.68 24.58
N LEU A 354 21.06 34.91 24.62
CA LEU A 354 21.98 35.31 25.70
C LEU A 354 21.27 35.32 27.10
N SER A 355 20.03 35.82 27.11
CA SER A 355 19.17 35.80 28.29
C SER A 355 19.20 34.38 28.83
N TYR A 356 19.07 33.40 27.93
CA TYR A 356 19.22 32.02 28.35
C TYR A 356 20.63 31.67 28.82
N TYR A 357 21.66 32.29 28.24
CA TYR A 357 23.03 31.98 28.66
C TYR A 357 23.24 32.37 30.12
N ARG A 358 22.70 33.53 30.50
CA ARG A 358 22.74 34.01 31.89
C ARG A 358 21.87 33.11 32.78
N LEU A 359 20.67 32.77 32.30
CA LEU A 359 19.80 31.94 33.10
C LEU A 359 20.51 30.65 33.50
N ALA A 360 21.36 30.13 32.62
CA ALA A 360 21.99 28.84 32.88
C ALA A 360 23.01 28.97 34.02
N VAL A 361 23.73 30.07 34.01
CA VAL A 361 24.66 30.37 35.08
C VAL A 361 23.89 30.52 36.39
N ASP A 362 22.87 31.39 36.38
CA ASP A 362 21.95 31.59 37.51
C ASP A 362 21.39 30.28 38.09
N GLU A 363 21.10 29.31 37.23
CA GLU A 363 20.60 28.02 37.68
C GLU A 363 21.70 27.06 38.17
N GLY A 364 22.96 27.51 38.15
CA GLY A 364 24.06 26.72 38.70
C GLY A 364 24.81 25.82 37.72
N ALA A 365 24.80 26.18 36.44
CA ALA A 365 25.48 25.39 35.44
C ALA A 365 26.97 25.67 35.43
N THR A 366 27.75 24.61 35.28
CA THR A 366 29.15 24.74 34.86
C THR A 366 29.22 25.04 33.35
N VAL A 367 29.87 26.12 32.98
CA VAL A 367 30.05 26.44 31.56
C VAL A 367 31.31 25.77 31.05
N VAL A 368 31.15 24.66 30.32
CA VAL A 368 32.32 23.92 29.83
C VAL A 368 33.06 24.71 28.73
N THR A 369 32.32 25.48 27.95
CA THR A 369 32.91 26.29 26.90
C THR A 369 31.83 27.21 26.39
N GLY A 370 32.24 28.28 25.73
CA GLY A 370 31.32 29.26 25.25
C GLY A 370 30.71 30.06 26.37
N GLY A 371 29.40 30.32 26.24
CA GLY A 371 28.68 31.11 27.23
C GLY A 371 28.60 32.58 26.89
N GLY A 372 29.24 33.01 25.80
CA GLY A 372 29.26 34.43 25.46
C GLY A 372 29.15 34.73 23.98
N VAL A 373 29.64 35.91 23.60
CA VAL A 373 29.80 36.24 22.18
C VAL A 373 31.29 36.44 21.86
N PRO A 374 31.74 35.97 20.68
CA PRO A 374 33.16 36.11 20.36
C PRO A 374 33.51 37.55 20.07
N LYS A 375 34.81 37.88 20.19
CA LYS A 375 35.30 39.23 19.90
C LYS A 375 36.04 39.24 18.57
N PHE A 376 35.47 39.91 17.56
CA PHE A 376 36.00 39.86 16.19
C PHE A 376 37.00 40.96 15.87
N ASN A 377 36.76 42.13 16.45
CA ASN A 377 37.53 43.32 16.12
C ASN A 377 37.44 43.63 14.64
N ASP A 378 36.24 43.45 14.09
CA ASP A 378 35.92 43.93 12.76
C ASP A 378 34.41 44.07 12.68
N GLU A 379 33.88 44.27 11.49
CA GLU A 379 32.45 44.47 11.31
C GLU A 379 31.56 43.35 11.88
N ARG A 380 32.09 42.15 12.06
CA ARG A 380 31.29 41.08 12.63
C ARG A 380 30.85 41.39 14.06
N ASP A 381 31.53 42.31 14.73
CA ASP A 381 31.10 42.70 16.08
C ASP A 381 29.75 43.43 16.02
N GLN A 382 29.34 43.89 14.84
CA GLN A 382 28.01 44.52 14.67
C GLN A 382 26.92 43.48 14.31
N GLY A 383 27.33 42.23 14.17
CA GLY A 383 26.39 41.18 13.85
C GLY A 383 25.82 40.52 15.09
N ALA A 384 25.15 39.39 14.85
CA ALA A 384 24.42 38.71 15.89
C ALA A 384 25.01 37.35 16.21
N TYR A 385 26.33 37.31 16.44
CA TYR A 385 27.04 36.08 16.78
C TYR A 385 27.00 35.71 18.25
N VAL A 386 27.04 34.41 18.52
CA VAL A 386 27.30 33.90 19.84
C VAL A 386 28.20 32.70 19.69
N GLN A 387 28.76 32.27 20.81
CA GLN A 387 29.69 31.19 20.84
C GLN A 387 28.92 29.89 21.05
N PRO A 388 29.41 28.82 20.41
CA PRO A 388 28.95 27.47 20.70
C PRO A 388 29.18 27.20 22.16
N THR A 389 28.14 26.72 22.84
CA THR A 389 28.18 26.63 24.29
C THR A 389 27.79 25.23 24.80
N ILE A 390 28.45 24.78 25.87
CA ILE A 390 28.15 23.48 26.49
C ILE A 390 27.96 23.64 28.01
N TRP A 391 26.92 23.04 28.57
CA TRP A 391 26.64 23.12 30.01
C TRP A 391 26.66 21.74 30.66
N THR A 392 27.09 21.66 31.92
CA THR A 392 26.90 20.45 32.75
C THR A 392 26.41 20.81 34.18
N GLY A 393 26.01 19.83 34.97
CA GLY A 393 25.58 20.05 36.35
C GLY A 393 24.16 20.53 36.64
N LEU A 394 23.38 20.91 35.61
CA LEU A 394 21.94 21.19 35.77
C LEU A 394 21.07 19.94 35.95
N SER A 395 19.99 20.10 36.75
CA SER A 395 19.03 19.01 36.97
C SER A 395 18.04 18.95 35.82
N ASP A 396 17.36 17.81 35.69
CA ASP A 396 16.37 17.61 34.63
C ASP A 396 15.23 18.63 34.64
N LYS A 397 15.09 19.39 35.72
CA LYS A 397 13.96 20.30 35.87
C LYS A 397 14.35 21.74 35.60
N ALA A 398 15.64 21.96 35.43
CA ALA A 398 16.13 23.29 35.19
C ALA A 398 15.46 23.81 33.93
N ARG A 399 15.22 25.11 33.89
CA ARG A 399 14.55 25.72 32.75
C ARG A 399 15.36 25.57 31.48
N CYS A 400 16.68 25.66 31.61
CA CYS A 400 17.54 25.63 30.43
C CYS A 400 17.63 24.21 29.87
N VAL A 401 17.19 23.22 30.65
CA VAL A 401 17.19 21.85 30.19
C VAL A 401 15.80 21.52 29.61
N THR A 402 14.81 22.37 29.84
CA THR A 402 13.42 22.03 29.49
C THR A 402 12.77 22.94 28.45
N GLU A 403 13.30 24.15 28.31
CA GLU A 403 12.74 25.12 27.38
C GLU A 403 13.60 25.20 26.11
N GLU A 404 12.94 25.33 24.97
CA GLU A 404 13.63 25.49 23.69
C GLU A 404 14.33 26.84 23.64
N ILE A 405 15.65 26.80 23.47
CA ILE A 405 16.49 28.01 23.40
C ILE A 405 16.76 28.41 21.96
N PHE A 406 16.94 27.42 21.09
CA PHE A 406 17.10 27.69 19.66
C PHE A 406 18.38 28.46 19.34
N GLY A 407 19.49 28.04 19.96
CA GLY A 407 20.79 28.58 19.65
C GLY A 407 21.79 27.44 19.72
N PRO A 408 23.10 27.75 19.65
CA PRO A 408 24.12 26.69 19.59
C PRO A 408 24.61 26.22 20.97
N VAL A 409 23.74 25.51 21.67
CA VAL A 409 24.09 25.09 22.99
C VAL A 409 23.53 23.73 23.29
N CYS A 410 24.20 23.00 24.15
CA CYS A 410 23.63 21.80 24.67
C CYS A 410 24.07 21.58 26.09
N HIS A 411 23.20 20.93 26.85
CA HIS A 411 23.53 20.53 28.19
C HIS A 411 23.73 19.04 28.20
N ILE A 412 24.70 18.58 28.96
CA ILE A 412 25.04 17.18 29.03
C ILE A 412 24.89 16.69 30.46
N SER A 413 24.27 15.51 30.60
CA SER A 413 23.97 14.92 31.87
C SER A 413 24.34 13.45 31.81
N PRO A 414 24.81 12.88 32.92
CA PRO A 414 25.07 11.44 32.92
C PRO A 414 23.83 10.57 33.16
N PHE A 415 23.87 9.32 32.73
CA PHE A 415 22.82 8.37 33.12
C PHE A 415 23.44 7.04 33.35
N ASP A 416 22.69 6.18 34.02
CA ASP A 416 23.20 4.84 34.31
C ASP A 416 22.48 3.74 33.58
N ASP A 417 21.15 3.83 33.57
CA ASP A 417 20.30 2.75 33.10
C ASP A 417 19.58 3.08 31.78
N GLU A 418 19.29 2.07 30.98
CA GLU A 418 18.57 2.27 29.70
C GLU A 418 17.12 2.75 29.95
N ASP A 419 16.36 2.01 30.78
CA ASP A 419 15.01 2.41 31.13
C ASP A 419 15.02 3.81 31.72
N GLU A 420 15.94 4.07 32.66
CA GLU A 420 16.10 5.44 33.18
C GLU A 420 16.20 6.50 32.08
N VAL A 421 17.14 6.34 31.14
CA VAL A 421 17.34 7.44 30.19
C VAL A 421 16.16 7.52 29.22
N ILE A 422 15.51 6.39 28.92
CA ILE A 422 14.28 6.47 28.11
C ILE A 422 13.26 7.36 28.80
N ASN A 423 13.04 7.14 30.11
CA ASN A 423 12.09 7.98 30.85
C ASN A 423 12.52 9.44 30.86
N ARG A 424 13.82 9.67 31.01
CA ARG A 424 14.32 11.06 31.07
C ARG A 424 14.17 11.81 29.74
N VAL A 425 14.49 11.16 28.63
CA VAL A 425 14.20 11.74 27.30
C VAL A 425 12.70 11.98 27.11
N ASN A 426 11.88 10.98 27.48
CA ASN A 426 10.43 11.11 27.31
C ASN A 426 9.74 12.08 28.23
N ASP A 427 10.42 12.47 29.33
CA ASP A 427 9.80 13.36 30.31
C ASP A 427 9.94 14.81 29.84
N SER A 428 9.10 15.13 28.86
CA SER A 428 9.11 16.40 28.19
C SER A 428 7.71 16.65 27.62
N ASN A 429 7.36 17.92 27.46
CA ASN A 429 6.12 18.29 26.81
C ASN A 429 6.28 18.39 25.27
N TYR A 430 7.52 18.21 24.80
CA TYR A 430 7.82 18.18 23.38
C TYR A 430 8.13 16.76 22.98
N GLY A 431 8.22 16.52 21.66
CA GLY A 431 8.63 15.23 21.15
C GLY A 431 8.79 15.26 19.65
N LEU A 432 9.75 16.05 19.16
CA LEU A 432 10.05 16.06 17.76
C LEU A 432 11.03 14.94 17.44
N ALA A 433 12.26 15.07 17.93
CA ALA A 433 13.32 14.21 17.43
C ALA A 433 14.24 13.73 18.53
N CYS A 434 14.98 12.68 18.22
CA CYS A 434 15.98 12.15 19.12
C CYS A 434 17.01 11.39 18.29
N ALA A 435 18.26 11.55 18.70
CA ALA A 435 19.39 10.81 18.15
C ALA A 435 19.96 9.92 19.22
N ILE A 436 20.28 8.70 18.85
CA ILE A 436 20.83 7.73 19.74
C ILE A 436 22.14 7.17 19.17
N TRP A 437 23.16 6.99 20.01
CA TRP A 437 24.44 6.40 19.57
C TRP A 437 24.71 5.07 20.29
N THR A 438 24.85 4.02 19.49
CA THR A 438 25.14 2.71 20.03
C THR A 438 25.52 1.83 18.86
N THR A 439 26.37 0.86 19.10
CA THR A 439 26.80 -0.02 18.05
C THR A 439 26.05 -1.31 18.25
N ASN A 440 25.15 -1.35 19.23
CA ASN A 440 24.50 -2.62 19.54
C ASN A 440 23.20 -2.78 18.72
N LEU A 441 23.07 -3.89 17.99
CA LEU A 441 21.87 -4.18 17.15
C LEU A 441 20.55 -4.17 17.94
N SER A 442 20.43 -5.05 18.92
CA SER A 442 19.24 -5.08 19.79
C SER A 442 18.92 -3.69 20.35
N ARG A 443 19.92 -3.02 20.90
CA ARG A 443 19.65 -1.76 21.59
C ARG A 443 19.13 -0.67 20.64
N ALA A 444 19.66 -0.61 19.42
CA ALA A 444 19.18 0.40 18.49
C ALA A 444 17.65 0.24 18.27
N HIS A 445 17.18 -0.98 18.04
CA HIS A 445 15.77 -1.17 17.77
C HIS A 445 14.93 -1.15 19.04
N ARG A 446 15.43 -1.73 20.14
CA ARG A 446 14.69 -1.73 21.39
C ARG A 446 14.47 -0.32 21.90
N VAL A 447 15.52 0.50 21.88
CA VAL A 447 15.43 1.85 22.45
C VAL A 447 14.70 2.83 21.56
N SER A 448 15.01 2.78 20.26
CA SER A 448 14.36 3.68 19.30
C SER A 448 12.82 3.66 19.36
N ARG A 449 12.22 2.48 19.40
CA ARG A 449 10.76 2.36 19.41
C ARG A 449 10.11 2.84 20.71
N GLN A 450 10.90 3.01 21.77
CA GLN A 450 10.35 3.49 23.05
C GLN A 450 10.47 4.99 23.22
N ILE A 451 11.08 5.67 22.28
CA ILE A 451 11.26 7.11 22.42
C ILE A 451 10.06 7.86 21.89
N HIS A 452 9.42 8.62 22.79
CA HIS A 452 8.18 9.31 22.44
C HIS A 452 8.40 10.57 21.54
N VAL A 453 8.81 10.35 20.28
CA VAL A 453 8.98 11.45 19.34
C VAL A 453 8.57 10.98 17.95
N GLY A 454 8.57 11.89 17.00
CA GLY A 454 8.22 11.52 15.63
C GLY A 454 9.35 10.94 14.83
N LEU A 455 10.59 11.33 15.18
CA LEU A 455 11.78 11.02 14.40
C LEU A 455 12.93 10.61 15.29
N VAL A 456 13.42 9.40 15.11
CA VAL A 456 14.64 8.95 15.77
C VAL A 456 15.74 8.68 14.73
N TRP A 457 16.97 9.14 15.00
CA TRP A 457 18.15 8.75 14.24
C TRP A 457 19.09 7.87 15.11
N VAL A 458 19.64 6.83 14.52
CA VAL A 458 20.63 6.02 15.18
C VAL A 458 21.98 6.18 14.45
N ASN A 459 22.96 6.68 15.19
CA ASN A 459 24.33 6.85 14.69
C ASN A 459 24.40 7.86 13.55
N THR A 460 23.57 8.90 13.62
CA THR A 460 23.58 9.98 12.66
C THR A 460 22.59 11.02 13.14
N TRP A 461 22.41 12.07 12.35
CA TRP A 461 21.33 13.02 12.61
C TRP A 461 20.92 13.83 11.38
N TYR A 462 19.65 14.23 11.34
CA TYR A 462 19.09 14.98 10.20
C TYR A 462 19.42 14.38 8.81
N LEU A 463 19.37 13.05 8.72
CA LEU A 463 19.42 12.32 7.46
C LEU A 463 17.98 12.20 6.94
N ARG A 464 17.66 12.85 5.82
CA ARG A 464 16.27 12.93 5.35
C ARG A 464 15.98 12.12 4.08
N ASP A 465 14.97 11.27 4.17
CA ASP A 465 14.38 10.63 2.99
C ASP A 465 12.99 11.24 2.89
N LEU A 466 12.71 11.85 1.75
CA LEU A 466 11.55 12.73 1.62
C LEU A 466 10.24 11.95 1.46
N ARG A 467 10.36 10.61 1.40
CA ARG A 467 9.19 9.75 1.32
C ARG A 467 8.68 9.42 2.72
N THR A 468 9.49 9.66 3.76
CA THR A 468 9.10 9.23 5.10
C THR A 468 8.16 10.22 5.79
N PRO A 469 7.34 9.71 6.71
CA PRO A 469 6.50 10.59 7.53
C PRO A 469 7.34 11.40 8.52
N PHE A 470 7.10 12.70 8.50
CA PHE A 470 7.81 13.67 9.30
C PHE A 470 6.80 14.41 10.14
N GLY A 471 7.04 14.45 11.44
CA GLY A 471 6.16 15.18 12.33
C GLY A 471 6.54 14.88 13.78
N GLY A 472 5.81 15.47 14.73
CA GLY A 472 6.08 15.26 16.13
C GLY A 472 4.87 14.94 16.96
N VAL A 473 5.15 14.61 18.23
CA VAL A 473 4.09 14.27 19.16
C VAL A 473 4.03 15.34 20.25
N LYS A 474 2.88 15.38 20.93
CA LYS A 474 2.62 16.35 21.99
C LYS A 474 2.78 17.76 21.44
N LEU A 475 3.46 18.63 22.18
CA LEU A 475 3.52 20.04 21.80
C LEU A 475 4.28 20.23 20.51
N SER A 476 5.00 19.19 20.06
CA SER A 476 5.90 19.31 18.90
C SER A 476 5.17 19.21 17.58
N GLY A 477 3.87 18.98 17.64
CA GLY A 477 3.12 19.04 16.40
C GLY A 477 1.74 18.40 16.36
N LEU A 478 1.26 18.39 15.13
CA LEU A 478 -0.04 17.88 14.80
C LEU A 478 0.09 17.36 13.37
N GLY A 479 -0.21 16.07 13.18
CA GLY A 479 -0.22 15.46 11.86
C GLY A 479 1.14 15.00 11.37
N ARG A 480 1.16 14.47 10.16
CA ARG A 480 2.40 14.08 9.56
C ARG A 480 2.44 14.61 8.15
N GLU A 481 3.63 15.05 7.73
CA GLU A 481 3.89 15.31 6.31
C GLU A 481 5.01 14.41 5.79
N GLY A 482 5.30 14.51 4.49
CA GLY A 482 6.23 13.61 3.79
C GLY A 482 5.51 12.50 3.04
N GLY A 483 6.03 12.10 1.90
CA GLY A 483 5.50 10.93 1.17
C GLY A 483 3.99 11.00 0.99
N ARG A 484 3.33 9.84 1.11
CA ARG A 484 1.88 9.74 0.97
C ARG A 484 1.11 10.64 1.96
N PHE A 485 1.73 10.94 3.10
CA PHE A 485 1.13 11.76 4.17
C PHE A 485 0.94 13.19 3.72
N SER A 486 1.92 13.72 2.99
CA SER A 486 1.73 14.98 2.31
C SER A 486 0.64 14.87 1.22
N MET A 487 0.68 13.79 0.43
CA MET A 487 -0.32 13.62 -0.63
C MET A 487 -1.76 13.52 -0.05
N ASP A 488 -1.89 12.93 1.13
CA ASP A 488 -3.17 12.92 1.80
C ASP A 488 -3.49 14.28 2.44
N PHE A 489 -2.54 14.90 3.14
CA PHE A 489 -2.85 16.19 3.72
C PHE A 489 -3.26 17.26 2.69
N TYR A 490 -2.52 17.43 1.63
CA TYR A 490 -2.88 18.49 0.69
C TYR A 490 -4.01 18.09 -0.29
N SER A 491 -4.75 17.03 -0.02
CA SER A 491 -5.83 16.62 -0.95
C SER A 491 -7.13 16.42 -0.24
N ASP A 492 -8.25 16.66 -0.91
CA ASP A 492 -9.50 16.02 -0.51
C ASP A 492 -9.40 14.54 -0.84
N ILE A 493 -9.56 13.69 0.15
CA ILE A 493 -9.84 12.27 -0.10
C ILE A 493 -11.35 12.11 -0.16
N ALA A 494 -11.86 11.65 -1.30
CA ALA A 494 -13.30 11.45 -1.47
C ALA A 494 -13.56 9.99 -1.78
N ASN A 495 -14.61 9.46 -1.16
CA ASN A 495 -15.08 8.11 -1.39
C ASN A 495 -16.33 8.16 -2.23
N ILE A 496 -16.34 7.31 -3.26
CA ILE A 496 -17.43 7.26 -4.18
C ILE A 496 -17.92 5.83 -4.20
N CYS A 497 -19.17 5.64 -3.83
CA CYS A 497 -19.74 4.31 -3.68
C CYS A 497 -20.80 4.06 -4.76
N ILE A 498 -20.55 3.09 -5.62
CA ILE A 498 -21.48 2.74 -6.70
C ILE A 498 -22.21 1.45 -6.38
N LYS A 499 -23.51 1.50 -6.15
CA LYS A 499 -24.32 0.28 -6.07
C LYS A 499 -24.50 -0.33 -7.46
N ILE A 500 -24.21 -1.61 -7.63
CA ILE A 500 -24.24 -2.21 -8.96
C ILE A 500 -25.55 -2.99 -9.23
N GLN B 19 -30.05 4.80 37.82
CA GLN B 19 -29.44 3.48 37.61
C GLN B 19 -28.20 3.49 36.67
N LEU B 20 -27.72 4.65 36.24
CA LEU B 20 -26.62 4.68 35.27
C LEU B 20 -25.35 5.31 35.82
N LEU B 21 -24.37 4.46 36.09
CA LEU B 21 -23.16 4.94 36.72
C LEU B 21 -21.99 5.15 35.75
N ASN B 22 -21.07 6.04 36.13
CA ASN B 22 -19.81 6.19 35.43
C ASN B 22 -18.94 4.96 35.68
N TYR B 23 -17.96 4.72 34.81
CA TYR B 23 -17.04 3.60 35.00
C TYR B 23 -15.63 4.16 34.96
N ILE B 24 -14.99 4.24 36.13
CA ILE B 24 -13.67 4.83 36.23
C ILE B 24 -12.71 3.83 36.88
N ASP B 25 -11.46 3.84 36.39
CA ASP B 25 -10.43 2.91 36.83
C ASP B 25 -10.97 1.56 37.31
N GLY B 26 -11.79 0.90 36.49
CA GLY B 26 -12.27 -0.42 36.82
C GLY B 26 -13.51 -0.48 37.72
N ASN B 27 -14.05 0.69 38.10
CA ASN B 27 -15.21 0.71 38.99
C ASN B 27 -16.36 1.60 38.56
N PHE B 28 -17.56 1.05 38.71
CA PHE B 28 -18.77 1.83 38.57
C PHE B 28 -18.92 2.73 39.79
N VAL B 29 -18.87 4.03 39.56
CA VAL B 29 -19.03 5.00 40.64
C VAL B 29 -20.15 5.96 40.33
N THR B 30 -20.81 6.45 41.37
CA THR B 30 -21.90 7.42 41.27
C THR B 30 -21.31 8.80 41.32
N SER B 31 -22.15 9.80 41.50
CA SER B 31 -21.68 11.18 41.52
C SER B 31 -22.51 12.04 42.43
N ALA B 32 -22.07 13.29 42.55
CA ALA B 32 -22.72 14.29 43.38
C ALA B 32 -24.09 14.58 42.81
N SER B 33 -24.12 14.95 41.53
CA SER B 33 -25.36 15.21 40.84
C SER B 33 -25.87 14.07 39.91
N SER B 34 -27.16 14.13 39.61
CA SER B 34 -27.75 13.22 38.64
C SER B 34 -28.68 13.98 37.68
N PHE B 35 -28.91 13.38 36.51
CA PHE B 35 -29.83 13.98 35.53
C PHE B 35 -30.67 12.88 34.91
N ALA B 36 -31.83 13.28 34.40
CA ALA B 36 -32.83 12.29 34.05
C ALA B 36 -32.66 11.85 32.62
N ASN B 37 -32.86 10.56 32.41
CA ASN B 37 -32.88 10.02 31.06
C ASN B 37 -34.30 9.67 30.71
N ILE B 38 -34.87 10.39 29.74
CA ILE B 38 -36.29 10.29 29.35
C ILE B 38 -36.54 9.51 28.05
N ASN B 39 -37.58 8.70 28.05
CA ASN B 39 -38.03 8.00 26.88
C ASN B 39 -38.84 8.91 25.96
N PRO B 40 -38.37 9.09 24.71
CA PRO B 40 -39.01 10.03 23.79
C PRO B 40 -40.29 9.49 23.16
N VAL B 41 -40.59 8.22 23.36
CA VAL B 41 -41.87 7.69 22.91
C VAL B 41 -43.06 8.20 23.76
N ASN B 42 -42.82 8.51 25.03
CA ASN B 42 -43.91 8.81 25.99
C ASN B 42 -43.57 9.81 27.07
N GLY B 43 -42.34 10.35 27.02
CA GLY B 43 -41.87 11.32 28.01
C GLY B 43 -41.60 10.81 29.43
N LYS B 44 -41.61 9.49 29.63
CA LYS B 44 -41.46 8.89 30.94
C LYS B 44 -39.98 8.65 31.32
N LEU B 45 -39.68 8.69 32.61
CA LEU B 45 -38.34 8.52 33.08
C LEU B 45 -37.89 7.08 32.91
N ILE B 46 -36.69 6.91 32.38
CA ILE B 46 -36.10 5.60 32.18
C ILE B 46 -35.14 5.28 33.33
N SER B 47 -34.36 6.29 33.71
CA SER B 47 -33.24 6.10 34.62
C SER B 47 -32.70 7.47 35.00
N ASP B 48 -31.92 7.52 36.07
CA ASP B 48 -31.19 8.73 36.39
C ASP B 48 -29.71 8.44 36.07
N VAL B 49 -28.99 9.46 35.62
CA VAL B 49 -27.63 9.31 35.16
C VAL B 49 -26.73 10.21 35.97
N PHE B 50 -25.68 9.64 36.54
CA PHE B 50 -24.77 10.39 37.38
C PHE B 50 -23.74 11.22 36.62
N GLU B 51 -23.88 12.54 36.68
CA GLU B 51 -23.00 13.44 35.97
C GLU B 51 -21.60 13.51 36.59
N ALA B 52 -20.57 13.39 35.74
CA ALA B 52 -19.20 13.38 36.21
C ALA B 52 -18.70 14.80 36.42
N ASP B 53 -18.02 15.03 37.55
CA ASP B 53 -17.50 16.36 37.81
C ASP B 53 -16.05 16.42 37.35
N ALA B 54 -15.45 17.60 37.42
CA ALA B 54 -14.11 17.81 36.91
C ALA B 54 -13.11 16.84 37.53
N LYS B 55 -13.40 16.43 38.76
CA LYS B 55 -12.48 15.65 39.57
C LYS B 55 -12.47 14.21 39.11
N GLN B 56 -13.68 13.70 38.88
CA GLN B 56 -13.86 12.38 38.32
C GLN B 56 -13.31 12.32 36.88
N VAL B 57 -13.42 13.42 36.14
CA VAL B 57 -12.90 13.46 34.79
C VAL B 57 -11.37 13.33 34.88
N ASN B 58 -10.76 14.07 35.82
CA ASN B 58 -9.33 13.95 36.01
C ASN B 58 -8.99 12.54 36.41
N GLU B 59 -9.74 11.97 37.34
CA GLU B 59 -9.44 10.62 37.74
C GLU B 59 -9.46 9.62 36.55
N ALA B 60 -10.38 9.85 35.62
CA ALA B 60 -10.52 8.99 34.46
C ALA B 60 -9.31 9.12 33.55
N VAL B 61 -8.90 10.34 33.27
CA VAL B 61 -7.72 10.55 32.42
C VAL B 61 -6.49 9.91 33.10
N VAL B 62 -6.15 10.39 34.29
CA VAL B 62 -5.04 9.79 35.07
C VAL B 62 -5.03 8.25 35.06
N ALA B 63 -6.19 7.62 35.29
CA ALA B 63 -6.24 6.17 35.28
C ALA B 63 -5.98 5.59 33.85
N ALA B 64 -6.35 6.36 32.82
CA ALA B 64 -6.13 5.94 31.43
C ALA B 64 -4.63 6.01 31.13
N GLN B 65 -4.00 7.11 31.55
CA GLN B 65 -2.53 7.24 31.47
C GLN B 65 -1.82 6.11 32.19
N ASN B 66 -2.30 5.69 33.35
CA ASN B 66 -1.61 4.60 34.05
C ASN B 66 -1.83 3.26 33.42
N ALA B 67 -3.01 3.05 32.87
CA ALA B 67 -3.31 1.76 32.28
C ALA B 67 -2.37 1.52 31.08
N LEU B 68 -1.89 2.57 30.45
CA LEU B 68 -0.93 2.42 29.34
C LEU B 68 0.36 1.72 29.79
N LYS B 69 0.69 1.87 31.09
CA LYS B 69 1.93 1.33 31.64
C LYS B 69 1.72 -0.05 32.22
N GLY B 70 0.49 -0.53 32.11
CA GLY B 70 0.08 -1.76 32.77
C GLY B 70 0.02 -2.97 31.86
N PRO B 71 -0.69 -4.01 32.27
CA PRO B 71 -0.66 -5.21 31.44
C PRO B 71 -1.22 -4.92 30.03
N TRP B 72 -2.10 -3.93 29.92
CA TRP B 72 -2.69 -3.54 28.63
C TRP B 72 -1.58 -3.16 27.66
N GLY B 73 -0.73 -2.23 28.11
CA GLY B 73 0.41 -1.76 27.33
C GLY B 73 1.31 -2.89 26.88
N LYS B 74 1.32 -3.99 27.62
CA LYS B 74 2.22 -5.09 27.33
C LYS B 74 1.59 -6.18 26.47
N LEU B 75 0.28 -6.10 26.17
CA LEU B 75 -0.30 -7.14 25.33
C LEU B 75 0.36 -7.10 23.94
N SER B 76 0.60 -8.27 23.37
CA SER B 76 0.95 -8.33 21.97
C SER B 76 -0.29 -7.86 21.21
N VAL B 77 -0.09 -7.54 19.94
CA VAL B 77 -1.18 -7.13 19.11
C VAL B 77 -2.16 -8.28 18.92
N GLN B 78 -1.67 -9.51 18.84
CA GLN B 78 -2.57 -10.66 18.71
C GLN B 78 -3.47 -10.83 19.93
N ASP B 79 -2.93 -10.61 21.13
CA ASP B 79 -3.71 -10.79 22.34
C ASP B 79 -4.68 -9.60 22.51
N ARG B 80 -4.23 -8.41 22.18
CA ARG B 80 -5.09 -7.25 22.29
C ARG B 80 -6.28 -7.43 21.34
N ALA B 81 -6.01 -7.87 20.13
CA ALA B 81 -7.09 -8.15 19.17
C ALA B 81 -8.00 -9.26 19.67
N ALA B 82 -7.43 -10.31 20.24
CA ALA B 82 -8.21 -11.40 20.81
C ALA B 82 -9.19 -10.90 21.89
N LEU B 83 -8.71 -9.99 22.73
CA LEU B 83 -9.51 -9.37 23.76
C LEU B 83 -10.61 -8.42 23.19
N ILE B 84 -10.31 -7.68 22.12
CA ILE B 84 -11.32 -6.82 21.52
C ILE B 84 -12.40 -7.72 20.93
N HIS B 85 -12.04 -8.88 20.36
CA HIS B 85 -13.08 -9.80 19.89
C HIS B 85 -13.95 -10.33 21.03
N LYS B 86 -13.36 -10.52 22.19
CA LYS B 86 -14.12 -10.92 23.37
C LYS B 86 -15.17 -9.85 23.74
N ILE B 87 -14.75 -8.58 23.81
CA ILE B 87 -15.68 -7.48 23.95
C ILE B 87 -16.82 -7.66 22.94
N ALA B 88 -16.48 -7.80 21.66
CA ALA B 88 -17.50 -8.03 20.65
C ALA B 88 -18.41 -9.18 21.02
N ASP B 89 -17.80 -10.30 21.41
CA ASP B 89 -18.54 -11.52 21.78
C ASP B 89 -19.48 -11.27 22.95
N GLY B 90 -19.04 -10.42 23.87
CA GLY B 90 -19.78 -10.10 25.08
C GLY B 90 -20.99 -9.25 24.73
N ILE B 91 -20.84 -8.33 23.77
CA ILE B 91 -21.98 -7.58 23.29
C ILE B 91 -22.94 -8.55 22.64
N GLN B 92 -22.42 -9.49 21.85
CA GLN B 92 -23.25 -10.46 21.15
C GLN B 92 -24.02 -11.38 22.10
N ALA B 93 -23.38 -11.83 23.17
CA ALA B 93 -24.08 -12.63 24.18
C ALA B 93 -25.20 -11.86 24.92
N ARG B 94 -25.15 -10.52 24.93
CA ARG B 94 -26.20 -9.73 25.56
C ARG B 94 -26.96 -8.90 24.52
N PHE B 95 -27.12 -9.47 23.33
CA PHE B 95 -27.60 -8.73 22.18
C PHE B 95 -28.93 -7.99 22.46
N GLU B 96 -29.92 -8.70 22.98
CA GLU B 96 -31.26 -8.12 23.12
C GLU B 96 -31.30 -7.01 24.19
N GLU B 97 -30.46 -7.09 25.23
CA GLU B 97 -30.36 -5.99 26.18
C GLU B 97 -29.79 -4.73 25.55
N PHE B 98 -28.88 -4.89 24.60
CA PHE B 98 -28.34 -3.73 23.93
C PHE B 98 -29.42 -3.13 23.04
N VAL B 99 -30.17 -3.98 22.35
CA VAL B 99 -31.34 -3.49 21.60
C VAL B 99 -32.33 -2.73 22.49
N ALA B 100 -32.73 -3.34 23.62
CA ALA B 100 -33.69 -2.70 24.53
C ALA B 100 -33.15 -1.35 24.97
N ALA B 101 -31.88 -1.30 25.33
CA ALA B 101 -31.26 -0.05 25.79
C ALA B 101 -31.29 1.04 24.72
N GLU B 102 -30.92 0.68 23.49
CA GLU B 102 -30.95 1.64 22.38
C GLU B 102 -32.36 2.13 22.12
N VAL B 103 -33.30 1.19 22.11
CA VAL B 103 -34.69 1.52 21.78
C VAL B 103 -35.26 2.47 22.83
N ALA B 104 -35.03 2.10 24.09
CA ALA B 104 -35.49 2.91 25.22
C ALA B 104 -35.06 4.39 25.14
N ASP B 105 -33.75 4.63 24.97
CA ASP B 105 -33.24 6.00 25.03
C ASP B 105 -33.67 6.87 23.86
N THR B 106 -33.96 6.25 22.72
CA THR B 106 -34.07 6.97 21.46
C THR B 106 -35.39 6.78 20.73
N GLY B 107 -36.18 5.76 21.09
CA GLY B 107 -37.43 5.46 20.39
C GLY B 107 -37.26 4.83 19.01
N ARG B 108 -36.03 4.43 18.71
CA ARG B 108 -35.71 3.74 17.46
C ARG B 108 -36.55 2.48 17.27
N PRO B 109 -37.07 2.26 16.07
CA PRO B 109 -37.77 0.98 15.80
C PRO B 109 -36.93 -0.25 16.18
N VAL B 110 -37.51 -1.21 16.89
CA VAL B 110 -36.79 -2.37 17.34
C VAL B 110 -36.07 -3.03 16.17
N HIS B 111 -36.76 -3.15 15.03
CA HIS B 111 -36.19 -3.89 13.91
C HIS B 111 -34.87 -3.29 13.46
N GLN B 112 -34.81 -1.96 13.46
CA GLN B 112 -33.65 -1.27 12.98
C GLN B 112 -32.53 -1.36 13.98
N ALA B 113 -32.85 -1.18 15.24
CA ALA B 113 -31.90 -1.45 16.31
C ALA B 113 -31.30 -2.85 16.17
N ARG B 114 -32.15 -3.80 15.81
CA ARG B 114 -31.78 -5.20 15.80
C ARG B 114 -31.01 -5.57 14.54
N THR B 115 -31.08 -4.74 13.50
CA THR B 115 -30.44 -5.13 12.26
C THR B 115 -29.43 -4.14 11.71
N LEU B 116 -29.51 -2.89 12.17
CA LEU B 116 -28.48 -1.92 11.85
C LEU B 116 -27.63 -1.59 13.09
N ASP B 117 -28.24 -1.06 14.15
CA ASP B 117 -27.43 -0.46 15.22
C ASP B 117 -26.50 -1.43 15.96
N ILE B 118 -27.04 -2.48 16.53
CA ILE B 118 -26.23 -3.35 17.34
C ILE B 118 -25.25 -4.22 16.53
N PRO B 119 -25.69 -4.76 15.38
CA PRO B 119 -24.70 -5.49 14.56
C PRO B 119 -23.52 -4.61 14.11
N ARG B 120 -23.78 -3.33 13.82
CA ARG B 120 -22.73 -2.43 13.39
C ARG B 120 -21.80 -2.10 14.56
N ALA B 121 -22.36 -2.08 15.76
CA ALA B 121 -21.54 -1.76 16.90
C ALA B 121 -20.57 -2.89 17.09
N ILE B 122 -21.07 -4.12 16.97
CA ILE B 122 -20.23 -5.30 17.12
C ILE B 122 -19.18 -5.39 16.00
N ALA B 123 -19.61 -5.14 14.75
CA ALA B 123 -18.71 -5.14 13.62
C ALA B 123 -17.59 -4.10 13.74
N ASN B 124 -17.87 -2.93 14.28
CA ASN B 124 -16.83 -1.94 14.47
C ASN B 124 -15.65 -2.55 15.22
N PHE B 125 -15.94 -3.23 16.35
CA PHE B 125 -14.94 -3.91 17.15
C PHE B 125 -14.24 -5.02 16.39
N ARG B 126 -14.97 -5.80 15.60
CA ARG B 126 -14.34 -6.92 14.93
C ARG B 126 -13.48 -6.43 13.80
N THR B 127 -13.90 -5.34 13.14
CA THR B 127 -13.18 -4.89 11.98
C THR B 127 -11.83 -4.32 12.41
N PHE B 128 -11.81 -3.49 13.45
CA PHE B 128 -10.57 -2.88 13.89
C PHE B 128 -9.63 -3.82 14.65
N ALA B 129 -10.19 -4.79 15.35
CA ALA B 129 -9.37 -5.84 15.96
C ALA B 129 -8.64 -6.54 14.82
N ASP B 130 -9.33 -6.79 13.70
CA ASP B 130 -8.72 -7.47 12.56
C ASP B 130 -7.65 -6.58 11.91
N LEU B 131 -7.94 -5.31 11.71
CA LEU B 131 -6.93 -4.44 11.15
C LEU B 131 -5.73 -4.29 12.07
N ALA B 132 -5.91 -4.47 13.37
CA ALA B 132 -4.77 -4.38 14.27
C ALA B 132 -3.80 -5.51 13.98
N LYS B 133 -4.31 -6.67 13.60
CA LYS B 133 -3.48 -7.82 13.38
C LYS B 133 -2.87 -7.73 12.00
N THR B 134 -3.59 -7.20 11.03
CA THR B 134 -3.04 -7.20 9.69
C THR B 134 -2.20 -5.98 9.33
N SER B 135 -2.36 -4.88 10.03
CA SER B 135 -1.71 -3.63 9.55
C SER B 135 -0.18 -3.72 9.66
N HIS B 136 0.52 -3.17 8.70
CA HIS B 136 1.98 -3.14 8.79
C HIS B 136 2.44 -1.77 8.36
N THR B 137 3.73 -1.50 8.45
CA THR B 137 4.24 -0.17 8.10
C THR B 137 5.29 -0.27 6.96
N ASP B 138 6.16 0.74 6.84
CA ASP B 138 7.01 0.92 5.68
C ASP B 138 8.54 0.85 5.94
N LEU B 139 9.26 0.45 4.90
CA LEU B 139 10.72 0.37 4.91
C LEU B 139 11.18 1.16 3.69
N PHE B 140 11.98 2.17 3.95
CA PHE B 140 12.60 3.03 2.96
C PHE B 140 14.12 2.81 3.07
N GLU B 141 14.75 2.36 1.99
CA GLU B 141 16.20 2.35 1.89
C GLU B 141 16.65 3.64 1.24
N MET B 142 17.85 4.08 1.58
CA MET B 142 18.40 5.29 0.95
C MET B 142 19.92 5.22 0.91
N SER B 143 20.51 5.92 -0.05
CA SER B 143 21.96 5.94 -0.15
C SER B 143 22.45 7.14 0.66
N THR B 144 23.74 7.10 1.02
CA THR B 144 24.37 8.14 1.80
C THR B 144 25.77 8.45 1.20
N SER B 145 26.30 9.63 1.48
CA SER B 145 27.62 10.07 0.98
C SER B 145 28.74 9.04 1.17
N ASP B 146 28.81 8.48 2.37
CA ASP B 146 29.86 7.53 2.70
C ASP B 146 29.67 6.16 2.02
N GLY B 147 28.59 6.00 1.25
CA GLY B 147 28.36 4.80 0.46
C GLY B 147 27.88 3.51 1.13
N SER B 148 27.55 3.57 2.42
CA SER B 148 27.03 2.37 3.06
C SER B 148 25.52 2.46 3.36
N GLY B 149 24.93 3.63 3.18
CA GLY B 149 23.49 3.77 3.22
C GLY B 149 22.87 3.79 4.61
N ALA B 150 21.55 3.70 4.61
CA ALA B 150 20.77 3.85 5.80
C ALA B 150 19.41 3.28 5.50
N LEU B 151 18.69 2.90 6.55
CA LEU B 151 17.32 2.41 6.50
C LEU B 151 16.46 3.35 7.27
N ASN B 152 15.28 3.66 6.74
CA ASN B 152 14.22 4.26 7.53
C ASN B 152 13.10 3.27 7.62
N TYR B 153 12.55 3.08 8.81
CA TYR B 153 11.34 2.30 8.93
C TYR B 153 10.36 2.97 9.86
N THR B 154 9.07 2.71 9.66
CA THR B 154 8.05 3.35 10.50
C THR B 154 7.38 2.32 11.37
N VAL B 155 6.81 2.78 12.46
CA VAL B 155 6.06 1.93 13.33
C VAL B 155 4.83 2.69 13.78
N ARG B 156 3.78 1.95 14.14
CA ARG B 156 2.61 2.58 14.72
C ARG B 156 2.69 2.31 16.19
N LYS B 157 2.53 3.34 16.97
CA LYS B 157 2.36 3.11 18.41
C LYS B 157 1.08 3.78 18.94
N PRO B 158 0.62 3.35 20.12
CA PRO B 158 -0.50 4.06 20.75
C PRO B 158 -0.24 5.57 20.78
N LEU B 159 -1.21 6.37 20.38
CA LEU B 159 -1.13 7.81 20.58
C LEU B 159 -1.12 8.13 22.07
N GLY B 160 -1.91 7.40 22.85
CA GLY B 160 -2.00 7.65 24.29
C GLY B 160 -3.43 7.51 24.80
N VAL B 161 -3.92 8.52 25.51
CA VAL B 161 -5.31 8.51 25.99
C VAL B 161 -6.18 9.25 24.98
N ILE B 162 -7.21 8.57 24.49
CA ILE B 162 -8.10 9.18 23.49
C ILE B 162 -9.36 9.65 24.17
N GLY B 163 -9.70 10.91 23.97
CA GLY B 163 -10.94 11.43 24.52
C GLY B 163 -12.03 11.34 23.47
N VAL B 164 -13.12 10.63 23.78
CA VAL B 164 -14.20 10.37 22.83
C VAL B 164 -15.45 11.08 23.32
N ILE B 165 -16.03 11.89 22.45
CA ILE B 165 -17.30 12.52 22.74
C ILE B 165 -18.24 12.18 21.59
N SER B 166 -19.30 11.43 21.88
CA SER B 166 -20.12 10.86 20.81
C SER B 166 -21.56 11.34 20.84
N PRO B 167 -22.25 11.22 19.69
CA PRO B 167 -23.58 11.80 19.51
C PRO B 167 -24.75 10.86 19.89
N TRP B 168 -25.94 11.45 19.96
CA TRP B 168 -27.13 10.74 20.43
C TRP B 168 -27.92 10.03 19.33
N ASN B 169 -27.61 10.33 18.06
CA ASN B 169 -28.43 9.83 16.96
C ASN B 169 -28.21 8.34 16.66
N LEU B 170 -26.95 7.90 16.67
CA LEU B 170 -26.68 6.46 16.59
C LEU B 170 -25.75 6.15 17.78
N PRO B 171 -26.36 5.89 18.93
CA PRO B 171 -25.54 5.98 20.13
C PRO B 171 -24.46 4.92 20.14
N LEU B 172 -24.84 3.64 20.15
CA LEU B 172 -23.84 2.60 20.30
C LEU B 172 -22.97 2.48 19.02
N LEU B 173 -23.53 2.80 17.84
CA LEU B 173 -22.83 2.69 16.56
C LEU B 173 -21.69 3.68 16.46
N LEU B 174 -21.97 4.94 16.70
CA LEU B 174 -20.95 5.98 16.63
C LEU B 174 -19.98 5.99 17.80
N PHE B 175 -20.44 5.54 18.96
CA PHE B 175 -19.59 5.42 20.14
C PHE B 175 -18.53 4.36 19.84
N THR B 176 -18.96 3.17 19.42
CA THR B 176 -18.00 2.11 19.11
C THR B 176 -17.17 2.39 17.82
N TRP B 177 -17.67 3.24 16.96
CA TRP B 177 -16.92 3.61 15.78
C TRP B 177 -15.63 4.35 16.21
N LYS B 178 -15.62 4.94 17.41
CA LYS B 178 -14.44 5.64 17.91
C LYS B 178 -13.69 4.77 18.88
N VAL B 179 -14.41 4.09 19.76
CA VAL B 179 -13.78 3.27 20.77
C VAL B 179 -13.08 2.04 20.20
N ALA B 180 -13.64 1.42 19.17
CA ALA B 180 -13.00 0.25 18.58
C ALA B 180 -11.62 0.59 18.01
N PRO B 181 -11.52 1.64 17.17
CA PRO B 181 -10.18 1.81 16.63
C PRO B 181 -9.22 2.35 17.70
N ALA B 182 -9.75 3.11 18.67
CA ALA B 182 -8.89 3.65 19.75
C ALA B 182 -8.25 2.50 20.48
N LEU B 183 -9.07 1.57 20.94
CA LEU B 183 -8.52 0.40 21.63
C LEU B 183 -7.67 -0.51 20.69
N ALA B 184 -8.03 -0.59 19.43
CA ALA B 184 -7.37 -1.54 18.53
C ALA B 184 -5.91 -1.13 18.32
N CYS B 185 -5.68 0.17 18.40
CA CYS B 185 -4.33 0.75 18.27
C CYS B 185 -3.61 0.85 19.60
N GLY B 186 -4.17 0.24 20.64
CA GLY B 186 -3.51 0.14 21.92
C GLY B 186 -3.62 1.37 22.82
N ASN B 187 -4.40 2.35 22.42
CA ASN B 187 -4.72 3.43 23.34
C ASN B 187 -5.58 2.98 24.52
N THR B 188 -5.70 3.90 25.49
CA THR B 188 -6.76 3.85 26.50
C THR B 188 -7.73 5.01 26.23
N VAL B 189 -8.92 4.93 26.81
CA VAL B 189 -10.05 5.76 26.40
C VAL B 189 -10.79 6.38 27.58
N VAL B 190 -11.15 7.65 27.45
CA VAL B 190 -12.10 8.24 28.36
C VAL B 190 -13.19 8.75 27.44
N ALA B 191 -14.39 8.23 27.63
CA ALA B 191 -15.44 8.45 26.64
C ALA B 191 -16.70 8.98 27.30
N LYS B 192 -17.21 10.06 26.72
CA LYS B 192 -18.40 10.73 27.21
C LYS B 192 -19.54 10.57 26.22
N PRO B 193 -20.49 9.69 26.55
CA PRO B 193 -21.54 9.47 25.58
C PRO B 193 -22.58 10.57 25.72
N SER B 194 -23.49 10.72 24.76
CA SER B 194 -24.46 11.78 24.84
C SER B 194 -25.35 11.63 26.07
N GLU B 195 -25.62 12.75 26.75
CA GLU B 195 -26.63 12.81 27.82
C GLU B 195 -28.02 12.27 27.36
N GLU B 196 -28.33 12.37 26.08
CA GLU B 196 -29.62 11.88 25.58
C GLU B 196 -29.67 10.37 25.45
N SER B 197 -28.51 9.72 25.38
CA SER B 197 -28.50 8.28 25.12
C SER B 197 -27.33 7.60 25.79
N PRO B 198 -27.40 7.49 27.12
CA PRO B 198 -26.27 6.94 27.87
C PRO B 198 -26.38 5.46 28.15
N SER B 199 -27.49 4.84 27.80
CA SER B 199 -27.72 3.48 28.32
C SER B 199 -26.79 2.47 27.64
N SER B 200 -26.74 2.46 26.32
CA SER B 200 -25.99 1.39 25.66
C SER B 200 -24.49 1.50 25.97
N ALA B 201 -23.99 2.71 26.16
CA ALA B 201 -22.59 2.87 26.52
C ALA B 201 -22.31 2.30 27.92
N THR B 202 -23.33 2.33 28.79
CA THR B 202 -23.13 1.89 30.17
C THR B 202 -23.08 0.38 30.14
N LEU B 203 -23.94 -0.21 29.34
CA LEU B 203 -23.90 -1.67 29.17
C LEU B 203 -22.53 -2.14 28.60
N LEU B 204 -21.92 -1.30 27.76
CA LEU B 204 -20.67 -1.66 27.10
C LEU B 204 -19.62 -1.72 28.19
N ALA B 205 -19.59 -0.70 29.03
CA ALA B 205 -18.79 -0.70 30.23
C ALA B 205 -18.92 -2.03 31.01
N GLU B 206 -20.13 -2.52 31.21
CA GLU B 206 -20.30 -3.80 31.91
C GLU B 206 -19.64 -4.91 31.10
N VAL B 207 -19.85 -4.90 29.79
CA VAL B 207 -19.28 -5.94 28.92
C VAL B 207 -17.75 -5.91 28.99
N MET B 208 -17.18 -4.71 29.08
CA MET B 208 -15.73 -4.52 29.19
C MET B 208 -15.25 -5.14 30.48
N HIS B 209 -15.90 -4.75 31.57
CA HIS B 209 -15.56 -5.26 32.88
C HIS B 209 -15.58 -6.79 32.84
N ASP B 210 -16.64 -7.37 32.30
CA ASP B 210 -16.83 -8.81 32.39
C ASP B 210 -15.89 -9.56 31.47
N ALA B 211 -15.37 -8.85 30.48
CA ALA B 211 -14.41 -9.46 29.56
C ALA B 211 -13.00 -9.41 30.16
N GLY B 212 -12.82 -8.58 31.18
CA GLY B 212 -11.54 -8.49 31.86
C GLY B 212 -10.63 -7.44 31.28
N VAL B 213 -11.19 -6.50 30.53
CA VAL B 213 -10.42 -5.39 30.07
C VAL B 213 -9.84 -4.80 31.33
N PRO B 214 -8.50 -4.68 31.38
CA PRO B 214 -7.83 -4.12 32.55
C PRO B 214 -8.34 -2.75 32.95
N PRO B 215 -8.35 -2.47 34.26
CA PRO B 215 -8.86 -1.19 34.73
C PRO B 215 -8.10 0.00 34.15
N GLY B 216 -8.86 1.05 33.88
CA GLY B 216 -8.30 2.28 33.34
C GLY B 216 -8.25 2.27 31.81
N VAL B 217 -8.37 1.11 31.20
CA VAL B 217 -8.22 1.07 29.74
C VAL B 217 -9.40 1.74 29.08
N PHE B 218 -10.59 1.45 29.61
CA PHE B 218 -11.83 2.08 29.15
C PHE B 218 -12.57 2.76 30.30
N ASN B 219 -12.80 4.06 30.15
CA ASN B 219 -13.48 4.85 31.14
C ASN B 219 -14.68 5.62 30.56
N LEU B 220 -15.82 5.45 31.20
CA LEU B 220 -17.07 6.07 30.82
C LEU B 220 -17.45 7.15 31.82
N ILE B 221 -17.52 8.38 31.33
CA ILE B 221 -17.98 9.49 32.14
C ILE B 221 -19.27 10.04 31.50
N HIS B 222 -20.31 10.31 32.31
CA HIS B 222 -21.58 10.87 31.82
C HIS B 222 -21.71 12.36 32.05
N GLY B 223 -22.57 12.99 31.27
CA GLY B 223 -22.83 14.41 31.47
C GLY B 223 -23.07 15.16 30.20
N PHE B 224 -22.80 16.46 30.26
CA PHE B 224 -23.19 17.40 29.23
C PHE B 224 -21.92 17.92 28.59
N GLY B 225 -22.02 19.06 27.91
CA GLY B 225 -20.87 19.64 27.27
C GLY B 225 -20.27 20.69 28.16
N LYS B 226 -20.49 21.94 27.76
CA LYS B 226 -20.00 23.10 28.48
C LYS B 226 -20.25 22.99 29.98
N ASP B 227 -19.23 23.35 30.76
CA ASP B 227 -19.27 23.32 32.22
C ASP B 227 -19.62 21.93 32.74
N SER B 228 -19.34 20.91 31.94
CA SER B 228 -19.60 19.55 32.36
C SER B 228 -18.53 18.59 31.81
N ALA B 229 -18.76 17.30 32.03
CA ALA B 229 -17.84 16.24 31.66
C ALA B 229 -17.27 16.41 30.26
N GLY B 230 -18.08 16.95 29.36
CA GLY B 230 -17.69 17.15 27.98
C GLY B 230 -16.56 18.13 27.86
N GLU B 231 -16.80 19.35 28.32
CA GLU B 231 -15.76 20.36 28.39
C GLU B 231 -14.53 19.93 29.20
N PHE B 232 -14.70 19.47 30.43
CA PHE B 232 -13.56 19.01 31.23
C PHE B 232 -12.66 17.99 30.51
N LEU B 233 -13.26 16.98 29.86
CA LEU B 233 -12.47 16.02 29.09
C LEU B 233 -11.67 16.79 28.08
N THR B 234 -12.33 17.74 27.46
CA THR B 234 -11.77 18.49 26.36
C THR B 234 -10.59 19.37 26.80
N GLN B 235 -10.60 19.77 28.08
CA GLN B 235 -9.60 20.67 28.61
C GLN B 235 -8.41 19.95 29.29
N HIS B 236 -8.59 18.68 29.65
CA HIS B 236 -7.56 17.93 30.32
C HIS B 236 -6.26 17.79 29.49
N PRO B 237 -5.12 18.17 30.07
CA PRO B 237 -3.85 18.16 29.32
C PRO B 237 -3.35 16.75 29.13
N GLY B 238 -4.05 15.78 29.71
CA GLY B 238 -3.55 14.43 29.87
C GLY B 238 -3.94 13.51 28.72
N ILE B 239 -4.91 13.96 27.92
CA ILE B 239 -5.34 13.20 26.74
C ILE B 239 -4.40 13.53 25.58
N SER B 240 -4.27 12.61 24.62
CA SER B 240 -3.44 12.88 23.44
C SER B 240 -4.31 13.30 22.23
N ALA B 241 -5.59 12.96 22.27
CA ALA B 241 -6.45 13.25 21.13
C ALA B 241 -7.90 13.35 21.57
N LEU B 242 -8.66 14.06 20.77
CA LEU B 242 -10.06 14.22 21.00
C LEU B 242 -10.78 14.01 19.66
N THR B 243 -11.60 12.97 19.61
CA THR B 243 -12.35 12.67 18.39
C THR B 243 -13.83 12.80 18.70
N PHE B 244 -14.54 13.44 17.80
CA PHE B 244 -15.87 13.92 18.13
C PHE B 244 -16.73 13.88 16.88
N THR B 245 -17.96 13.42 17.04
CA THR B 245 -18.96 13.55 16.01
C THR B 245 -20.11 14.39 16.55
N GLY B 246 -20.54 15.40 15.79
CA GLY B 246 -21.73 16.16 16.16
C GLY B 246 -21.84 17.48 15.41
N GLU B 247 -22.42 18.48 16.05
CA GLU B 247 -22.62 19.79 15.39
C GLU B 247 -21.27 20.49 15.16
N SER B 248 -21.20 21.27 14.10
CA SER B 248 -19.97 21.94 13.68
C SER B 248 -19.46 22.99 14.67
N LYS B 249 -20.38 23.82 15.17
CA LYS B 249 -20.02 24.85 16.17
C LYS B 249 -19.35 24.20 17.39
N THR B 250 -19.82 23.02 17.79
CA THR B 250 -19.25 22.29 18.91
C THR B 250 -17.88 21.69 18.51
N GLY B 251 -17.70 21.41 17.22
CA GLY B 251 -16.40 20.99 16.71
C GLY B 251 -15.40 22.13 16.84
N SER B 252 -15.81 23.33 16.41
CA SER B 252 -14.99 24.55 16.57
C SER B 252 -14.56 24.83 18.03
N THR B 253 -15.51 24.71 18.95
CA THR B 253 -15.31 24.97 20.36
C THR B 253 -14.28 24.00 20.88
N ILE B 254 -14.42 22.74 20.43
CA ILE B 254 -13.48 21.71 20.81
C ILE B 254 -12.05 22.02 20.30
N MET B 255 -11.92 22.35 19.02
CA MET B 255 -10.63 22.65 18.41
C MET B 255 -9.90 23.76 19.22
N LYS B 256 -10.63 24.84 19.54
CA LYS B 256 -10.09 25.91 20.40
C LYS B 256 -9.59 25.40 21.77
N ALA B 257 -10.36 24.53 22.43
CA ALA B 257 -10.05 24.13 23.81
C ALA B 257 -8.80 23.27 23.92
N VAL B 258 -8.54 22.46 22.88
CA VAL B 258 -7.37 21.58 22.89
C VAL B 258 -6.19 22.26 22.22
N ALA B 259 -6.40 23.50 21.75
CA ALA B 259 -5.39 24.22 20.98
C ALA B 259 -4.06 24.43 21.72
N ASP B 260 -4.12 24.91 22.97
CA ASP B 260 -2.91 25.09 23.79
C ASP B 260 -2.15 23.77 23.93
N GLY B 261 -2.89 22.66 23.89
CA GLY B 261 -2.30 21.34 24.01
C GLY B 261 -1.72 20.79 22.69
N VAL B 262 -2.05 21.43 21.58
CA VAL B 262 -1.83 20.85 20.23
C VAL B 262 -2.26 19.35 20.12
N LYS B 263 -3.40 19.00 20.73
CA LYS B 263 -3.90 17.61 20.73
C LYS B 263 -4.34 17.22 19.32
N GLU B 264 -4.17 15.95 18.98
CA GLU B 264 -4.67 15.49 17.69
C GLU B 264 -6.21 15.60 17.73
N VAL B 265 -6.80 15.97 16.62
CA VAL B 265 -8.24 16.08 16.52
C VAL B 265 -8.81 15.40 15.28
N SER B 266 -9.98 14.80 15.46
CA SER B 266 -10.71 14.17 14.37
C SER B 266 -12.23 14.43 14.50
N PHE B 267 -12.76 15.09 13.49
CA PHE B 267 -14.10 15.67 13.51
C PHE B 267 -14.97 15.19 12.35
N GLU B 268 -16.14 14.64 12.70
CA GLU B 268 -17.24 14.39 11.76
C GLU B 268 -18.43 15.29 12.17
N LEU B 269 -18.63 16.36 11.43
CA LEU B 269 -19.56 17.40 11.87
C LEU B 269 -20.91 17.34 11.13
N GLY B 270 -21.62 18.46 10.97
CA GLY B 270 -22.92 18.40 10.34
C GLY B 270 -22.86 18.25 8.81
N GLY B 271 -24.01 18.40 8.18
CA GLY B 271 -24.08 18.69 6.76
C GLY B 271 -25.49 19.07 6.36
N LYS B 272 -25.60 19.58 5.15
CA LYS B 272 -26.89 19.80 4.54
C LYS B 272 -26.86 19.00 3.21
N ASN B 273 -26.93 17.68 3.36
CA ASN B 273 -26.72 16.77 2.25
C ASN B 273 -27.80 16.79 1.20
N ALA B 274 -27.37 16.73 -0.05
CA ALA B 274 -28.29 16.67 -1.18
C ALA B 274 -28.46 15.26 -1.69
N ALA B 275 -29.65 14.92 -2.20
CA ALA B 275 -29.81 13.88 -3.19
C ALA B 275 -30.08 14.51 -4.57
N VAL B 276 -29.53 13.94 -5.64
CA VAL B 276 -29.76 14.42 -6.99
C VAL B 276 -30.32 13.28 -7.80
N VAL B 277 -31.47 13.51 -8.43
CA VAL B 277 -32.10 12.50 -9.28
C VAL B 277 -32.19 12.97 -10.74
N PHE B 278 -31.47 12.28 -11.60
CA PHE B 278 -31.40 12.68 -12.99
C PHE B 278 -32.56 11.97 -13.72
N ALA B 279 -32.92 12.48 -14.88
CA ALA B 279 -34.06 11.95 -15.65
C ALA B 279 -33.91 10.48 -16.02
N ASP B 280 -32.68 9.99 -16.06
CA ASP B 280 -32.43 8.62 -16.48
C ASP B 280 -32.33 7.66 -15.24
N ALA B 281 -32.60 8.18 -14.04
CA ALA B 281 -32.68 7.32 -12.87
C ALA B 281 -33.76 6.28 -13.04
N ASP B 282 -33.61 5.14 -12.40
CA ASP B 282 -34.75 4.29 -12.14
C ASP B 282 -35.62 5.02 -11.10
N LEU B 283 -36.75 5.52 -11.57
CA LEU B 283 -37.57 6.45 -10.79
C LEU B 283 -38.11 5.87 -9.49
N ASP B 284 -38.56 4.62 -9.53
CA ASP B 284 -39.13 3.99 -8.33
C ASP B 284 -38.03 3.69 -7.34
N ALA B 285 -36.86 3.37 -7.85
CA ALA B 285 -35.74 3.11 -6.97
C ALA B 285 -35.33 4.41 -6.29
N ALA B 286 -35.37 5.50 -7.03
CA ALA B 286 -34.91 6.79 -6.50
C ALA B 286 -35.90 7.34 -5.50
N ILE B 287 -37.19 7.07 -5.73
CA ILE B 287 -38.20 7.47 -4.76
C ILE B 287 -38.00 6.70 -3.45
N GLU B 288 -37.86 5.39 -3.56
CA GLU B 288 -37.55 4.59 -2.39
C GLU B 288 -36.23 5.05 -1.69
N GLY B 289 -35.19 5.29 -2.47
CA GLY B 289 -33.91 5.73 -1.95
C GLY B 289 -33.96 7.08 -1.27
N VAL B 290 -34.67 8.05 -1.86
CA VAL B 290 -34.83 9.33 -1.20
C VAL B 290 -35.75 9.27 0.05
N LEU B 291 -36.74 8.39 0.01
CA LEU B 291 -37.58 8.17 1.19
C LEU B 291 -36.66 7.71 2.36
N ARG B 292 -35.78 6.76 2.09
CA ARG B 292 -34.87 6.27 3.12
C ARG B 292 -33.88 7.35 3.59
N SER B 293 -33.29 8.05 2.65
CA SER B 293 -32.26 9.01 2.95
C SER B 293 -32.86 10.19 3.67
N SER B 294 -34.16 10.37 3.54
CA SER B 294 -34.81 11.54 4.14
C SER B 294 -35.39 11.27 5.52
N PHE B 295 -35.89 10.06 5.74
CA PHE B 295 -36.71 9.79 6.92
C PHE B 295 -36.20 8.68 7.81
N THR B 296 -35.15 7.95 7.42
CA THR B 296 -34.54 6.92 8.28
C THR B 296 -34.13 7.51 9.61
N ASN B 297 -34.33 6.77 10.69
CA ASN B 297 -34.00 7.27 12.05
C ASN B 297 -34.68 8.64 12.29
N SER B 298 -35.77 8.89 11.58
CA SER B 298 -36.50 10.16 11.67
C SER B 298 -35.66 11.34 11.19
N GLY B 299 -34.88 11.09 10.13
CA GLY B 299 -34.04 12.13 9.56
C GLY B 299 -32.95 12.66 10.49
N GLN B 300 -32.66 11.92 11.57
CA GLN B 300 -31.58 12.27 12.52
C GLN B 300 -30.31 11.43 12.25
N VAL B 301 -29.89 11.39 10.99
CA VAL B 301 -28.58 10.87 10.67
C VAL B 301 -27.87 12.02 10.00
N CYS B 302 -26.61 12.20 10.34
CA CYS B 302 -25.83 13.27 9.71
C CYS B 302 -25.72 13.07 8.21
N LEU B 303 -25.97 11.85 7.73
CA LEU B 303 -25.92 11.56 6.29
C LEU B 303 -27.26 11.76 5.55
N CYS B 304 -28.32 12.10 6.29
CA CYS B 304 -29.62 12.31 5.70
C CYS B 304 -29.63 13.45 4.69
N SER B 305 -30.53 13.31 3.73
CA SER B 305 -30.71 14.28 2.67
C SER B 305 -31.87 15.17 3.08
N GLU B 306 -31.63 16.48 3.14
CA GLU B 306 -32.64 17.47 3.48
C GLU B 306 -32.86 18.38 2.29
N ARG B 307 -31.96 18.28 1.31
CA ARG B 307 -32.09 18.95 0.01
C ARG B 307 -32.14 17.86 -1.03
N VAL B 308 -33.06 17.99 -1.99
CA VAL B 308 -33.18 17.07 -3.10
C VAL B 308 -33.37 17.86 -4.38
N TYR B 309 -32.63 17.51 -5.43
CA TYR B 309 -32.77 18.17 -6.72
C TYR B 309 -33.20 17.13 -7.70
N VAL B 310 -34.24 17.42 -8.46
CA VAL B 310 -34.82 16.46 -9.37
C VAL B 310 -34.99 17.06 -10.72
N HIS B 311 -34.67 16.31 -11.76
CA HIS B 311 -34.70 16.88 -13.09
C HIS B 311 -36.19 17.24 -13.40
N ARG B 312 -36.40 18.41 -13.97
CA ARG B 312 -37.77 18.98 -14.14
C ARG B 312 -38.73 18.04 -14.84
N SER B 313 -38.22 17.23 -15.75
CA SER B 313 -39.04 16.32 -16.52
C SER B 313 -39.66 15.22 -15.66
N ILE B 314 -39.06 14.92 -14.51
CA ILE B 314 -39.63 13.89 -13.66
C ILE B 314 -40.03 14.47 -12.29
N PHE B 315 -39.87 15.77 -12.12
CA PHE B 315 -40.06 16.42 -10.84
C PHE B 315 -41.47 16.17 -10.28
N ASP B 316 -42.51 16.47 -11.06
CA ASP B 316 -43.88 16.32 -10.54
C ASP B 316 -44.14 14.88 -10.20
N GLU B 317 -43.73 13.98 -11.08
CA GLU B 317 -43.92 12.58 -10.81
C GLU B 317 -43.14 12.12 -9.56
N PHE B 318 -41.92 12.64 -9.37
CA PHE B 318 -41.10 12.23 -8.21
C PHE B 318 -41.76 12.71 -6.92
N VAL B 319 -42.14 13.98 -6.89
CA VAL B 319 -42.73 14.57 -5.70
C VAL B 319 -44.01 13.85 -5.33
N SER B 320 -44.81 13.53 -6.34
CA SER B 320 -46.11 12.90 -6.13
C SER B 320 -45.91 11.47 -5.66
N GLY B 321 -44.91 10.81 -6.20
CA GLY B 321 -44.56 9.48 -5.73
C GLY B 321 -44.01 9.45 -4.29
N LEU B 322 -43.19 10.44 -3.95
CA LEU B 322 -42.59 10.48 -2.61
C LEU B 322 -43.61 10.83 -1.52
N LYS B 323 -44.57 11.70 -1.87
CA LYS B 323 -45.68 12.03 -0.98
C LYS B 323 -46.45 10.76 -0.59
N VAL B 324 -46.84 9.98 -1.59
CA VAL B 324 -47.53 8.72 -1.32
C VAL B 324 -46.73 7.83 -0.38
N GLU B 325 -45.46 7.62 -0.66
CA GLU B 325 -44.65 6.69 0.13
C GLU B 325 -44.44 7.24 1.52
N ALA B 326 -44.29 8.55 1.62
CA ALA B 326 -44.12 9.19 2.91
C ALA B 326 -45.38 8.99 3.79
N GLU B 327 -46.57 9.10 3.19
CA GLU B 327 -47.84 9.00 3.95
C GLU B 327 -48.18 7.56 4.28
N ARG B 328 -47.58 6.63 3.54
CA ARG B 328 -47.58 5.23 3.94
C ARG B 328 -46.63 4.94 5.13
N LEU B 329 -45.79 5.91 5.54
CA LEU B 329 -44.90 5.59 6.66
C LEU B 329 -45.70 5.44 7.96
N VAL B 330 -45.41 4.39 8.71
CA VAL B 330 -46.01 4.19 10.03
C VAL B 330 -45.15 4.83 11.14
N VAL B 331 -45.67 5.92 11.71
CA VAL B 331 -45.01 6.58 12.80
C VAL B 331 -45.59 6.04 14.10
N GLY B 332 -44.77 5.42 14.94
CA GLY B 332 -45.27 4.94 16.21
C GLY B 332 -44.29 4.28 17.17
N TYR B 333 -44.77 3.21 17.78
CA TYR B 333 -44.07 2.49 18.83
C TYR B 333 -42.98 1.65 18.22
N PRO B 334 -41.84 1.55 18.91
CA PRO B 334 -40.71 0.74 18.42
C PRO B 334 -41.07 -0.71 18.13
N ASP B 335 -42.00 -1.30 18.88
CA ASP B 335 -42.46 -2.67 18.62
C ASP B 335 -43.82 -2.74 17.92
N GLN B 336 -44.32 -1.60 17.41
CA GLN B 336 -45.60 -1.56 16.68
C GLN B 336 -45.48 -2.34 15.36
N ASP B 337 -46.57 -3.03 15.02
CA ASP B 337 -46.53 -4.01 13.94
C ASP B 337 -45.73 -3.61 12.68
N GLY B 338 -46.05 -2.49 12.03
CA GLY B 338 -45.25 -2.17 10.84
C GLY B 338 -44.42 -0.89 10.91
N VAL B 339 -43.78 -0.64 12.05
CA VAL B 339 -43.29 0.70 12.34
C VAL B 339 -42.11 1.10 11.43
N ASN B 340 -42.14 2.33 10.94
CA ASN B 340 -41.08 2.84 10.09
C ASN B 340 -40.32 3.94 10.76
N MET B 341 -41.00 4.72 11.59
CA MET B 341 -40.39 5.86 12.24
C MET B 341 -40.80 5.94 13.70
N GLY B 342 -39.82 6.28 14.51
CA GLY B 342 -40.07 6.63 15.88
C GLY B 342 -40.04 8.12 16.11
N PRO B 343 -39.97 8.50 17.37
CA PRO B 343 -39.93 9.91 17.66
C PRO B 343 -38.56 10.50 17.40
N LEU B 344 -38.49 11.83 17.55
CA LEU B 344 -37.22 12.55 17.58
C LEU B 344 -36.60 12.23 18.94
N ILE B 345 -35.38 12.69 19.19
CA ILE B 345 -34.62 12.18 20.33
C ILE B 345 -35.11 12.74 21.69
N SER B 346 -35.68 13.95 21.64
CA SER B 346 -36.04 14.70 22.82
C SER B 346 -36.99 15.84 22.44
N HIS B 347 -37.73 16.36 23.42
CA HIS B 347 -38.63 17.50 23.25
C HIS B 347 -37.87 18.75 22.89
N GLY B 348 -36.71 18.88 23.49
CA GLY B 348 -35.80 19.96 23.16
C GLY B 348 -35.45 19.89 21.68
N HIS B 349 -35.31 18.68 21.13
CA HIS B 349 -34.92 18.59 19.73
C HIS B 349 -36.15 18.84 18.91
N ARG B 350 -37.28 18.29 19.33
CA ARG B 350 -38.49 18.58 18.62
C ARG B 350 -38.84 20.07 18.51
N ASP B 351 -38.50 20.85 19.52
CA ASP B 351 -38.83 22.27 19.50
C ASP B 351 -38.04 22.95 18.37
N LYS B 352 -36.77 22.59 18.22
CA LYS B 352 -35.93 23.14 17.15
C LYS B 352 -36.53 22.77 15.81
N VAL B 353 -36.89 21.51 15.65
CA VAL B 353 -37.35 21.00 14.35
C VAL B 353 -38.69 21.68 13.99
N LEU B 354 -39.58 21.80 14.97
CA LEU B 354 -40.83 22.55 14.76
C LEU B 354 -40.56 24.05 14.52
N SER B 355 -39.53 24.60 15.14
CA SER B 355 -39.13 25.97 14.87
C SER B 355 -38.70 26.12 13.39
N TYR B 356 -38.10 25.07 12.82
CA TYR B 356 -37.83 25.08 11.37
C TYR B 356 -39.08 24.85 10.55
N TYR B 357 -40.00 23.99 11.00
CA TYR B 357 -41.21 23.70 10.23
C TYR B 357 -42.04 24.95 10.00
N ARG B 358 -41.92 25.92 10.91
CA ARG B 358 -42.65 27.18 10.87
C ARG B 358 -41.89 28.14 9.99
N LEU B 359 -40.58 28.19 10.23
CA LEU B 359 -39.69 29.02 9.42
C LEU B 359 -39.91 28.68 7.97
N ALA B 360 -40.13 27.41 7.67
CA ALA B 360 -40.33 26.98 6.28
C ALA B 360 -41.60 27.61 5.70
N VAL B 361 -42.66 27.58 6.49
CA VAL B 361 -43.91 28.21 6.09
C VAL B 361 -43.73 29.72 5.95
N ASP B 362 -43.15 30.35 6.95
CA ASP B 362 -42.88 31.79 6.88
C ASP B 362 -41.97 32.17 5.71
N GLU B 363 -41.21 31.19 5.20
CA GLU B 363 -40.28 31.45 4.10
C GLU B 363 -40.94 31.21 2.75
N GLY B 364 -42.14 30.63 2.77
CA GLY B 364 -42.95 30.56 1.57
C GLY B 364 -43.11 29.16 1.04
N ALA B 365 -42.66 28.18 1.80
CA ALA B 365 -42.76 26.80 1.34
C ALA B 365 -44.19 26.38 1.08
N THR B 366 -44.37 25.55 0.06
CA THR B 366 -45.54 24.71 -0.04
C THR B 366 -45.29 23.46 0.81
N VAL B 367 -46.21 23.13 1.71
CA VAL B 367 -46.11 21.87 2.45
C VAL B 367 -46.78 20.73 1.68
N VAL B 368 -45.97 19.91 1.00
CA VAL B 368 -46.49 18.76 0.26
C VAL B 368 -47.11 17.72 1.19
N THR B 369 -46.52 17.53 2.37
CA THR B 369 -47.04 16.61 3.40
C THR B 369 -46.33 16.83 4.74
N GLY B 370 -47.00 16.47 5.82
CA GLY B 370 -46.52 16.73 7.17
C GLY B 370 -46.56 18.20 7.53
N GLY B 371 -45.53 18.66 8.22
CA GLY B 371 -45.47 20.05 8.61
C GLY B 371 -45.74 20.26 10.09
N GLY B 372 -46.30 19.25 10.77
CA GLY B 372 -46.61 19.36 12.19
C GLY B 372 -46.28 18.13 13.02
N VAL B 373 -47.09 17.86 14.06
CA VAL B 373 -46.97 16.62 14.83
C VAL B 373 -48.22 15.81 14.66
N PRO B 374 -48.08 14.47 14.65
CA PRO B 374 -49.26 13.64 14.52
C PRO B 374 -49.99 13.57 15.86
N LYS B 375 -51.27 13.24 15.79
CA LYS B 375 -52.13 13.13 16.97
C LYS B 375 -52.37 11.67 17.20
N PHE B 376 -51.85 11.16 18.31
CA PHE B 376 -51.95 9.75 18.60
C PHE B 376 -53.16 9.48 19.49
N ASN B 377 -53.52 10.48 20.29
CA ASN B 377 -54.53 10.29 21.33
C ASN B 377 -54.13 9.22 22.33
N ASP B 378 -52.81 9.08 22.60
CA ASP B 378 -52.34 8.18 23.67
C ASP B 378 -51.01 8.66 24.24
N GLU B 379 -50.30 7.82 24.99
CA GLU B 379 -49.08 8.29 25.68
C GLU B 379 -48.07 8.91 24.69
N ARG B 380 -48.09 8.48 23.43
CA ARG B 380 -47.19 9.03 22.43
C ARG B 380 -47.31 10.55 22.28
N ASP B 381 -48.47 11.10 22.61
CA ASP B 381 -48.67 12.54 22.53
C ASP B 381 -47.77 13.27 23.54
N GLN B 382 -47.30 12.54 24.56
CA GLN B 382 -46.39 13.13 25.53
C GLN B 382 -44.93 12.89 25.14
N GLY B 383 -44.70 12.16 24.05
CA GLY B 383 -43.36 11.90 23.55
C GLY B 383 -42.91 13.04 22.65
N ALA B 384 -42.08 12.74 21.65
CA ALA B 384 -41.47 13.80 20.86
C ALA B 384 -41.48 13.52 19.35
N TYR B 385 -42.68 13.22 18.86
CA TYR B 385 -42.85 12.85 17.47
C TYR B 385 -43.07 14.07 16.60
N VAL B 386 -42.66 13.98 15.34
CA VAL B 386 -43.05 14.96 14.33
C VAL B 386 -43.42 14.15 13.11
N GLN B 387 -43.95 14.81 12.10
CA GLN B 387 -44.38 14.11 10.91
C GLN B 387 -43.30 14.14 9.87
N PRO B 388 -43.26 13.09 9.05
CA PRO B 388 -42.37 13.19 7.89
C PRO B 388 -42.87 14.31 6.99
N THR B 389 -41.96 15.18 6.59
CA THR B 389 -42.37 16.43 5.95
C THR B 389 -41.62 16.60 4.63
N ILE B 390 -42.34 17.12 3.64
CA ILE B 390 -41.78 17.46 2.33
C ILE B 390 -42.16 18.89 1.93
N TRP B 391 -41.17 19.71 1.55
CA TRP B 391 -41.42 21.09 1.10
C TRP B 391 -41.04 21.20 -0.33
N THR B 392 -41.72 22.11 -1.05
CA THR B 392 -41.24 22.68 -2.32
C THR B 392 -41.38 24.20 -2.32
N GLY B 393 -40.92 24.84 -3.40
CA GLY B 393 -41.12 26.28 -3.58
C GLY B 393 -40.08 27.21 -2.97
N LEU B 394 -39.27 26.74 -2.03
CA LEU B 394 -38.22 27.58 -1.48
C LEU B 394 -37.10 27.85 -2.48
N SER B 395 -36.37 28.92 -2.22
CA SER B 395 -35.21 29.28 -3.02
C SER B 395 -33.98 28.68 -2.39
N ASP B 396 -32.90 28.62 -3.15
CA ASP B 396 -31.65 28.05 -2.65
C ASP B 396 -31.05 28.88 -1.54
N LYS B 397 -31.56 30.07 -1.31
CA LYS B 397 -30.98 30.90 -0.24
C LYS B 397 -31.81 30.83 1.02
N ALA B 398 -33.00 30.23 0.95
CA ALA B 398 -33.84 30.07 2.13
C ALA B 398 -33.08 29.32 3.23
N ARG B 399 -33.39 29.64 4.49
CA ARG B 399 -32.63 29.12 5.62
C ARG B 399 -32.93 27.62 5.78
N CYS B 400 -34.12 27.23 5.36
CA CYS B 400 -34.59 25.88 5.53
C CYS B 400 -33.96 24.97 4.52
N VAL B 401 -33.29 25.56 3.54
CA VAL B 401 -32.61 24.80 2.53
C VAL B 401 -31.11 24.86 2.74
N THR B 402 -30.68 25.72 3.67
CA THR B 402 -29.26 25.88 3.89
C THR B 402 -28.78 25.49 5.27
N GLU B 403 -29.68 25.47 6.25
CA GLU B 403 -29.27 25.10 7.61
C GLU B 403 -29.75 23.70 7.98
N GLU B 404 -28.88 22.99 8.69
CA GLU B 404 -29.14 21.61 9.05
C GLU B 404 -30.25 21.55 10.08
N ILE B 405 -31.32 20.83 9.73
CA ILE B 405 -32.51 20.74 10.57
C ILE B 405 -32.43 19.49 11.45
N PHE B 406 -32.00 18.38 10.86
CA PHE B 406 -31.76 17.16 11.59
C PHE B 406 -33.07 16.57 12.04
N GLY B 407 -34.08 16.72 11.19
CA GLY B 407 -35.37 16.08 11.37
C GLY B 407 -35.88 15.41 10.10
N PRO B 408 -37.07 14.78 10.16
CA PRO B 408 -37.49 13.99 8.99
C PRO B 408 -38.11 14.85 7.91
N VAL B 409 -37.26 15.58 7.21
CA VAL B 409 -37.73 16.50 6.20
C VAL B 409 -36.79 16.63 5.02
N CYS B 410 -37.36 16.94 3.88
CA CYS B 410 -36.58 17.39 2.77
C CYS B 410 -37.32 18.38 1.92
N HIS B 411 -36.57 19.32 1.40
CA HIS B 411 -37.06 20.19 0.37
C HIS B 411 -36.68 19.59 -1.00
N ILE B 412 -37.58 19.71 -1.95
CA ILE B 412 -37.37 19.22 -3.31
C ILE B 412 -37.46 20.36 -4.30
N SER B 413 -36.43 20.51 -5.11
CA SER B 413 -36.33 21.57 -6.05
C SER B 413 -36.06 20.97 -7.42
N PRO B 414 -36.60 21.58 -8.48
CA PRO B 414 -36.27 21.05 -9.80
C PRO B 414 -34.94 21.60 -10.31
N PHE B 415 -34.35 20.94 -11.30
CA PHE B 415 -33.18 21.48 -11.97
C PHE B 415 -33.20 21.07 -13.42
N ASP B 416 -32.37 21.74 -14.23
CA ASP B 416 -32.38 21.55 -15.68
C ASP B 416 -31.05 21.02 -16.20
N ASP B 417 -29.96 21.65 -15.77
CA ASP B 417 -28.62 21.31 -16.27
C ASP B 417 -27.76 20.56 -15.25
N GLU B 418 -26.87 19.72 -15.77
CA GLU B 418 -25.90 19.01 -14.94
C GLU B 418 -24.90 19.94 -14.25
N ASP B 419 -24.27 20.86 -14.98
CA ASP B 419 -23.34 21.81 -14.36
C ASP B 419 -24.09 22.67 -13.33
N GLU B 420 -25.35 22.99 -13.61
CA GLU B 420 -26.13 23.78 -12.69
C GLU B 420 -26.34 23.01 -11.39
N VAL B 421 -26.78 21.74 -11.47
CA VAL B 421 -27.13 21.06 -10.24
C VAL B 421 -25.85 20.80 -9.38
N ILE B 422 -24.75 20.48 -10.03
CA ILE B 422 -23.49 20.38 -9.34
C ILE B 422 -23.13 21.68 -8.59
N ASN B 423 -23.30 22.84 -9.23
CA ASN B 423 -23.04 24.11 -8.53
C ASN B 423 -23.96 24.32 -7.33
N ARG B 424 -25.23 24.03 -7.51
CA ARG B 424 -26.17 24.19 -6.41
C ARG B 424 -25.89 23.21 -5.28
N VAL B 425 -25.56 21.97 -5.61
CA VAL B 425 -25.19 21.03 -4.55
C VAL B 425 -23.98 21.54 -3.76
N ASN B 426 -22.95 22.00 -4.47
CA ASN B 426 -21.68 22.43 -3.85
C ASN B 426 -21.69 23.81 -3.16
N ASP B 427 -22.76 24.58 -3.39
CA ASP B 427 -22.91 25.94 -2.84
C ASP B 427 -23.38 25.85 -1.40
N SER B 428 -22.48 25.43 -0.53
CA SER B 428 -22.82 25.06 0.85
C SER B 428 -21.55 25.20 1.68
N ASN B 429 -21.72 25.63 2.92
CA ASN B 429 -20.58 25.71 3.85
C ASN B 429 -20.24 24.31 4.37
N TYR B 430 -21.11 23.37 4.08
CA TYR B 430 -20.97 21.99 4.48
C TYR B 430 -20.55 21.19 3.25
N GLY B 431 -20.21 19.92 3.48
CA GLY B 431 -19.97 18.99 2.41
C GLY B 431 -19.66 17.64 3.00
N LEU B 432 -20.69 16.99 3.53
CA LEU B 432 -20.48 15.67 4.12
C LEU B 432 -20.76 14.56 3.11
N ALA B 433 -21.99 14.47 2.64
CA ALA B 433 -22.37 13.40 1.71
C ALA B 433 -23.34 13.88 0.65
N CYS B 434 -23.37 13.13 -0.46
CA CYS B 434 -24.32 13.38 -1.52
C CYS B 434 -24.75 12.03 -2.13
N ALA B 435 -26.01 11.93 -2.52
CA ALA B 435 -26.51 10.76 -3.24
C ALA B 435 -26.95 11.19 -4.64
N ILE B 436 -26.57 10.42 -5.63
CA ILE B 436 -26.94 10.70 -6.99
C ILE B 436 -27.67 9.50 -7.56
N TRP B 437 -28.70 9.73 -8.37
CA TRP B 437 -29.44 8.67 -9.03
C TRP B 437 -29.36 8.85 -10.56
N THR B 438 -28.77 7.86 -11.22
CA THR B 438 -28.70 7.90 -12.68
C THR B 438 -28.34 6.49 -13.10
N THR B 439 -28.75 6.11 -14.31
CA THR B 439 -28.37 4.82 -14.88
C THR B 439 -27.25 4.95 -15.90
N ASN B 440 -26.78 6.17 -16.12
CA ASN B 440 -25.82 6.42 -17.18
C ASN B 440 -24.39 6.27 -16.62
N LEU B 441 -23.59 5.45 -17.29
CA LEU B 441 -22.23 5.15 -16.85
C LEU B 441 -21.34 6.39 -16.71
N SER B 442 -21.24 7.18 -17.78
CA SER B 442 -20.35 8.33 -17.77
C SER B 442 -20.84 9.31 -16.75
N ARG B 443 -22.12 9.65 -16.81
CA ARG B 443 -22.66 10.64 -15.90
C ARG B 443 -22.30 10.30 -14.47
N ALA B 444 -22.45 9.02 -14.11
CA ALA B 444 -22.25 8.63 -12.73
C ALA B 444 -20.87 9.04 -12.23
N HIS B 445 -19.87 8.72 -13.02
CA HIS B 445 -18.49 8.97 -12.63
C HIS B 445 -18.09 10.42 -12.82
N ARG B 446 -18.54 11.01 -13.90
CA ARG B 446 -18.29 12.42 -14.18
C ARG B 446 -18.89 13.32 -13.09
N VAL B 447 -20.14 13.12 -12.74
CA VAL B 447 -20.78 13.96 -11.71
C VAL B 447 -20.22 13.69 -10.31
N SER B 448 -20.05 12.41 -9.93
CA SER B 448 -19.65 12.10 -8.56
C SER B 448 -18.36 12.80 -8.21
N ARG B 449 -17.41 12.84 -9.14
CA ARG B 449 -16.10 13.38 -8.81
C ARG B 449 -16.11 14.88 -8.67
N GLN B 450 -17.19 15.53 -9.10
CA GLN B 450 -17.27 16.98 -9.02
C GLN B 450 -18.04 17.46 -7.79
N ILE B 451 -18.57 16.54 -6.99
CA ILE B 451 -19.36 16.96 -5.84
C ILE B 451 -18.42 17.12 -4.69
N HIS B 452 -18.45 18.30 -4.07
CA HIS B 452 -17.46 18.66 -3.05
C HIS B 452 -17.90 18.14 -1.67
N VAL B 453 -17.80 16.82 -1.48
CA VAL B 453 -18.16 16.17 -0.24
C VAL B 453 -17.16 15.06 0.01
N GLY B 454 -17.22 14.42 1.16
CA GLY B 454 -16.36 13.28 1.40
C GLY B 454 -16.89 11.94 0.93
N LEU B 455 -18.20 11.88 0.76
CA LEU B 455 -18.91 10.63 0.45
C LEU B 455 -20.00 10.88 -0.58
N VAL B 456 -19.90 10.24 -1.72
CA VAL B 456 -20.96 10.26 -2.71
C VAL B 456 -21.50 8.83 -2.80
N TRP B 457 -22.81 8.65 -2.78
CA TRP B 457 -23.38 7.36 -3.13
C TRP B 457 -24.09 7.48 -4.47
N VAL B 458 -23.92 6.47 -5.30
CA VAL B 458 -24.62 6.42 -6.57
C VAL B 458 -25.64 5.27 -6.55
N ASN B 459 -26.93 5.60 -6.76
CA ASN B 459 -28.03 4.65 -6.76
C ASN B 459 -28.16 3.85 -5.48
N THR B 460 -27.81 4.48 -4.37
CA THR B 460 -28.03 3.92 -3.04
C THR B 460 -27.82 5.03 -2.04
N TRP B 461 -27.89 4.68 -0.76
CA TRP B 461 -27.56 5.61 0.31
C TRP B 461 -27.15 4.90 1.60
N TYR B 462 -26.28 5.53 2.37
CA TYR B 462 -25.73 4.92 3.56
C TYR B 462 -25.40 3.44 3.39
N LEU B 463 -24.68 3.09 2.33
CA LEU B 463 -23.98 1.81 2.26
C LEU B 463 -22.55 1.99 2.80
N ARG B 464 -22.15 1.21 3.80
CA ARG B 464 -20.91 1.44 4.51
C ARG B 464 -19.99 0.24 4.43
N ASP B 465 -18.79 0.48 3.96
CA ASP B 465 -17.73 -0.50 4.01
C ASP B 465 -16.70 0.10 4.99
N LEU B 466 -16.41 -0.58 6.09
CA LEU B 466 -15.70 0.08 7.17
C LEU B 466 -14.17 0.32 6.84
N ARG B 467 -13.71 -0.18 5.70
CA ARG B 467 -12.31 0.03 5.27
C ARG B 467 -12.13 1.39 4.60
N THR B 468 -13.23 2.01 4.20
CA THR B 468 -13.11 3.22 3.37
C THR B 468 -12.90 4.48 4.18
N PRO B 469 -12.26 5.48 3.58
CA PRO B 469 -12.15 6.73 4.35
C PRO B 469 -13.52 7.38 4.50
N PHE B 470 -13.78 7.89 5.69
CA PHE B 470 -15.06 8.46 5.99
C PHE B 470 -14.81 9.80 6.65
N GLY B 471 -15.39 10.84 6.07
CA GLY B 471 -15.27 12.16 6.66
C GLY B 471 -15.87 13.16 5.72
N GLY B 472 -15.75 14.44 6.10
CA GLY B 472 -16.31 15.55 5.35
C GLY B 472 -15.30 16.61 4.93
N VAL B 473 -15.74 17.55 4.10
CA VAL B 473 -14.96 18.76 3.81
C VAL B 473 -15.64 20.01 4.43
N LYS B 474 -14.96 21.15 4.30
CA LYS B 474 -15.44 22.45 4.79
C LYS B 474 -15.93 22.29 6.23
N LEU B 475 -17.09 22.85 6.58
CA LEU B 475 -17.56 22.77 7.99
C LEU B 475 -17.98 21.36 8.41
N SER B 476 -18.06 20.43 7.45
CA SER B 476 -18.56 19.10 7.76
C SER B 476 -17.51 18.26 8.46
N GLY B 477 -16.29 18.77 8.56
CA GLY B 477 -15.29 18.00 9.29
C GLY B 477 -13.83 18.30 9.09
N LEU B 478 -13.05 17.39 9.65
CA LEU B 478 -11.62 17.53 9.69
C LEU B 478 -11.07 16.11 9.79
N GLY B 479 -10.17 15.74 8.89
CA GLY B 479 -9.53 14.42 8.96
C GLY B 479 -10.39 13.31 8.39
N ARG B 480 -9.83 12.10 8.32
CA ARG B 480 -10.58 10.95 7.83
C ARG B 480 -10.49 9.83 8.83
N GLU B 481 -11.59 9.08 8.96
CA GLU B 481 -11.58 7.86 9.74
C GLU B 481 -12.02 6.71 8.84
N GLY B 482 -11.87 5.49 9.34
CA GLY B 482 -12.15 4.27 8.60
C GLY B 482 -10.86 3.62 8.14
N GLY B 483 -10.82 2.30 8.02
CA GLY B 483 -9.64 1.63 7.53
C GLY B 483 -8.32 2.12 8.14
N ARG B 484 -7.29 2.19 7.30
CA ARG B 484 -5.98 2.63 7.73
C ARG B 484 -6.02 4.10 8.21
N PHE B 485 -7.03 4.83 7.79
CA PHE B 485 -7.15 6.21 8.23
C PHE B 485 -7.42 6.23 9.72
N SER B 486 -8.26 5.31 10.19
CA SER B 486 -8.36 5.13 11.61
C SER B 486 -7.06 4.60 12.23
N MET B 487 -6.44 3.58 11.64
CA MET B 487 -5.24 3.00 12.29
C MET B 487 -4.17 4.08 12.40
N ASP B 488 -4.20 5.04 11.48
CA ASP B 488 -3.22 6.13 11.48
C ASP B 488 -3.62 7.22 12.45
N PHE B 489 -4.89 7.61 12.50
CA PHE B 489 -5.26 8.63 13.48
C PHE B 489 -5.08 8.20 14.93
N TYR B 490 -5.33 6.94 15.24
CA TYR B 490 -5.29 6.50 16.63
C TYR B 490 -3.90 6.01 17.02
N SER B 491 -2.94 6.24 16.14
CA SER B 491 -1.56 5.86 16.40
C SER B 491 -0.57 7.02 16.30
N ASP B 492 0.48 6.99 17.11
CA ASP B 492 1.70 7.77 16.83
C ASP B 492 2.34 7.09 15.62
N ILE B 493 2.56 7.82 14.54
CA ILE B 493 3.43 7.31 13.48
C ILE B 493 4.85 7.81 13.75
N ALA B 494 5.78 6.88 13.85
CA ALA B 494 7.17 7.23 14.20
C ALA B 494 8.14 6.72 13.13
N ASN B 495 9.07 7.58 12.72
CA ASN B 495 10.12 7.17 11.78
C ASN B 495 11.41 6.92 12.52
N ILE B 496 12.01 5.75 12.30
CA ILE B 496 13.29 5.40 12.86
C ILE B 496 14.31 5.26 11.74
N CYS B 497 15.37 6.06 11.80
CA CYS B 497 16.39 6.08 10.75
C CYS B 497 17.71 5.51 11.26
N ILE B 498 18.04 4.31 10.79
CA ILE B 498 19.30 3.65 11.10
C ILE B 498 20.41 3.93 10.06
N LYS B 499 21.52 4.54 10.48
CA LYS B 499 22.72 4.68 9.63
C LYS B 499 23.52 3.40 9.68
N ILE B 500 23.91 2.85 8.52
CA ILE B 500 24.56 1.55 8.52
C ILE B 500 26.11 1.64 8.48
N LEU C 20 -7.46 -44.74 5.49
CA LEU C 20 -7.35 -43.36 5.00
C LEU C 20 -7.90 -43.26 3.59
N LEU C 21 -9.06 -42.62 3.46
CA LEU C 21 -9.70 -42.45 2.16
C LEU C 21 -9.49 -41.07 1.52
N ASN C 22 -9.63 -41.02 0.20
CA ASN C 22 -9.68 -39.75 -0.51
C ASN C 22 -10.98 -39.03 -0.18
N TYR C 23 -11.02 -37.71 -0.39
CA TYR C 23 -12.26 -36.95 -0.18
C TYR C 23 -12.53 -36.19 -1.47
N ILE C 24 -13.64 -36.55 -2.12
CA ILE C 24 -13.91 -36.07 -3.47
C ILE C 24 -15.37 -35.69 -3.66
N ASP C 25 -15.58 -34.44 -4.02
CA ASP C 25 -16.91 -33.92 -4.29
C ASP C 25 -17.77 -34.24 -3.10
N GLY C 26 -17.25 -33.94 -1.92
CA GLY C 26 -18.02 -34.07 -0.69
C GLY C 26 -18.10 -35.48 -0.10
N ASN C 27 -17.54 -36.48 -0.78
CA ASN C 27 -17.60 -37.87 -0.28
C ASN C 27 -16.24 -38.51 -0.01
N PHE C 28 -16.13 -39.19 1.12
CA PHE C 28 -15.03 -40.10 1.33
C PHE C 28 -15.14 -41.36 0.47
N VAL C 29 -14.11 -41.59 -0.35
CA VAL C 29 -14.10 -42.69 -1.32
C VAL C 29 -12.79 -43.48 -1.34
N THR C 30 -12.92 -44.76 -1.71
CA THR C 30 -11.78 -45.68 -1.78
C THR C 30 -11.25 -45.70 -3.21
N SER C 31 -10.15 -46.42 -3.40
CA SER C 31 -9.58 -46.63 -4.72
C SER C 31 -9.30 -48.11 -4.97
N ALA C 32 -9.04 -48.45 -6.22
CA ALA C 32 -8.69 -49.81 -6.60
C ALA C 32 -7.23 -50.19 -6.25
N SER C 33 -6.61 -49.46 -5.32
CA SER C 33 -5.25 -49.77 -4.92
C SER C 33 -4.86 -48.96 -3.71
N SER C 34 -4.30 -49.61 -2.70
CA SER C 34 -3.90 -48.91 -1.48
C SER C 34 -2.40 -49.06 -1.27
N PHE C 35 -1.83 -48.22 -0.41
CA PHE C 35 -0.43 -48.35 -0.02
C PHE C 35 -0.31 -48.21 1.48
N ALA C 36 0.85 -48.62 2.01
CA ALA C 36 1.05 -48.67 3.44
C ALA C 36 1.61 -47.38 3.96
N ASN C 37 1.11 -46.95 5.11
CA ASN C 37 1.66 -45.83 5.85
C ASN C 37 2.34 -46.42 7.07
N ILE C 38 3.65 -46.21 7.17
CA ILE C 38 4.48 -46.85 8.20
C ILE C 38 4.91 -45.85 9.28
N ASN C 39 4.66 -46.20 10.54
CA ASN C 39 5.22 -45.47 11.66
C ASN C 39 6.74 -45.63 11.65
N PRO C 40 7.46 -44.51 11.54
CA PRO C 40 8.92 -44.60 11.43
C PRO C 40 9.59 -44.72 12.79
N VAL C 41 8.84 -44.62 13.88
CA VAL C 41 9.42 -44.83 15.20
C VAL C 41 9.80 -46.31 15.37
N ASN C 42 9.04 -47.20 14.73
CA ASN C 42 9.16 -48.61 15.02
C ASN C 42 8.89 -49.54 13.85
N GLY C 43 8.67 -48.99 12.65
CA GLY C 43 8.46 -49.80 11.46
C GLY C 43 7.08 -50.44 11.32
N LYS C 44 6.21 -50.23 12.31
CA LYS C 44 4.85 -50.80 12.34
C LYS C 44 3.85 -50.07 11.41
N LEU C 45 3.02 -50.85 10.72
CA LEU C 45 1.95 -50.28 9.90
C LEU C 45 0.92 -49.52 10.73
N ILE C 46 0.65 -48.27 10.32
CA ILE C 46 -0.33 -47.39 10.95
C ILE C 46 -1.68 -47.53 10.27
N SER C 47 -1.66 -47.63 8.94
CA SER C 47 -2.89 -47.65 8.14
C SER C 47 -2.64 -47.88 6.65
N ASP C 48 -3.70 -48.26 5.94
CA ASP C 48 -3.61 -48.34 4.48
C ASP C 48 -4.21 -47.06 3.91
N VAL C 49 -3.63 -46.62 2.80
CA VAL C 49 -4.02 -45.37 2.17
C VAL C 49 -4.47 -45.64 0.73
N PHE C 50 -5.75 -45.41 0.43
CA PHE C 50 -6.21 -45.60 -0.95
C PHE C 50 -5.63 -44.58 -1.94
N GLU C 51 -4.96 -45.06 -2.96
CA GLU C 51 -4.31 -44.26 -4.00
C GLU C 51 -5.27 -43.83 -5.13
N ALA C 52 -5.48 -42.52 -5.31
CA ALA C 52 -6.37 -42.04 -6.38
C ALA C 52 -5.81 -42.31 -7.78
N ASP C 53 -6.65 -42.83 -8.67
CA ASP C 53 -6.21 -43.05 -10.05
C ASP C 53 -6.52 -41.81 -10.91
N ALA C 54 -6.13 -41.85 -12.18
CA ALA C 54 -6.31 -40.73 -13.07
C ALA C 54 -7.78 -40.32 -13.17
N LYS C 55 -8.65 -41.32 -13.28
CA LYS C 55 -10.10 -41.09 -13.35
C LYS C 55 -10.62 -40.32 -12.11
N GLN C 56 -10.05 -40.64 -10.95
CA GLN C 56 -10.48 -40.03 -9.69
C GLN C 56 -9.97 -38.59 -9.52
N VAL C 57 -8.74 -38.35 -9.98
CA VAL C 57 -8.16 -37.01 -10.00
C VAL C 57 -9.01 -36.10 -10.90
N ASN C 58 -9.28 -36.54 -12.14
CA ASN C 58 -10.22 -35.86 -13.00
C ASN C 58 -11.54 -35.56 -12.30
N GLU C 59 -12.10 -36.56 -11.63
CA GLU C 59 -13.33 -36.34 -10.89
C GLU C 59 -13.21 -35.23 -9.85
N ALA C 60 -12.04 -35.12 -9.23
CA ALA C 60 -11.80 -34.12 -8.19
C ALA C 60 -11.75 -32.71 -8.80
N VAL C 61 -10.99 -32.61 -9.88
CA VAL C 61 -10.81 -31.37 -10.59
C VAL C 61 -12.14 -30.90 -11.17
N VAL C 62 -12.81 -31.76 -11.92
CA VAL C 62 -14.15 -31.40 -12.46
C VAL C 62 -15.11 -30.87 -11.37
N ALA C 63 -15.10 -31.51 -10.21
CA ALA C 63 -15.99 -31.12 -9.12
C ALA C 63 -15.57 -29.80 -8.49
N ALA C 64 -14.26 -29.54 -8.48
CA ALA C 64 -13.74 -28.27 -7.96
C ALA C 64 -14.14 -27.15 -8.92
N GLN C 65 -14.00 -27.43 -10.21
CA GLN C 65 -14.44 -26.51 -11.24
C GLN C 65 -15.91 -26.14 -11.03
N ASN C 66 -16.74 -27.15 -10.75
CA ASN C 66 -18.18 -26.92 -10.61
C ASN C 66 -18.48 -26.23 -9.31
N ALA C 67 -17.67 -26.52 -8.30
CA ALA C 67 -17.85 -25.88 -7.01
C ALA C 67 -17.70 -24.36 -7.11
N LEU C 68 -16.93 -23.88 -8.09
CA LEU C 68 -16.74 -22.43 -8.22
C LEU C 68 -18.04 -21.74 -8.62
N LYS C 69 -18.97 -22.46 -9.27
CA LYS C 69 -20.24 -21.90 -9.72
C LYS C 69 -21.38 -22.21 -8.76
N GLY C 70 -21.06 -22.75 -7.59
CA GLY C 70 -22.07 -23.05 -6.60
C GLY C 70 -22.06 -22.10 -5.42
N PRO C 71 -22.68 -22.51 -4.31
CA PRO C 71 -22.76 -21.73 -3.07
C PRO C 71 -21.41 -21.14 -2.61
N TRP C 72 -20.32 -21.88 -2.75
CA TRP C 72 -19.01 -21.35 -2.37
C TRP C 72 -18.71 -20.08 -3.17
N GLY C 73 -19.03 -20.13 -4.46
CA GLY C 73 -18.80 -19.01 -5.35
C GLY C 73 -19.64 -17.78 -5.01
N LYS C 74 -20.70 -17.96 -4.24
CA LYS C 74 -21.63 -16.86 -4.00
C LYS C 74 -21.45 -16.27 -2.62
N LEU C 75 -20.55 -16.86 -1.82
CA LEU C 75 -20.30 -16.35 -0.49
C LEU C 75 -19.63 -14.98 -0.57
N SER C 76 -20.08 -14.07 0.28
CA SER C 76 -19.39 -12.80 0.42
C SER C 76 -18.03 -13.10 1.04
N VAL C 77 -17.12 -12.14 0.94
CA VAL C 77 -15.80 -12.28 1.53
C VAL C 77 -15.90 -12.43 3.06
N GLN C 78 -16.86 -11.75 3.67
CA GLN C 78 -17.03 -11.90 5.10
C GLN C 78 -17.55 -13.32 5.47
N ASP C 79 -18.49 -13.87 4.72
CA ASP C 79 -19.00 -15.20 5.06
C ASP C 79 -17.97 -16.32 4.73
N ARG C 80 -17.20 -16.12 3.67
CA ARG C 80 -16.08 -16.98 3.35
C ARG C 80 -15.10 -17.07 4.51
N ALA C 81 -14.65 -15.92 4.97
CA ALA C 81 -13.68 -15.86 6.04
C ALA C 81 -14.24 -16.50 7.30
N ALA C 82 -15.53 -16.33 7.52
CA ALA C 82 -16.17 -16.89 8.72
C ALA C 82 -16.11 -18.41 8.63
N LEU C 83 -16.41 -18.93 7.45
CA LEU C 83 -16.39 -20.36 7.27
C LEU C 83 -14.95 -20.91 7.45
N ILE C 84 -13.96 -20.13 7.03
CA ILE C 84 -12.58 -20.53 7.17
C ILE C 84 -12.18 -20.52 8.63
N HIS C 85 -12.72 -19.56 9.37
CA HIS C 85 -12.45 -19.46 10.79
C HIS C 85 -13.09 -20.65 11.53
N LYS C 86 -14.20 -21.13 10.98
CA LYS C 86 -14.87 -22.33 11.42
C LYS C 86 -14.03 -23.60 11.14
N ILE C 87 -13.33 -23.67 10.00
CA ILE C 87 -12.36 -24.75 9.75
C ILE C 87 -11.29 -24.71 10.83
N ALA C 88 -10.74 -23.52 11.09
CA ALA C 88 -9.79 -23.34 12.19
C ALA C 88 -10.35 -23.85 13.50
N ASP C 89 -11.54 -23.39 13.89
CA ASP C 89 -12.19 -23.81 15.12
C ASP C 89 -12.29 -25.32 15.15
N GLY C 90 -12.60 -25.91 14.00
CA GLY C 90 -12.78 -27.34 13.91
C GLY C 90 -11.51 -28.07 14.29
N ILE C 91 -10.37 -27.53 13.87
CA ILE C 91 -9.09 -28.14 14.19
C ILE C 91 -8.76 -28.00 15.65
N GLN C 92 -8.94 -26.78 16.18
CA GLN C 92 -8.78 -26.54 17.60
C GLN C 92 -9.62 -27.52 18.45
N ALA C 93 -10.84 -27.78 18.02
CA ALA C 93 -11.71 -28.71 18.71
C ALA C 93 -11.18 -30.16 18.73
N ARG C 94 -10.39 -30.53 17.73
CA ARG C 94 -9.87 -31.89 17.70
C ARG C 94 -8.37 -31.83 17.80
N PHE C 95 -7.86 -30.85 18.53
CA PHE C 95 -6.45 -30.57 18.55
C PHE C 95 -5.62 -31.82 18.77
N GLU C 96 -5.94 -32.55 19.82
CA GLU C 96 -5.13 -33.70 20.20
C GLU C 96 -5.20 -34.86 19.20
N GLU C 97 -6.33 -35.07 18.53
CA GLU C 97 -6.31 -36.02 17.41
C GLU C 97 -5.35 -35.57 16.31
N PHE C 98 -5.15 -34.26 16.19
CA PHE C 98 -4.31 -33.74 15.11
C PHE C 98 -2.84 -33.96 15.47
N VAL C 99 -2.51 -33.66 16.72
CA VAL C 99 -1.19 -33.92 17.27
C VAL C 99 -0.84 -35.41 17.06
N ALA C 100 -1.73 -36.29 17.52
CA ALA C 100 -1.53 -37.74 17.38
C ALA C 100 -1.34 -38.14 15.92
N ALA C 101 -2.19 -37.64 15.03
CA ALA C 101 -2.07 -38.04 13.64
C ALA C 101 -0.68 -37.66 13.07
N GLU C 102 -0.23 -36.45 13.39
CA GLU C 102 1.04 -35.94 12.88
C GLU C 102 2.22 -36.71 13.50
N VAL C 103 2.16 -36.94 14.81
CA VAL C 103 3.18 -37.73 15.48
C VAL C 103 3.32 -39.13 14.85
N ALA C 104 2.23 -39.87 14.83
CA ALA C 104 2.25 -41.19 14.29
C ALA C 104 2.93 -41.27 12.92
N ASP C 105 2.51 -40.41 11.99
CA ASP C 105 2.99 -40.45 10.61
C ASP C 105 4.50 -40.23 10.54
N THR C 106 5.01 -39.40 11.44
CA THR C 106 6.35 -38.82 11.26
C THR C 106 7.35 -39.04 12.40
N GLY C 107 6.85 -39.28 13.60
CA GLY C 107 7.70 -39.51 14.75
C GLY C 107 8.18 -38.21 15.37
N ARG C 108 7.52 -37.11 15.08
CA ARG C 108 8.02 -35.85 15.62
C ARG C 108 7.72 -35.83 17.14
N PRO C 109 8.59 -35.26 17.96
CA PRO C 109 8.28 -35.04 19.38
C PRO C 109 6.89 -34.52 19.60
N VAL C 110 6.17 -35.13 20.53
CA VAL C 110 4.80 -34.74 20.81
C VAL C 110 4.74 -33.28 21.19
N HIS C 111 5.77 -32.79 21.88
CA HIS C 111 5.76 -31.40 22.28
C HIS C 111 5.77 -30.44 21.07
N GLN C 112 6.59 -30.75 20.07
CA GLN C 112 6.71 -29.87 18.93
C GLN C 112 5.45 -29.93 18.05
N ALA C 113 4.85 -31.11 17.88
CA ALA C 113 3.61 -31.19 17.14
C ALA C 113 2.60 -30.31 17.87
N ARG C 114 2.70 -30.31 19.19
CA ARG C 114 1.71 -29.70 20.04
C ARG C 114 1.88 -28.18 20.15
N THR C 115 3.08 -27.66 19.93
CA THR C 115 3.25 -26.19 20.05
C THR C 115 3.77 -25.47 18.78
N LEU C 116 4.17 -26.23 17.78
CA LEU C 116 4.55 -25.67 16.49
C LEU C 116 3.59 -26.15 15.40
N ASP C 117 3.59 -27.43 15.11
CA ASP C 117 2.90 -27.94 13.94
C ASP C 117 1.39 -27.62 13.94
N ILE C 118 0.67 -28.02 14.99
CA ILE C 118 -0.77 -27.91 14.94
C ILE C 118 -1.20 -26.45 15.11
N PRO C 119 -0.63 -25.73 16.09
CA PRO C 119 -0.97 -24.30 16.19
C PRO C 119 -0.67 -23.49 14.90
N ARG C 120 0.42 -23.81 14.20
CA ARG C 120 0.75 -23.04 13.01
C ARG C 120 -0.27 -23.32 11.92
N ALA C 121 -0.80 -24.53 11.86
CA ALA C 121 -1.79 -24.87 10.84
C ALA C 121 -3.09 -24.14 11.12
N ILE C 122 -3.41 -23.97 12.38
CA ILE C 122 -4.63 -23.29 12.74
C ILE C 122 -4.42 -21.81 12.41
N ALA C 123 -3.24 -21.30 12.70
CA ALA C 123 -2.94 -19.88 12.43
C ALA C 123 -2.90 -19.59 10.93
N ASN C 124 -2.49 -20.57 10.12
CA ASN C 124 -2.55 -20.40 8.68
C ASN C 124 -3.97 -20.06 8.28
N PHE C 125 -4.92 -20.88 8.71
CA PHE C 125 -6.29 -20.63 8.30
C PHE C 125 -6.76 -19.24 8.76
N ARG C 126 -6.41 -18.85 9.98
CA ARG C 126 -6.98 -17.65 10.60
C ARG C 126 -6.43 -16.39 9.98
N THR C 127 -5.15 -16.44 9.69
CA THR C 127 -4.43 -15.30 9.15
C THR C 127 -4.94 -15.00 7.74
N PHE C 128 -5.15 -16.03 6.95
CA PHE C 128 -5.52 -15.76 5.57
C PHE C 128 -7.00 -15.44 5.50
N ALA C 129 -7.79 -15.99 6.40
CA ALA C 129 -9.17 -15.57 6.50
C ALA C 129 -9.26 -14.06 6.81
N ASP C 130 -8.44 -13.64 7.76
CA ASP C 130 -8.38 -12.23 8.13
C ASP C 130 -7.92 -11.38 6.95
N LEU C 131 -6.95 -11.85 6.19
CA LEU C 131 -6.47 -11.10 5.04
C LEU C 131 -7.54 -10.97 3.97
N ALA C 132 -8.37 -11.99 3.84
CA ALA C 132 -9.38 -12.02 2.84
C ALA C 132 -10.37 -10.91 3.10
N LYS C 133 -10.53 -10.53 4.37
CA LYS C 133 -11.49 -9.52 4.74
C LYS C 133 -10.89 -8.12 4.63
N THR C 134 -9.61 -7.97 4.90
CA THR C 134 -8.98 -6.64 4.87
C THR C 134 -8.37 -6.23 3.50
N SER C 135 -8.21 -7.17 2.58
CA SER C 135 -7.46 -6.91 1.35
C SER C 135 -8.30 -6.04 0.44
N HIS C 136 -7.67 -5.09 -0.21
CA HIS C 136 -8.41 -4.28 -1.16
C HIS C 136 -7.52 -4.09 -2.34
N THR C 137 -8.00 -3.41 -3.38
CA THR C 137 -7.21 -3.27 -4.62
C THR C 137 -7.07 -1.77 -4.97
N ASP C 138 -6.85 -1.45 -6.24
CA ASP C 138 -6.33 -0.13 -6.63
C ASP C 138 -7.24 0.64 -7.59
N LEU C 139 -7.19 1.97 -7.46
CA LEU C 139 -7.86 2.90 -8.36
C LEU C 139 -6.81 3.83 -8.97
N PHE C 140 -6.81 3.89 -10.28
CA PHE C 140 -5.92 4.77 -11.03
C PHE C 140 -6.73 5.70 -11.91
N GLU C 141 -6.63 7.00 -11.69
CA GLU C 141 -7.29 7.97 -12.55
C GLU C 141 -6.35 8.43 -13.68
N MET C 142 -6.91 8.74 -14.85
CA MET C 142 -6.09 9.19 -15.98
C MET C 142 -6.82 10.17 -16.89
N SER C 143 -6.05 11.05 -17.49
CA SER C 143 -6.59 12.03 -18.44
C SER C 143 -6.58 11.36 -19.78
N THR C 144 -7.46 11.84 -20.67
CA THR C 144 -7.56 11.39 -22.05
C THR C 144 -7.61 12.61 -23.00
N SER C 145 -7.46 12.37 -24.30
CA SER C 145 -7.47 13.43 -25.34
C SER C 145 -8.68 14.34 -25.32
N ASP C 146 -9.84 13.73 -25.11
CA ASP C 146 -11.09 14.46 -25.19
C ASP C 146 -11.39 15.16 -23.88
N GLY C 147 -10.50 15.02 -22.90
CA GLY C 147 -10.60 15.78 -21.67
C GLY C 147 -11.60 15.28 -20.63
N SER C 148 -12.27 14.16 -20.87
CA SER C 148 -13.19 13.64 -19.84
C SER C 148 -12.58 12.56 -18.96
N GLY C 149 -11.44 12.03 -19.35
CA GLY C 149 -10.71 11.10 -18.50
C GLY C 149 -11.18 9.66 -18.56
N ALA C 150 -10.53 8.83 -17.73
CA ALA C 150 -10.87 7.43 -17.58
C ALA C 150 -10.48 6.96 -16.17
N LEU C 151 -11.11 5.89 -15.71
CA LEU C 151 -10.76 5.22 -14.43
C LEU C 151 -10.26 3.84 -14.70
N ASN C 152 -9.17 3.45 -14.08
CA ASN C 152 -8.78 2.05 -14.03
C ASN C 152 -8.91 1.56 -12.63
N TYR C 153 -9.64 0.49 -12.41
CA TYR C 153 -9.58 -0.19 -11.13
C TYR C 153 -9.27 -1.68 -11.26
N THR C 154 -8.67 -2.22 -10.20
CA THR C 154 -8.35 -3.63 -10.18
C THR C 154 -9.27 -4.36 -9.25
N VAL C 155 -9.47 -5.63 -9.52
CA VAL C 155 -10.15 -6.53 -8.63
C VAL C 155 -9.34 -7.83 -8.54
N ARG C 156 -9.48 -8.51 -7.40
CA ARG C 156 -8.97 -9.86 -7.18
C ARG C 156 -10.13 -10.80 -7.35
N LYS C 157 -9.92 -11.82 -8.15
CA LYS C 157 -10.91 -12.86 -8.31
C LYS C 157 -10.24 -14.20 -8.01
N PRO C 158 -11.01 -15.23 -7.67
CA PRO C 158 -10.44 -16.57 -7.62
C PRO C 158 -9.72 -16.89 -8.92
N LEU C 159 -8.52 -17.40 -8.78
CA LEU C 159 -7.75 -17.92 -9.90
C LEU C 159 -8.49 -19.11 -10.53
N GLY C 160 -9.04 -20.00 -9.70
CA GLY C 160 -9.80 -21.13 -10.23
C GLY C 160 -9.63 -22.37 -9.35
N VAL C 161 -9.22 -23.47 -9.96
CA VAL C 161 -8.86 -24.68 -9.22
C VAL C 161 -7.38 -24.69 -8.90
N ILE C 162 -7.05 -24.80 -7.63
CA ILE C 162 -5.65 -24.82 -7.23
C ILE C 162 -5.23 -26.27 -6.97
N GLY C 163 -4.20 -26.68 -7.71
CA GLY C 163 -3.55 -27.95 -7.49
C GLY C 163 -2.49 -27.77 -6.41
N VAL C 164 -2.59 -28.58 -5.35
CA VAL C 164 -1.68 -28.49 -4.21
C VAL C 164 -0.93 -29.83 -3.99
N ILE C 165 0.39 -29.81 -4.17
CA ILE C 165 1.23 -30.98 -3.90
C ILE C 165 2.24 -30.63 -2.82
N SER C 166 2.09 -31.28 -1.66
CA SER C 166 2.75 -30.81 -0.46
C SER C 166 3.58 -31.90 0.21
N PRO C 167 4.60 -31.48 0.97
CA PRO C 167 5.64 -32.35 1.53
C PRO C 167 5.32 -33.06 2.85
N TRP C 168 6.26 -33.94 3.22
CA TRP C 168 6.09 -34.81 4.37
C TRP C 168 6.73 -34.28 5.64
N ASN C 169 7.64 -33.30 5.52
CA ASN C 169 8.38 -32.84 6.72
C ASN C 169 7.54 -32.03 7.72
N LEU C 170 6.69 -31.12 7.25
CA LEU C 170 5.77 -30.44 8.14
C LEU C 170 4.38 -30.65 7.54
N PRO C 171 3.80 -31.81 7.79
CA PRO C 171 2.69 -32.24 6.94
C PRO C 171 1.56 -31.23 6.98
N LEU C 172 0.95 -31.02 8.14
CA LEU C 172 -0.24 -30.19 8.21
C LEU C 172 0.12 -28.71 8.02
N LEU C 173 1.27 -28.32 8.56
CA LEU C 173 1.71 -26.94 8.47
C LEU C 173 1.86 -26.49 7.01
N LEU C 174 2.55 -27.29 6.21
CA LEU C 174 2.80 -26.92 4.83
C LEU C 174 1.64 -27.22 3.94
N PHE C 175 0.84 -28.21 4.30
CA PHE C 175 -0.39 -28.47 3.60
C PHE C 175 -1.29 -27.20 3.69
N THR C 176 -1.48 -26.68 4.91
CA THR C 176 -2.45 -25.63 5.18
C THR C 176 -1.92 -24.26 4.76
N TRP C 177 -0.61 -24.09 4.80
CA TRP C 177 0.06 -22.90 4.32
C TRP C 177 -0.38 -22.60 2.88
N LYS C 178 -0.70 -23.64 2.10
CA LYS C 178 -1.13 -23.48 0.73
C LYS C 178 -2.66 -23.43 0.64
N VAL C 179 -3.29 -24.30 1.42
CA VAL C 179 -4.71 -24.50 1.28
C VAL C 179 -5.48 -23.34 1.82
N ALA C 180 -4.98 -22.76 2.92
CA ALA C 180 -5.64 -21.64 3.57
C ALA C 180 -5.76 -20.38 2.65
N PRO C 181 -4.62 -19.88 2.13
CA PRO C 181 -4.75 -18.81 1.11
C PRO C 181 -5.56 -19.20 -0.17
N ALA C 182 -5.47 -20.45 -0.62
CA ALA C 182 -6.21 -20.81 -1.80
C ALA C 182 -7.69 -20.59 -1.50
N LEU C 183 -8.13 -21.04 -0.34
CA LEU C 183 -9.55 -20.99 -0.04
C LEU C 183 -9.93 -19.55 0.29
N ALA C 184 -9.03 -18.85 0.96
CA ALA C 184 -9.27 -17.49 1.38
C ALA C 184 -9.50 -16.62 0.16
N CYS C 185 -8.81 -16.92 -0.94
CA CYS C 185 -9.01 -16.18 -2.16
C CYS C 185 -10.18 -16.68 -2.98
N GLY C 186 -10.97 -17.60 -2.43
CA GLY C 186 -12.19 -18.02 -3.09
C GLY C 186 -12.01 -19.10 -4.14
N ASN C 187 -10.80 -19.64 -4.24
CA ASN C 187 -10.57 -20.78 -5.10
C ASN C 187 -11.20 -22.04 -4.53
N THR C 188 -11.23 -23.07 -5.38
CA THR C 188 -11.38 -24.47 -4.96
C THR C 188 -10.04 -25.21 -5.11
N VAL C 189 -9.90 -26.31 -4.38
CA VAL C 189 -8.62 -26.98 -4.15
C VAL C 189 -8.65 -28.49 -4.44
N VAL C 190 -7.65 -28.99 -5.17
CA VAL C 190 -7.41 -30.43 -5.26
C VAL C 190 -6.03 -30.62 -4.68
N ALA C 191 -5.96 -31.28 -3.51
CA ALA C 191 -4.72 -31.36 -2.74
C ALA C 191 -4.20 -32.78 -2.56
N LYS C 192 -2.93 -32.98 -2.89
CA LYS C 192 -2.26 -34.28 -2.77
C LYS C 192 -1.19 -34.22 -1.70
N PRO C 193 -1.51 -34.70 -0.52
CA PRO C 193 -0.52 -34.65 0.55
C PRO C 193 0.53 -35.72 0.33
N SER C 194 1.66 -35.65 1.03
CA SER C 194 2.68 -36.67 0.85
C SER C 194 2.19 -38.09 1.20
N GLU C 195 2.60 -39.07 0.38
CA GLU C 195 2.44 -40.49 0.72
C GLU C 195 2.96 -40.86 2.14
N GLU C 196 3.95 -40.13 2.66
CA GLU C 196 4.56 -40.47 3.95
C GLU C 196 3.84 -39.84 5.15
N SER C 197 2.97 -38.88 4.89
CA SER C 197 2.28 -38.18 5.98
C SER C 197 0.86 -37.81 5.55
N PRO C 198 0.03 -38.82 5.33
CA PRO C 198 -1.31 -38.60 4.80
C PRO C 198 -2.37 -38.44 5.88
N SER C 199 -2.00 -38.53 7.15
CA SER C 199 -3.01 -38.63 8.20
C SER C 199 -3.66 -37.32 8.60
N SER C 200 -2.86 -36.30 8.90
CA SER C 200 -3.47 -35.05 9.34
C SER C 200 -4.29 -34.44 8.20
N ALA C 201 -3.88 -34.63 6.97
CA ALA C 201 -4.66 -34.08 5.87
C ALA C 201 -6.05 -34.74 5.88
N THR C 202 -6.08 -36.05 6.08
CA THR C 202 -7.35 -36.79 6.05
C THR C 202 -8.27 -36.30 7.16
N LEU C 203 -7.73 -36.03 8.33
CA LEU C 203 -8.49 -35.41 9.40
C LEU C 203 -9.01 -34.01 9.00
N LEU C 204 -8.17 -33.23 8.36
CA LEU C 204 -8.57 -31.91 7.89
C LEU C 204 -9.78 -32.03 6.98
N ALA C 205 -9.76 -32.99 6.07
CA ALA C 205 -10.92 -33.21 5.23
C ALA C 205 -12.21 -33.47 6.06
N GLU C 206 -12.08 -34.22 7.16
CA GLU C 206 -13.21 -34.43 8.09
C GLU C 206 -13.60 -33.12 8.72
N VAL C 207 -12.64 -32.30 9.08
CA VAL C 207 -13.02 -31.03 9.66
C VAL C 207 -13.81 -30.21 8.63
N MET C 208 -13.40 -30.29 7.38
CA MET C 208 -14.03 -29.46 6.39
C MET C 208 -15.42 -29.98 6.08
N HIS C 209 -15.54 -31.29 5.95
CA HIS C 209 -16.83 -31.90 5.79
C HIS C 209 -17.75 -31.51 6.94
N ASP C 210 -17.29 -31.63 8.19
CA ASP C 210 -18.17 -31.33 9.36
C ASP C 210 -18.45 -29.84 9.50
N ALA C 211 -17.57 -29.01 8.97
CA ALA C 211 -17.70 -27.57 9.11
C ALA C 211 -18.67 -27.02 8.08
N GLY C 212 -19.05 -27.84 7.11
CA GLY C 212 -20.05 -27.46 6.15
C GLY C 212 -19.48 -26.91 4.86
N VAL C 213 -18.19 -27.12 4.65
CA VAL C 213 -17.58 -26.69 3.42
C VAL C 213 -18.29 -27.38 2.26
N PRO C 214 -18.81 -26.60 1.29
CA PRO C 214 -19.60 -27.18 0.20
C PRO C 214 -18.80 -28.21 -0.63
N PRO C 215 -19.50 -29.24 -1.16
CA PRO C 215 -18.82 -30.31 -1.89
C PRO C 215 -18.10 -29.80 -3.13
N GLY C 216 -16.90 -30.29 -3.33
CA GLY C 216 -16.10 -29.93 -4.48
C GLY C 216 -15.13 -28.81 -4.18
N VAL C 217 -15.31 -28.15 -3.05
CA VAL C 217 -14.46 -26.99 -2.71
C VAL C 217 -13.08 -27.45 -2.28
N PHE C 218 -13.07 -28.49 -1.46
CA PHE C 218 -11.81 -29.06 -0.97
C PHE C 218 -11.78 -30.56 -1.27
N ASN C 219 -10.76 -30.96 -2.02
CA ASN C 219 -10.66 -32.33 -2.44
C ASN C 219 -9.29 -32.87 -2.11
N LEU C 220 -9.26 -34.01 -1.41
CA LEU C 220 -8.02 -34.65 -0.98
C LEU C 220 -7.82 -35.92 -1.79
N ILE C 221 -6.70 -36.01 -2.47
CA ILE C 221 -6.38 -37.20 -3.25
C ILE C 221 -5.02 -37.73 -2.78
N HIS C 222 -4.96 -39.03 -2.49
CA HIS C 222 -3.74 -39.66 -1.97
C HIS C 222 -2.94 -40.33 -3.07
N GLY C 223 -1.64 -40.48 -2.86
CA GLY C 223 -0.81 -41.10 -3.85
C GLY C 223 0.59 -40.55 -3.91
N PHE C 224 1.24 -40.81 -5.03
CA PHE C 224 2.65 -40.53 -5.24
C PHE C 224 2.78 -39.50 -6.35
N GLY C 225 3.99 -39.37 -6.89
CA GLY C 225 4.27 -38.44 -7.97
C GLY C 225 4.10 -39.11 -9.31
N LYS C 226 5.21 -39.49 -9.95
CA LYS C 226 5.22 -40.07 -11.31
C LYS C 226 4.23 -41.21 -11.50
N ASP C 227 3.48 -41.16 -12.60
CA ASP C 227 2.44 -42.16 -12.90
C ASP C 227 1.45 -42.39 -11.73
N SER C 228 1.27 -41.37 -10.89
CA SER C 228 0.31 -41.41 -9.78
C SER C 228 -0.47 -40.05 -9.62
N ALA C 229 -1.36 -39.98 -8.64
CA ALA C 229 -2.17 -38.79 -8.40
C ALA C 229 -1.41 -37.46 -8.63
N GLY C 230 -0.20 -37.32 -8.11
CA GLY C 230 0.55 -36.08 -8.23
C GLY C 230 0.74 -35.70 -9.69
N GLU C 231 1.28 -36.65 -10.46
CA GLU C 231 1.49 -36.43 -11.87
C GLU C 231 0.17 -36.09 -12.55
N PHE C 232 -0.88 -36.85 -12.25
CA PHE C 232 -2.16 -36.67 -12.93
C PHE C 232 -2.68 -35.26 -12.66
N LEU C 233 -2.54 -34.81 -11.42
CA LEU C 233 -2.97 -33.47 -11.04
C LEU C 233 -2.23 -32.43 -11.91
N THR C 234 -0.91 -32.51 -11.98
CA THR C 234 -0.12 -31.51 -12.68
C THR C 234 -0.38 -31.51 -14.19
N GLN C 235 -0.82 -32.65 -14.74
CA GLN C 235 -1.06 -32.75 -16.17
C GLN C 235 -2.50 -32.33 -16.49
N HIS C 236 -3.33 -32.21 -15.47
CA HIS C 236 -4.73 -32.00 -15.73
C HIS C 236 -5.00 -30.56 -16.22
N PRO C 237 -5.69 -30.40 -17.36
CA PRO C 237 -5.90 -29.05 -17.94
C PRO C 237 -6.93 -28.18 -17.24
N GLY C 238 -7.77 -28.78 -16.41
CA GLY C 238 -8.73 -28.05 -15.59
C GLY C 238 -8.20 -27.24 -14.39
N ILE C 239 -6.95 -27.42 -13.98
CA ILE C 239 -6.42 -26.61 -12.88
C ILE C 239 -5.98 -25.24 -13.44
N SER C 240 -5.87 -24.24 -12.57
CA SER C 240 -5.39 -22.92 -13.00
C SER C 240 -3.99 -22.63 -12.49
N ALA C 241 -3.58 -23.34 -11.45
CA ALA C 241 -2.27 -23.14 -10.85
C ALA C 241 -1.83 -24.39 -10.09
N LEU C 242 -0.52 -24.52 -9.92
CA LEU C 242 0.05 -25.62 -9.18
C LEU C 242 1.06 -25.02 -8.22
N THR C 243 0.80 -25.15 -6.92
CA THR C 243 1.74 -24.67 -5.93
C THR C 243 2.40 -25.87 -5.27
N PHE C 244 3.71 -25.80 -5.15
CA PHE C 244 4.47 -26.97 -4.74
C PHE C 244 5.58 -26.58 -3.77
N THR C 245 5.69 -27.34 -2.70
CA THR C 245 6.80 -27.25 -1.80
C THR C 245 7.53 -28.61 -1.81
N GLY C 246 8.81 -28.62 -2.18
CA GLY C 246 9.58 -29.86 -2.18
C GLY C 246 10.96 -29.80 -2.83
N GLU C 247 11.37 -30.91 -3.42
CA GLU C 247 12.68 -31.03 -4.08
C GLU C 247 12.75 -30.17 -5.34
N SER C 248 13.89 -29.51 -5.58
CA SER C 248 14.02 -28.63 -6.75
C SER C 248 13.81 -29.35 -8.08
N LYS C 249 14.38 -30.54 -8.18
CA LYS C 249 14.26 -31.36 -9.37
C LYS C 249 12.79 -31.68 -9.63
N THR C 250 12.03 -31.94 -8.58
CA THR C 250 10.59 -32.17 -8.73
C THR C 250 9.88 -30.87 -9.21
N GLY C 251 10.35 -29.73 -8.69
CA GLY C 251 9.86 -28.44 -9.12
C GLY C 251 10.02 -28.27 -10.63
N SER C 252 11.20 -28.56 -11.15
CA SER C 252 11.49 -28.43 -12.56
C SER C 252 10.60 -29.36 -13.36
N THR C 253 10.42 -30.59 -12.90
CA THR C 253 9.50 -31.53 -13.54
C THR C 253 8.08 -30.94 -13.64
N ILE C 254 7.57 -30.38 -12.55
CA ILE C 254 6.22 -29.81 -12.56
C ILE C 254 6.12 -28.65 -13.56
N MET C 255 7.12 -27.78 -13.58
CA MET C 255 7.09 -26.65 -14.48
C MET C 255 6.96 -27.11 -15.93
N LYS C 256 7.70 -28.16 -16.32
CA LYS C 256 7.61 -28.69 -17.69
C LYS C 256 6.23 -29.28 -17.96
N ALA C 257 5.69 -30.00 -16.99
CA ALA C 257 4.35 -30.61 -17.09
C ALA C 257 3.20 -29.57 -17.26
N VAL C 258 3.29 -28.41 -16.61
CA VAL C 258 2.19 -27.43 -16.74
C VAL C 258 2.44 -26.42 -17.86
N ALA C 259 3.57 -26.57 -18.57
CA ALA C 259 4.04 -25.54 -19.49
C ALA C 259 3.10 -25.31 -20.68
N ASP C 260 2.60 -26.41 -21.25
CA ASP C 260 1.63 -26.35 -22.37
C ASP C 260 0.32 -25.61 -22.02
N GLY C 261 -0.19 -25.76 -20.78
CA GLY C 261 -1.37 -25.03 -20.36
C GLY C 261 -1.02 -23.66 -19.78
N VAL C 262 0.27 -23.34 -19.79
CA VAL C 262 0.83 -22.11 -19.18
C VAL C 262 0.19 -21.82 -17.81
N LYS C 263 0.09 -22.85 -16.98
CA LYS C 263 -0.49 -22.72 -15.65
C LYS C 263 0.40 -21.83 -14.76
N GLU C 264 -0.22 -21.07 -13.86
CA GLU C 264 0.54 -20.32 -12.85
C GLU C 264 1.22 -21.31 -11.88
N VAL C 265 2.45 -21.01 -11.53
CA VAL C 265 3.19 -21.89 -10.64
C VAL C 265 3.81 -21.12 -9.50
N SER C 266 3.89 -21.81 -8.35
CA SER C 266 4.55 -21.29 -7.16
C SER C 266 5.37 -22.39 -6.50
N PHE C 267 6.67 -22.16 -6.40
CA PHE C 267 7.62 -23.18 -5.96
C PHE C 267 8.45 -22.73 -4.76
N GLU C 268 8.47 -23.57 -3.73
CA GLU C 268 9.35 -23.42 -2.60
C GLU C 268 10.15 -24.71 -2.57
N LEU C 269 11.43 -24.61 -2.94
CA LEU C 269 12.17 -25.81 -3.26
C LEU C 269 13.35 -26.04 -2.27
N GLY C 270 14.38 -26.73 -2.72
CA GLY C 270 15.46 -27.06 -1.82
C GLY C 270 16.25 -25.85 -1.34
N GLY C 271 17.08 -26.09 -0.33
CA GLY C 271 18.20 -25.22 -0.04
C GLY C 271 19.42 -25.99 0.45
N LYS C 272 20.53 -25.28 0.55
CA LYS C 272 21.64 -25.75 1.34
C LYS C 272 22.01 -24.58 2.23
N ASN C 273 21.20 -24.37 3.26
CA ASN C 273 21.24 -23.11 3.97
C ASN C 273 22.42 -22.97 4.91
N ALA C 274 22.93 -21.76 5.00
CA ALA C 274 24.04 -21.46 5.88
C ALA C 274 23.62 -20.75 7.16
N ALA C 275 24.35 -20.99 8.23
CA ALA C 275 24.33 -20.13 9.39
C ALA C 275 25.72 -19.55 9.52
N VAL C 276 25.83 -18.29 9.90
CA VAL C 276 27.08 -17.59 10.00
C VAL C 276 27.19 -16.97 11.39
N VAL C 277 28.30 -17.24 12.07
CA VAL C 277 28.54 -16.72 13.42
C VAL C 277 29.77 -15.81 13.44
N PHE C 278 29.54 -14.51 13.60
CA PHE C 278 30.61 -13.54 13.69
C PHE C 278 31.22 -13.51 15.07
N ALA C 279 32.42 -12.95 15.14
CA ALA C 279 33.21 -13.00 16.34
C ALA C 279 32.46 -12.28 17.43
N ASP C 280 31.69 -11.25 17.04
CA ASP C 280 31.00 -10.44 18.04
C ASP C 280 29.59 -10.98 18.39
N ALA C 281 29.34 -12.25 18.12
CA ALA C 281 28.05 -12.83 18.43
C ALA C 281 27.97 -13.17 19.90
N ASP C 282 26.77 -13.38 20.38
CA ASP C 282 26.57 -13.94 21.70
C ASP C 282 26.76 -15.42 21.48
N LEU C 283 27.90 -15.93 21.96
CA LEU C 283 28.34 -17.26 21.57
C LEU C 283 27.44 -18.39 22.06
N ASP C 284 26.92 -18.26 23.28
CA ASP C 284 26.01 -19.28 23.81
C ASP C 284 24.69 -19.28 23.03
N ALA C 285 24.19 -18.07 22.74
CA ALA C 285 22.92 -17.94 22.00
C ALA C 285 23.13 -18.54 20.63
N ALA C 286 24.27 -18.25 20.01
CA ALA C 286 24.60 -18.79 18.69
C ALA C 286 24.69 -20.32 18.70
N ILE C 287 25.33 -20.88 19.73
CA ILE C 287 25.42 -22.33 19.83
C ILE C 287 24.02 -22.93 19.97
N GLU C 288 23.23 -22.35 20.85
CA GLU C 288 21.83 -22.79 20.99
C GLU C 288 21.08 -22.66 19.62
N GLY C 289 21.33 -21.54 18.93
CA GLY C 289 20.66 -21.20 17.69
C GLY C 289 20.94 -22.21 16.60
N VAL C 290 22.20 -22.49 16.40
CA VAL C 290 22.60 -23.43 15.36
C VAL C 290 22.23 -24.88 15.72
N LEU C 291 22.20 -25.16 17.00
CA LEU C 291 21.75 -26.46 17.43
C LEU C 291 20.31 -26.69 16.91
N ARG C 292 19.46 -25.69 17.11
CA ARG C 292 18.08 -25.75 16.68
C ARG C 292 17.98 -25.74 15.19
N SER C 293 18.73 -24.85 14.55
CA SER C 293 18.61 -24.74 13.10
C SER C 293 19.13 -26.00 12.42
N SER C 294 20.03 -26.72 13.07
CA SER C 294 20.63 -27.92 12.46
C SER C 294 19.80 -29.22 12.71
N PHE C 295 19.21 -29.35 13.89
CA PHE C 295 18.65 -30.64 14.27
C PHE C 295 17.15 -30.65 14.52
N THR C 296 16.52 -29.48 14.45
CA THR C 296 15.06 -29.39 14.59
C THR C 296 14.36 -30.30 13.58
N ASN C 297 13.32 -30.99 14.03
CA ASN C 297 12.63 -31.93 13.14
C ASN C 297 13.64 -32.92 12.54
N SER C 298 14.64 -33.27 13.34
CA SER C 298 15.73 -34.11 12.87
C SER C 298 16.35 -33.59 11.56
N GLY C 299 16.38 -32.27 11.44
CA GLY C 299 17.07 -31.60 10.35
C GLY C 299 16.30 -31.68 9.04
N GLN C 300 15.03 -32.05 9.14
CA GLN C 300 14.16 -32.19 7.98
C GLN C 300 13.20 -30.99 7.85
N VAL C 301 13.70 -29.78 8.13
CA VAL C 301 13.06 -28.57 7.62
C VAL C 301 13.90 -28.12 6.40
N CYS C 302 13.23 -27.59 5.38
CA CYS C 302 13.93 -27.02 4.23
C CYS C 302 14.73 -25.80 4.65
N LEU C 303 14.43 -25.26 5.83
CA LEU C 303 15.09 -24.07 6.35
C LEU C 303 16.33 -24.38 7.20
N CYS C 304 16.58 -25.65 7.51
CA CYS C 304 17.69 -26.00 8.41
C CYS C 304 19.08 -25.59 7.88
N SER C 305 19.99 -25.30 8.81
CA SER C 305 21.38 -25.00 8.48
C SER C 305 22.22 -26.28 8.34
N GLU C 306 22.54 -26.66 7.10
CA GLU C 306 23.48 -27.77 6.86
C GLU C 306 24.92 -27.29 6.60
N ARG C 307 25.13 -25.98 6.54
CA ARG C 307 26.46 -25.41 6.46
C ARG C 307 26.54 -24.37 7.57
N VAL C 308 27.68 -24.32 8.24
CA VAL C 308 27.93 -23.32 9.25
C VAL C 308 29.31 -22.71 9.11
N TYR C 309 29.36 -21.38 9.05
CA TYR C 309 30.61 -20.65 9.03
C TYR C 309 30.73 -19.93 10.33
N VAL C 310 31.88 -20.12 11.00
CA VAL C 310 32.15 -19.51 12.29
C VAL C 310 33.49 -18.76 12.27
N HIS C 311 33.54 -17.58 12.88
CA HIS C 311 34.76 -16.84 12.78
C HIS C 311 35.90 -17.64 13.40
N ARG C 312 37.08 -17.52 12.78
CA ARG C 312 38.27 -18.29 13.19
C ARG C 312 38.56 -18.14 14.69
N SER C 313 38.54 -16.92 15.18
CA SER C 313 38.85 -16.65 16.59
C SER C 313 37.97 -17.39 17.58
N ILE C 314 36.85 -17.94 17.12
CA ILE C 314 35.95 -18.63 18.04
C ILE C 314 35.55 -20.00 17.53
N PHE C 315 36.15 -20.41 16.44
CA PHE C 315 35.72 -21.64 15.80
C PHE C 315 35.78 -22.88 16.71
N ASP C 316 36.94 -23.11 17.35
CA ASP C 316 37.11 -24.32 18.17
C ASP C 316 36.19 -24.31 19.40
N GLU C 317 36.08 -23.17 20.05
CA GLU C 317 35.17 -23.08 21.19
C GLU C 317 33.72 -23.33 20.73
N PHE C 318 33.33 -22.78 19.58
CA PHE C 318 31.99 -23.07 19.06
C PHE C 318 31.80 -24.55 18.78
N VAL C 319 32.74 -25.17 18.07
CA VAL C 319 32.52 -26.57 17.74
C VAL C 319 32.39 -27.40 19.03
N SER C 320 33.24 -27.14 20.03
CA SER C 320 33.22 -27.99 21.21
C SER C 320 31.90 -27.79 21.99
N GLY C 321 31.40 -26.56 21.98
CA GLY C 321 30.15 -26.26 22.67
C GLY C 321 28.97 -26.91 21.95
N LEU C 322 29.00 -26.87 20.63
CA LEU C 322 27.91 -27.44 19.86
C LEU C 322 27.96 -28.95 20.05
N LYS C 323 29.18 -29.49 20.18
CA LYS C 323 29.36 -30.94 20.40
C LYS C 323 28.63 -31.35 21.66
N VAL C 324 28.97 -30.65 22.73
CA VAL C 324 28.37 -30.87 24.02
C VAL C 324 26.85 -30.87 23.90
N GLU C 325 26.27 -29.78 23.42
CA GLU C 325 24.82 -29.65 23.43
C GLU C 325 24.18 -30.68 22.54
N ALA C 326 24.86 -31.03 21.45
CA ALA C 326 24.35 -32.00 20.50
C ALA C 326 24.27 -33.38 21.13
N GLU C 327 25.25 -33.66 21.99
CA GLU C 327 25.33 -34.97 22.60
C GLU C 327 24.36 -35.08 23.75
N ARG C 328 23.92 -33.92 24.27
CA ARG C 328 22.83 -33.84 25.25
C ARG C 328 21.42 -34.10 24.68
N LEU C 329 21.26 -34.06 23.36
CA LEU C 329 19.95 -34.21 22.77
C LEU C 329 19.45 -35.61 22.97
N VAL C 330 18.20 -35.72 23.34
CA VAL C 330 17.57 -36.99 23.63
C VAL C 330 16.83 -37.51 22.40
N VAL C 331 17.27 -38.66 21.90
CA VAL C 331 16.73 -39.23 20.68
C VAL C 331 15.87 -40.44 21.03
N GLY C 332 14.56 -40.39 20.78
CA GLY C 332 13.71 -41.51 21.18
C GLY C 332 12.25 -41.42 20.81
N TYR C 333 11.38 -41.76 21.76
CA TYR C 333 9.95 -41.81 21.51
C TYR C 333 9.38 -40.39 21.48
N PRO C 334 8.44 -40.15 20.56
CA PRO C 334 7.74 -38.85 20.49
C PRO C 334 7.26 -38.38 21.85
N ASP C 335 6.79 -39.31 22.69
CA ASP C 335 6.25 -38.94 24.00
C ASP C 335 7.26 -39.10 25.16
N GLN C 336 8.47 -39.58 24.88
CA GLN C 336 9.51 -39.75 25.91
C GLN C 336 9.74 -38.49 26.75
N ASP C 337 10.31 -38.66 27.95
CA ASP C 337 10.30 -37.58 28.94
C ASP C 337 10.96 -36.30 28.47
N GLY C 338 12.21 -36.36 28.02
CA GLY C 338 12.90 -35.15 27.60
C GLY C 338 13.30 -35.15 26.13
N VAL C 339 12.54 -35.88 25.34
CA VAL C 339 12.88 -36.10 23.94
C VAL C 339 13.12 -34.78 23.19
N ASN C 340 14.18 -34.76 22.39
CA ASN C 340 14.51 -33.63 21.56
C ASN C 340 14.33 -34.02 20.07
N MET C 341 14.76 -35.23 19.71
CA MET C 341 14.63 -35.70 18.32
C MET C 341 13.87 -37.00 18.22
N GLY C 342 13.13 -37.11 17.11
CA GLY C 342 12.56 -38.36 16.68
C GLY C 342 13.33 -38.92 15.50
N PRO C 343 12.77 -39.93 14.84
CA PRO C 343 13.39 -40.51 13.66
C PRO C 343 13.26 -39.63 12.45
N LEU C 344 13.95 -40.04 11.40
CA LEU C 344 13.71 -39.55 10.07
C LEU C 344 12.36 -40.08 9.64
N ILE C 345 11.82 -39.51 8.55
CA ILE C 345 10.49 -39.83 8.04
C ILE C 345 10.34 -41.30 7.62
N SER C 346 11.39 -41.92 7.11
CA SER C 346 11.25 -43.24 6.52
C SER C 346 12.59 -43.96 6.35
N HIS C 347 12.54 -45.27 6.15
CA HIS C 347 13.76 -46.06 5.98
C HIS C 347 14.46 -45.65 4.67
N GLY C 348 13.68 -45.47 3.61
CA GLY C 348 14.21 -45.04 2.34
C GLY C 348 14.93 -43.69 2.43
N HIS C 349 14.50 -42.85 3.37
CA HIS C 349 15.15 -41.57 3.55
C HIS C 349 16.36 -41.70 4.46
N ARG C 350 16.25 -42.57 5.47
CA ARG C 350 17.41 -42.85 6.28
C ARG C 350 18.47 -43.43 5.36
N ASP C 351 18.09 -44.27 4.41
CA ASP C 351 19.10 -44.83 3.51
C ASP C 351 19.85 -43.71 2.78
N LYS C 352 19.10 -42.73 2.26
CA LYS C 352 19.71 -41.61 1.54
C LYS C 352 20.64 -40.87 2.49
N VAL C 353 20.20 -40.69 3.74
CA VAL C 353 20.99 -39.90 4.72
C VAL C 353 22.23 -40.64 5.22
N LEU C 354 22.12 -41.94 5.37
CA LEU C 354 23.28 -42.70 5.83
C LEU C 354 24.33 -42.81 4.72
N SER C 355 23.86 -42.78 3.47
CA SER C 355 24.74 -42.70 2.31
C SER C 355 25.53 -41.37 2.25
N TYR C 356 24.95 -40.30 2.79
CA TYR C 356 25.70 -39.05 2.90
C TYR C 356 26.67 -39.15 4.05
N TYR C 357 26.27 -39.86 5.10
CA TYR C 357 27.15 -40.03 6.25
C TYR C 357 28.47 -40.70 5.86
N ARG C 358 28.37 -41.74 5.03
CA ARG C 358 29.55 -42.39 4.45
C ARG C 358 30.30 -41.48 3.50
N LEU C 359 29.61 -40.87 2.55
CA LEU C 359 30.22 -39.94 1.60
C LEU C 359 31.00 -38.86 2.35
N ALA C 360 30.53 -38.46 3.53
CA ALA C 360 31.24 -37.43 4.30
C ALA C 360 32.64 -37.93 4.69
N VAL C 361 32.70 -39.15 5.23
CA VAL C 361 33.96 -39.77 5.63
C VAL C 361 34.90 -39.90 4.43
N ASP C 362 34.40 -40.56 3.40
CA ASP C 362 35.16 -40.77 2.19
C ASP C 362 35.63 -39.45 1.59
N GLU C 363 35.02 -38.34 2.00
CA GLU C 363 35.41 -37.04 1.44
C GLU C 363 36.47 -36.34 2.28
N GLY C 364 36.74 -36.86 3.47
CA GLY C 364 37.80 -36.33 4.32
C GLY C 364 37.33 -35.75 5.64
N ALA C 365 36.05 -35.94 5.96
CA ALA C 365 35.47 -35.20 7.07
C ALA C 365 35.95 -35.74 8.40
N THR C 366 36.18 -34.82 9.32
CA THR C 366 36.33 -35.17 10.73
C THR C 366 34.94 -35.24 11.38
N VAL C 367 34.59 -36.41 11.89
CA VAL C 367 33.33 -36.60 12.60
C VAL C 367 33.47 -36.19 14.05
N VAL C 368 32.88 -35.05 14.38
CA VAL C 368 32.94 -34.54 15.72
C VAL C 368 31.91 -35.24 16.60
N THR C 369 30.79 -35.66 16.00
CA THR C 369 29.74 -36.39 16.75
C THR C 369 28.77 -37.11 15.83
N GLY C 370 28.24 -38.23 16.32
CA GLY C 370 27.34 -39.08 15.57
C GLY C 370 27.93 -39.69 14.33
N GLY C 371 27.23 -39.56 13.23
CA GLY C 371 27.66 -40.14 11.97
C GLY C 371 27.22 -41.58 11.84
N GLY C 372 26.25 -41.99 12.67
CA GLY C 372 25.62 -43.30 12.52
C GLY C 372 24.18 -43.35 13.00
N VAL C 373 23.66 -44.55 13.28
CA VAL C 373 22.37 -44.68 13.96
C VAL C 373 22.58 -44.95 15.46
N PRO C 374 21.57 -44.65 16.28
CA PRO C 374 21.69 -45.03 17.69
C PRO C 374 21.15 -46.43 17.92
N LYS C 375 21.50 -47.04 19.05
CA LYS C 375 21.03 -48.39 19.38
C LYS C 375 20.01 -48.36 20.53
N PHE C 376 18.86 -49.00 20.32
CA PHE C 376 17.79 -48.97 21.33
C PHE C 376 17.58 -50.32 22.03
N ASN C 377 17.74 -51.41 21.28
CA ASN C 377 17.41 -52.77 21.74
C ASN C 377 15.93 -52.90 22.13
N ASP C 378 15.08 -52.21 21.37
CA ASP C 378 13.64 -52.40 21.46
C ASP C 378 13.12 -52.07 20.06
N GLU C 379 11.80 -51.88 19.92
CA GLU C 379 11.20 -51.74 18.60
C GLU C 379 11.84 -50.62 17.75
N ARG C 380 12.27 -49.53 18.39
CA ARG C 380 12.92 -48.42 17.68
C ARG C 380 14.03 -48.84 16.72
N ASP C 381 14.66 -49.98 16.96
CA ASP C 381 15.69 -50.48 16.06
C ASP C 381 15.11 -50.81 14.72
N GLN C 382 13.81 -51.15 14.69
CA GLN C 382 13.08 -51.31 13.43
C GLN C 382 12.67 -49.95 12.84
N GLY C 383 12.85 -48.87 13.60
CA GLY C 383 12.46 -47.55 13.16
C GLY C 383 13.43 -47.01 12.13
N ALA C 384 13.56 -45.69 12.07
CA ALA C 384 14.37 -45.05 11.04
C ALA C 384 15.23 -43.94 11.63
N TYR C 385 15.75 -44.17 12.83
CA TYR C 385 16.59 -43.16 13.46
C TYR C 385 17.99 -43.04 12.89
N VAL C 386 18.56 -41.83 13.04
CA VAL C 386 19.96 -41.56 12.82
C VAL C 386 20.37 -40.61 13.92
N GLN C 387 21.67 -40.44 14.08
CA GLN C 387 22.21 -39.58 15.12
C GLN C 387 22.39 -38.14 14.60
N PRO C 388 22.26 -37.15 15.49
CA PRO C 388 22.69 -35.80 15.13
C PRO C 388 24.18 -35.81 14.89
N THR C 389 24.58 -35.18 13.79
CA THR C 389 25.93 -35.32 13.28
C THR C 389 26.54 -33.93 13.04
N ILE C 390 27.83 -33.81 13.34
CA ILE C 390 28.60 -32.62 13.03
C ILE C 390 29.88 -33.02 12.29
N TRP C 391 30.16 -32.36 11.18
CA TRP C 391 31.41 -32.55 10.46
C TRP C 391 32.25 -31.28 10.53
N THR C 392 33.58 -31.44 10.46
CA THR C 392 34.52 -30.36 10.17
C THR C 392 35.45 -30.79 9.01
N GLY C 393 36.35 -29.89 8.61
CA GLY C 393 37.45 -30.23 7.72
C GLY C 393 37.18 -30.38 6.22
N LEU C 394 35.93 -30.43 5.80
CA LEU C 394 35.62 -30.47 4.36
C LEU C 394 35.76 -29.12 3.67
N SER C 395 35.96 -29.20 2.35
CA SER C 395 36.14 -28.02 1.51
C SER C 395 34.82 -27.52 0.94
N ASP C 396 34.81 -26.27 0.50
CA ASP C 396 33.59 -25.66 0.00
C ASP C 396 32.99 -26.40 -1.19
N LYS C 397 33.79 -27.25 -1.85
CA LYS C 397 33.30 -27.98 -3.03
C LYS C 397 32.99 -29.45 -2.75
N ALA C 398 33.25 -29.90 -1.52
CA ALA C 398 32.78 -31.20 -1.10
C ALA C 398 31.28 -31.34 -1.40
N ARG C 399 30.85 -32.53 -1.81
CA ARG C 399 29.44 -32.76 -2.13
C ARG C 399 28.57 -32.70 -0.88
N CYS C 400 29.16 -33.06 0.24
CA CYS C 400 28.44 -33.03 1.50
C CYS C 400 28.19 -31.63 2.01
N VAL C 401 28.89 -30.68 1.41
CA VAL C 401 28.79 -29.31 1.81
C VAL C 401 27.98 -28.54 0.76
N THR C 402 27.76 -29.15 -0.40
CA THR C 402 27.06 -28.46 -1.48
C THR C 402 25.64 -28.97 -1.66
N GLU C 403 25.45 -30.28 -1.52
CA GLU C 403 24.16 -30.92 -1.80
C GLU C 403 23.28 -31.05 -0.55
N GLU C 404 21.97 -30.94 -0.77
CA GLU C 404 21.00 -30.99 0.31
C GLU C 404 20.81 -32.43 0.77
N ILE C 405 20.90 -32.60 2.08
CA ILE C 405 20.84 -33.93 2.67
C ILE C 405 19.51 -34.15 3.38
N PHE C 406 19.00 -33.10 4.03
CA PHE C 406 17.73 -33.19 4.74
C PHE C 406 17.77 -34.24 5.84
N GLY C 407 18.84 -34.17 6.64
CA GLY C 407 18.96 -34.96 7.85
C GLY C 407 19.53 -34.06 8.93
N PRO C 408 19.70 -34.58 10.15
CA PRO C 408 20.08 -33.72 11.28
C PRO C 408 21.58 -33.55 11.34
N VAL C 409 22.13 -32.88 10.35
CA VAL C 409 23.57 -32.81 10.22
C VAL C 409 24.04 -31.41 9.82
N CYS C 410 25.19 -30.99 10.32
CA CYS C 410 25.86 -29.82 9.77
C CYS C 410 27.37 -29.95 9.67
N HIS C 411 27.93 -29.25 8.71
CA HIS C 411 29.36 -29.11 8.60
C HIS C 411 29.70 -27.69 9.02
N ILE C 412 30.79 -27.58 9.78
CA ILE C 412 31.29 -26.31 10.29
C ILE C 412 32.71 -26.00 9.80
N SER C 413 32.84 -24.78 9.30
CA SER C 413 34.00 -24.37 8.55
C SER C 413 34.36 -23.02 9.13
N PRO C 414 35.66 -22.72 9.30
CA PRO C 414 36.02 -21.37 9.78
C PRO C 414 36.05 -20.32 8.66
N PHE C 415 36.00 -19.04 9.03
CA PHE C 415 36.17 -17.96 8.07
C PHE C 415 36.87 -16.80 8.74
N ASP C 416 37.38 -15.87 7.95
CA ASP C 416 38.10 -14.74 8.50
C ASP C 416 37.50 -13.41 8.19
N ASP C 417 37.10 -13.22 6.94
CA ASP C 417 36.64 -11.91 6.49
C ASP C 417 35.12 -11.88 6.22
N GLU C 418 34.54 -10.70 6.40
CA GLU C 418 33.13 -10.50 6.11
C GLU C 418 32.79 -10.71 4.61
N ASP C 419 33.50 -10.04 3.72
CA ASP C 419 33.25 -10.21 2.31
C ASP C 419 33.46 -11.67 1.89
N GLU C 420 34.43 -12.33 2.51
CA GLU C 420 34.76 -13.73 2.21
C GLU C 420 33.59 -14.66 2.52
N VAL C 421 32.98 -14.46 3.68
CA VAL C 421 31.95 -15.38 4.13
C VAL C 421 30.64 -15.10 3.35
N ILE C 422 30.39 -13.84 3.03
CA ILE C 422 29.28 -13.49 2.17
C ILE C 422 29.43 -14.23 0.85
N ASN C 423 30.62 -14.16 0.27
CA ASN C 423 30.83 -14.80 -1.02
C ASN C 423 30.69 -16.30 -0.89
N ARG C 424 31.17 -16.84 0.22
CA ARG C 424 31.08 -18.27 0.42
C ARG C 424 29.64 -18.75 0.65
N VAL C 425 28.84 -17.95 1.34
CA VAL C 425 27.44 -18.31 1.53
C VAL C 425 26.70 -18.28 0.17
N ASN C 426 27.00 -17.28 -0.66
CA ASN C 426 26.31 -17.07 -1.93
C ASN C 426 26.79 -17.97 -3.06
N ASP C 427 27.92 -18.64 -2.84
CA ASP C 427 28.50 -19.58 -3.83
C ASP C 427 27.69 -20.85 -3.78
N SER C 428 26.51 -20.80 -4.36
CA SER C 428 25.55 -21.91 -4.26
C SER C 428 24.48 -21.83 -5.39
N ASN C 429 23.98 -22.97 -5.85
CA ASN C 429 22.90 -22.94 -6.84
C ASN C 429 21.52 -22.80 -6.16
N TYR C 430 21.53 -22.94 -4.84
CA TYR C 430 20.38 -22.77 -3.96
C TYR C 430 20.42 -21.39 -3.30
N GLY C 431 19.27 -20.95 -2.79
CA GLY C 431 19.22 -19.74 -1.97
C GLY C 431 17.88 -19.56 -1.27
N LEU C 432 17.59 -20.39 -0.24
CA LEU C 432 16.34 -20.25 0.51
C LEU C 432 16.50 -19.29 1.68
N ALA C 433 17.32 -19.68 2.65
CA ALA C 433 17.47 -18.92 3.88
C ALA C 433 18.88 -18.96 4.44
N CYS C 434 19.13 -18.11 5.42
CA CYS C 434 20.42 -17.96 6.04
C CYS C 434 20.20 -17.31 7.40
N ALA C 435 20.92 -17.75 8.42
CA ALA C 435 20.91 -17.13 9.74
C ALA C 435 22.27 -16.52 10.02
N ILE C 436 22.24 -15.33 10.58
CA ILE C 436 23.42 -14.58 10.89
C ILE C 436 23.43 -14.30 12.38
N TRP C 437 24.58 -14.50 13.01
CA TRP C 437 24.75 -14.19 14.42
C TRP C 437 25.78 -13.09 14.63
N THR C 438 25.33 -11.99 15.20
CA THR C 438 26.19 -10.86 15.45
C THR C 438 25.45 -9.89 16.35
N THR C 439 26.18 -9.22 17.25
CA THR C 439 25.58 -8.20 18.10
C THR C 439 25.74 -6.81 17.55
N ASN C 440 26.44 -6.67 16.43
CA ASN C 440 26.76 -5.34 15.89
C ASN C 440 25.66 -4.83 14.94
N LEU C 441 25.14 -3.64 15.21
CA LEU C 441 24.10 -3.03 14.38
C LEU C 441 24.44 -2.94 12.90
N SER C 442 25.49 -2.21 12.58
CA SER C 442 25.88 -2.03 11.18
C SER C 442 26.11 -3.35 10.49
N ARG C 443 26.83 -4.23 11.15
CA ARG C 443 27.08 -5.55 10.57
C ARG C 443 25.79 -6.31 10.22
N ALA C 444 24.81 -6.28 11.13
CA ALA C 444 23.64 -7.07 10.90
C ALA C 444 22.97 -6.62 9.59
N HIS C 445 22.82 -5.31 9.38
CA HIS C 445 22.05 -4.83 8.24
C HIS C 445 22.87 -4.82 6.94
N ARG C 446 24.13 -4.46 7.04
CA ARG C 446 25.07 -4.53 5.95
C ARG C 446 25.18 -5.96 5.41
N VAL C 447 25.39 -6.91 6.29
CA VAL C 447 25.62 -8.25 5.81
C VAL C 447 24.34 -8.92 5.33
N SER C 448 23.25 -8.70 6.05
CA SER C 448 21.98 -9.36 5.71
C SER C 448 21.57 -9.07 4.29
N ARG C 449 21.64 -7.80 3.91
CA ARG C 449 21.20 -7.38 2.59
C ARG C 449 22.04 -7.98 1.46
N GLN C 450 23.24 -8.47 1.77
CA GLN C 450 24.11 -9.03 0.74
C GLN C 450 23.98 -10.54 0.58
N ILE C 451 23.17 -11.18 1.41
CA ILE C 451 23.05 -12.64 1.28
C ILE C 451 22.00 -12.93 0.23
N HIS C 452 22.35 -13.76 -0.73
CA HIS C 452 21.48 -13.98 -1.88
C HIS C 452 20.50 -15.10 -1.54
N VAL C 453 19.59 -14.83 -0.60
CA VAL C 453 18.51 -15.77 -0.27
C VAL C 453 17.17 -15.01 -0.19
N GLY C 454 16.09 -15.75 0.01
CA GLY C 454 14.79 -15.15 0.23
C GLY C 454 14.56 -14.68 1.66
N LEU C 455 15.21 -15.35 2.62
CA LEU C 455 14.95 -15.15 4.03
C LEU C 455 16.22 -15.09 4.85
N VAL C 456 16.46 -13.96 5.52
CA VAL C 456 17.56 -13.86 6.45
C VAL C 456 16.99 -13.70 7.87
N TRP C 457 17.54 -14.45 8.83
CA TRP C 457 17.30 -14.27 10.25
C TRP C 457 18.58 -13.79 10.91
N VAL C 458 18.47 -12.77 11.75
CA VAL C 458 19.57 -12.29 12.53
C VAL C 458 19.32 -12.59 14.04
N ASN C 459 20.22 -13.36 14.63
CA ASN C 459 20.18 -13.75 16.05
C ASN C 459 18.99 -14.61 16.43
N THR C 460 18.55 -15.44 15.48
CA THR C 460 17.40 -16.32 15.68
C THR C 460 17.28 -17.20 14.47
N TRP C 461 16.28 -18.08 14.46
CA TRP C 461 16.01 -18.89 13.28
C TRP C 461 14.58 -19.40 13.18
N TYR C 462 14.07 -19.56 11.97
CA TYR C 462 12.70 -20.01 11.73
C TYR C 462 11.69 -19.35 12.65
N LEU C 463 11.84 -18.04 12.78
CA LEU C 463 10.85 -17.20 13.40
C LEU C 463 9.95 -16.65 12.26
N ARG C 464 8.66 -16.97 12.26
CA ARG C 464 7.81 -16.66 11.11
C ARG C 464 6.58 -15.74 11.42
N ASP C 465 6.54 -14.63 10.69
CA ASP C 465 5.40 -13.72 10.66
C ASP C 465 4.69 -13.99 9.32
N LEU C 466 3.43 -14.42 9.39
CA LEU C 466 2.79 -14.97 8.21
C LEU C 466 2.40 -13.92 7.19
N ARG C 467 2.68 -12.65 7.47
CA ARG C 467 2.47 -11.58 6.50
C ARG C 467 3.66 -11.32 5.59
N THR C 468 4.82 -11.89 5.93
CA THR C 468 6.04 -11.57 5.17
C THR C 468 6.16 -12.35 3.86
N PRO C 469 6.84 -11.77 2.87
CA PRO C 469 7.11 -12.57 1.68
C PRO C 469 8.11 -13.70 2.02
N PHE C 470 7.71 -14.91 1.66
CA PHE C 470 8.47 -16.11 1.89
C PHE C 470 8.72 -16.85 0.56
N GLY C 471 9.97 -17.20 0.31
CA GLY C 471 10.33 -17.82 -0.94
C GLY C 471 11.85 -17.80 -1.10
N GLY C 472 12.32 -18.38 -2.20
CA GLY C 472 13.73 -18.45 -2.47
C GLY C 472 14.16 -17.97 -3.85
N VAL C 473 15.47 -17.87 -4.01
CA VAL C 473 16.06 -17.49 -5.26
C VAL C 473 16.73 -18.69 -5.91
N LYS C 474 17.11 -18.54 -7.16
CA LYS C 474 17.84 -19.60 -7.87
C LYS C 474 17.05 -20.90 -7.77
N LEU C 475 17.73 -22.02 -7.53
CA LEU C 475 17.07 -23.32 -7.53
C LEU C 475 16.08 -23.48 -6.37
N SER C 476 16.09 -22.54 -5.43
CA SER C 476 15.30 -22.69 -4.20
C SER C 476 13.90 -22.20 -4.37
N GLY C 477 13.59 -21.71 -5.57
CA GLY C 477 12.20 -21.39 -5.85
C GLY C 477 11.87 -20.40 -6.95
N LEU C 478 10.59 -20.09 -7.00
CA LEU C 478 10.05 -19.20 -8.00
C LEU C 478 8.84 -18.61 -7.33
N GLY C 479 8.71 -17.28 -7.40
CA GLY C 479 7.64 -16.56 -6.71
C GLY C 479 7.81 -16.35 -5.21
N ARG C 480 6.81 -15.70 -4.63
CA ARG C 480 6.73 -15.50 -3.19
C ARG C 480 5.31 -15.84 -2.72
N GLU C 481 5.22 -16.36 -1.49
CA GLU C 481 3.94 -16.56 -0.82
C GLU C 481 4.01 -15.90 0.54
N GLY C 482 2.87 -15.80 1.22
CA GLY C 482 2.82 -15.05 2.48
C GLY C 482 2.11 -13.71 2.30
N GLY C 483 1.32 -13.31 3.28
CA GLY C 483 0.64 -12.04 3.25
C GLY C 483 -0.02 -11.77 1.89
N ARG C 484 0.16 -10.55 1.42
CA ARG C 484 -0.41 -10.10 0.15
C ARG C 484 0.14 -10.90 -1.07
N PHE C 485 1.32 -11.49 -0.92
CA PHE C 485 1.88 -12.22 -2.03
C PHE C 485 1.07 -13.47 -2.28
N SER C 486 0.60 -14.07 -1.22
CA SER C 486 -0.33 -15.18 -1.39
C SER C 486 -1.63 -14.68 -1.98
N MET C 487 -2.13 -13.55 -1.48
CA MET C 487 -3.42 -13.06 -1.95
C MET C 487 -3.35 -12.72 -3.45
N ASP C 488 -2.15 -12.37 -3.93
CA ASP C 488 -1.98 -12.09 -5.35
C ASP C 488 -1.78 -13.38 -6.11
N PHE C 489 -0.98 -14.29 -5.57
CA PHE C 489 -0.79 -15.52 -6.32
C PHE C 489 -2.08 -16.31 -6.50
N TYR C 490 -2.86 -16.42 -5.43
CA TYR C 490 -4.07 -17.22 -5.46
C TYR C 490 -5.30 -16.45 -6.01
N SER C 491 -5.05 -15.34 -6.71
CA SER C 491 -6.14 -14.62 -7.39
C SER C 491 -5.79 -14.20 -8.84
N ASP C 492 -6.78 -14.15 -9.74
CA ASP C 492 -6.64 -13.34 -10.95
C ASP C 492 -6.67 -11.89 -10.48
N ILE C 493 -5.63 -11.12 -10.78
CA ILE C 493 -5.73 -9.68 -10.70
C ILE C 493 -6.23 -9.23 -12.09
N ALA C 494 -7.37 -8.56 -12.13
CA ALA C 494 -7.91 -8.04 -13.41
C ALA C 494 -7.97 -6.52 -13.41
N ASN C 495 -7.67 -5.91 -14.55
CA ASN C 495 -7.78 -4.48 -14.63
C ASN C 495 -9.00 -4.11 -15.43
N ILE C 496 -9.80 -3.21 -14.88
CA ILE C 496 -10.99 -2.78 -15.54
C ILE C 496 -10.89 -1.27 -15.84
N CYS C 497 -10.96 -0.91 -17.11
CA CYS C 497 -10.73 0.47 -17.52
C CYS C 497 -12.01 1.09 -18.12
N ILE C 498 -12.57 2.09 -17.43
CA ILE C 498 -13.81 2.77 -17.84
C ILE C 498 -13.50 4.10 -18.46
N LYS C 499 -13.82 4.27 -19.73
CA LYS C 499 -13.72 5.57 -20.38
C LYS C 499 -14.92 6.39 -19.97
N ILE C 500 -14.74 7.62 -19.53
CA ILE C 500 -15.86 8.37 -18.99
C ILE C 500 -16.60 9.28 -20.02
N GLN D 19 23.50 -1.82 -42.32
CA GLN D 19 23.93 -2.90 -41.41
C GLN D 19 23.63 -2.71 -39.89
N LEU D 20 23.10 -3.76 -39.27
CA LEU D 20 22.72 -3.71 -37.87
C LEU D 20 23.61 -4.62 -37.03
N LEU D 21 24.38 -4.00 -36.14
CA LEU D 21 25.35 -4.75 -35.34
C LEU D 21 24.80 -5.13 -33.96
N ASN D 22 25.42 -6.16 -33.35
CA ASN D 22 25.10 -6.50 -31.97
C ASN D 22 25.78 -5.46 -31.07
N TYR D 23 25.28 -5.39 -29.82
CA TYR D 23 25.91 -4.52 -28.82
C TYR D 23 26.19 -5.32 -27.55
N ILE D 24 27.47 -5.62 -27.36
CA ILE D 24 27.93 -6.48 -26.30
C ILE D 24 29.09 -5.83 -25.58
N ASP D 25 29.00 -5.85 -24.25
CA ASP D 25 29.97 -5.26 -23.33
C ASP D 25 30.46 -3.91 -23.80
N GLY D 26 29.53 -3.04 -24.18
CA GLY D 26 29.90 -1.69 -24.53
C GLY D 26 30.44 -1.49 -25.94
N ASN D 27 30.56 -2.56 -26.71
CA ASN D 27 31.02 -2.43 -28.11
C ASN D 27 30.01 -2.99 -29.10
N PHE D 28 29.75 -2.22 -30.15
CA PHE D 28 29.09 -2.74 -31.33
C PHE D 28 30.01 -3.72 -32.07
N VAL D 29 29.50 -4.93 -32.24
CA VAL D 29 30.24 -6.00 -32.91
C VAL D 29 29.43 -6.66 -34.01
N THR D 30 30.13 -6.98 -35.10
CA THR D 30 29.59 -7.82 -36.18
C THR D 30 29.49 -9.27 -35.71
N SER D 31 28.99 -10.13 -36.59
CA SER D 31 28.98 -11.56 -36.38
C SER D 31 29.39 -12.23 -37.70
N ALA D 32 29.41 -13.56 -37.69
CA ALA D 32 29.95 -14.32 -38.82
C ALA D 32 28.95 -14.38 -39.96
N SER D 33 27.72 -14.72 -39.62
CA SER D 33 26.64 -14.67 -40.59
C SER D 33 25.68 -13.49 -40.36
N SER D 34 24.84 -13.26 -41.36
CA SER D 34 23.92 -12.15 -41.36
C SER D 34 22.64 -12.57 -42.05
N PHE D 35 21.55 -11.86 -41.74
CA PHE D 35 20.27 -12.07 -42.41
C PHE D 35 19.64 -10.75 -42.87
N ALA D 36 18.69 -10.92 -43.77
CA ALA D 36 18.07 -9.81 -44.43
C ALA D 36 16.92 -9.28 -43.57
N ASN D 37 16.92 -7.97 -43.41
CA ASN D 37 15.75 -7.25 -42.94
C ASN D 37 14.99 -6.65 -44.13
N ILE D 38 13.80 -7.19 -44.41
CA ILE D 38 12.97 -6.78 -45.55
C ILE D 38 11.85 -5.81 -45.17
N ASN D 39 11.66 -4.78 -45.99
CA ASN D 39 10.59 -3.80 -45.85
C ASN D 39 9.28 -4.34 -46.37
N PRO D 40 8.32 -4.63 -45.49
CA PRO D 40 7.13 -5.34 -45.97
C PRO D 40 6.24 -4.50 -46.90
N VAL D 41 6.56 -3.23 -47.09
CA VAL D 41 5.73 -2.39 -47.96
C VAL D 41 5.99 -2.77 -49.43
N ASN D 42 7.21 -3.18 -49.74
CA ASN D 42 7.61 -3.34 -51.14
C ASN D 42 8.52 -4.51 -51.40
N GLY D 43 8.97 -5.17 -50.33
CA GLY D 43 9.76 -6.39 -50.46
C GLY D 43 11.23 -6.12 -50.62
N LYS D 44 11.65 -4.86 -50.53
CA LYS D 44 13.05 -4.50 -50.72
C LYS D 44 13.90 -4.65 -49.47
N LEU D 45 15.19 -4.74 -49.67
CA LEU D 45 16.13 -4.93 -48.57
C LEU D 45 16.40 -3.61 -47.90
N ILE D 46 16.26 -3.59 -46.58
CA ILE D 46 16.56 -2.41 -45.78
C ILE D 46 17.99 -2.48 -45.28
N SER D 47 18.35 -3.64 -44.75
CA SER D 47 19.64 -3.79 -44.10
C SER D 47 19.96 -5.25 -43.89
N ASP D 48 21.24 -5.50 -43.60
CA ASP D 48 21.69 -6.82 -43.19
C ASP D 48 21.92 -6.77 -41.69
N VAL D 49 21.59 -7.87 -41.02
CA VAL D 49 21.62 -7.94 -39.56
C VAL D 49 22.51 -9.09 -39.14
N PHE D 50 23.56 -8.81 -38.42
CA PHE D 50 24.45 -9.88 -37.98
C PHE D 50 23.82 -10.70 -36.87
N GLU D 51 23.72 -12.01 -37.10
CA GLU D 51 23.15 -12.93 -36.14
C GLU D 51 24.19 -13.26 -35.06
N ALA D 52 23.90 -12.90 -33.80
CA ALA D 52 24.72 -13.37 -32.69
C ALA D 52 24.71 -14.90 -32.62
N ASP D 53 25.88 -15.52 -32.46
CA ASP D 53 25.97 -16.95 -32.23
C ASP D 53 26.11 -17.24 -30.73
N ALA D 54 26.00 -18.53 -30.37
CA ALA D 54 26.05 -18.98 -28.98
C ALA D 54 27.22 -18.43 -28.19
N LYS D 55 28.32 -18.19 -28.89
CA LYS D 55 29.52 -17.70 -28.24
C LYS D 55 29.32 -16.25 -27.84
N GLN D 56 28.63 -15.49 -28.69
CA GLN D 56 28.42 -14.06 -28.44
C GLN D 56 27.35 -13.85 -27.37
N VAL D 57 26.31 -14.71 -27.40
CA VAL D 57 25.30 -14.74 -26.37
C VAL D 57 25.99 -15.01 -25.01
N ASN D 58 26.88 -16.00 -24.96
CA ASN D 58 27.54 -16.29 -23.70
C ASN D 58 28.34 -15.08 -23.26
N GLU D 59 29.09 -14.47 -24.16
CA GLU D 59 29.79 -13.23 -23.83
C GLU D 59 28.85 -12.09 -23.30
N ALA D 60 27.61 -12.03 -23.81
CA ALA D 60 26.66 -10.99 -23.38
C ALA D 60 26.20 -11.27 -21.96
N VAL D 61 25.76 -12.51 -21.73
CA VAL D 61 25.40 -12.93 -20.39
C VAL D 61 26.55 -12.70 -19.36
N VAL D 62 27.75 -13.17 -19.67
CA VAL D 62 28.84 -13.01 -18.75
C VAL D 62 29.12 -11.53 -18.55
N ALA D 63 29.17 -10.75 -19.63
CA ALA D 63 29.35 -9.32 -19.44
C ALA D 63 28.25 -8.72 -18.52
N ALA D 64 27.05 -9.28 -18.57
CA ALA D 64 25.92 -8.67 -17.87
C ALA D 64 26.06 -9.02 -16.41
N GLN D 65 26.39 -10.28 -16.12
CA GLN D 65 26.75 -10.69 -14.74
C GLN D 65 27.81 -9.79 -14.14
N ASN D 66 28.86 -9.53 -14.91
CA ASN D 66 29.96 -8.76 -14.40
C ASN D 66 29.58 -7.31 -14.17
N ALA D 67 28.72 -6.76 -15.02
CA ALA D 67 28.36 -5.36 -14.89
C ALA D 67 27.59 -5.11 -13.58
N LEU D 68 26.93 -6.16 -13.07
CA LEU D 68 26.25 -6.11 -11.76
C LEU D 68 27.23 -5.81 -10.60
N LYS D 69 28.52 -6.07 -10.82
CA LYS D 69 29.56 -5.81 -9.83
C LYS D 69 30.38 -4.59 -10.14
N GLY D 70 30.01 -3.86 -11.19
CA GLY D 70 30.71 -2.66 -11.56
C GLY D 70 29.93 -1.44 -11.15
N PRO D 71 30.25 -0.29 -11.76
CA PRO D 71 29.69 1.01 -11.39
C PRO D 71 28.16 0.99 -11.33
N TRP D 72 27.55 0.16 -12.17
CA TRP D 72 26.10 0.09 -12.28
C TRP D 72 25.56 -0.40 -10.95
N GLY D 73 26.16 -1.47 -10.43
CA GLY D 73 25.78 -1.97 -9.14
C GLY D 73 25.90 -0.96 -8.00
N LYS D 74 26.71 0.09 -8.16
CA LYS D 74 26.96 1.02 -7.04
C LYS D 74 26.13 2.29 -7.13
N LEU D 75 25.39 2.45 -8.22
CA LEU D 75 24.58 3.65 -8.38
C LEU D 75 23.46 3.69 -7.36
N SER D 76 23.27 4.85 -6.76
CA SER D 76 22.09 5.07 -5.93
C SER D 76 20.84 5.00 -6.85
N VAL D 77 19.68 4.72 -6.25
CA VAL D 77 18.42 4.62 -6.98
C VAL D 77 18.13 5.94 -7.69
N GLN D 78 18.47 7.06 -7.05
CA GLN D 78 18.31 8.35 -7.70
C GLN D 78 19.24 8.51 -8.92
N ASP D 79 20.51 8.14 -8.79
CA ASP D 79 21.44 8.23 -9.93
C ASP D 79 21.04 7.27 -11.06
N ARG D 80 20.55 6.08 -10.70
CA ARG D 80 20.13 5.10 -11.68
C ARG D 80 18.95 5.62 -12.48
N ALA D 81 18.00 6.22 -11.80
CA ALA D 81 16.83 6.76 -12.43
C ALA D 81 17.16 7.97 -13.32
N ALA D 82 18.15 8.76 -12.92
CA ALA D 82 18.51 9.94 -13.69
C ALA D 82 19.13 9.51 -15.00
N LEU D 83 19.89 8.43 -14.94
CA LEU D 83 20.52 7.87 -16.12
C LEU D 83 19.48 7.24 -17.07
N ILE D 84 18.43 6.63 -16.52
CA ILE D 84 17.34 6.09 -17.35
C ILE D 84 16.53 7.23 -17.99
N HIS D 85 16.26 8.31 -17.26
CA HIS D 85 15.64 9.48 -17.87
C HIS D 85 16.46 10.08 -19.01
N LYS D 86 17.78 9.93 -18.89
CA LYS D 86 18.70 10.36 -19.91
C LYS D 86 18.64 9.47 -21.18
N ILE D 87 18.62 8.15 -21.00
CA ILE D 87 18.29 7.26 -22.11
C ILE D 87 17.06 7.75 -22.84
N ALA D 88 16.03 8.06 -22.07
CA ALA D 88 14.78 8.50 -22.63
C ALA D 88 14.93 9.87 -23.36
N ASP D 89 15.72 10.78 -22.80
CA ASP D 89 16.02 12.06 -23.44
C ASP D 89 16.70 11.79 -24.81
N GLY D 90 17.50 10.73 -24.85
CA GLY D 90 18.23 10.38 -26.05
C GLY D 90 17.31 9.88 -27.17
N ILE D 91 16.33 9.06 -26.83
CA ILE D 91 15.38 8.63 -27.82
C ILE D 91 14.66 9.90 -28.30
N GLN D 92 14.19 10.70 -27.36
CA GLN D 92 13.51 11.95 -27.72
C GLN D 92 14.31 12.85 -28.69
N ALA D 93 15.61 12.94 -28.49
CA ALA D 93 16.45 13.80 -29.28
C ALA D 93 16.67 13.22 -30.68
N ARG D 94 16.36 11.93 -30.84
CA ARG D 94 16.48 11.27 -32.13
C ARG D 94 15.11 10.77 -32.55
N PHE D 95 14.08 11.48 -32.14
CA PHE D 95 12.75 10.97 -32.25
C PHE D 95 12.42 10.48 -33.68
N GLU D 96 12.66 11.33 -34.66
CA GLU D 96 12.26 11.03 -36.03
C GLU D 96 13.06 9.87 -36.63
N GLU D 97 14.33 9.74 -36.28
CA GLU D 97 15.09 8.53 -36.60
C GLU D 97 14.43 7.26 -36.08
N PHE D 98 13.91 7.32 -34.86
CA PHE D 98 13.26 6.13 -34.29
C PHE D 98 11.99 5.83 -35.04
N VAL D 99 11.23 6.89 -35.33
CA VAL D 99 10.02 6.76 -36.15
C VAL D 99 10.37 6.10 -37.47
N ALA D 100 11.37 6.66 -38.15
CA ALA D 100 11.79 6.14 -39.46
C ALA D 100 12.18 4.64 -39.39
N ALA D 101 12.88 4.23 -38.33
CA ALA D 101 13.29 2.83 -38.19
C ALA D 101 12.14 1.85 -37.98
N GLU D 102 11.19 2.21 -37.12
CA GLU D 102 10.02 1.38 -36.89
C GLU D 102 9.19 1.24 -38.16
N VAL D 103 9.07 2.34 -38.88
CA VAL D 103 8.29 2.35 -40.11
C VAL D 103 8.92 1.51 -41.19
N ALA D 104 10.23 1.65 -41.38
CA ALA D 104 10.91 0.83 -42.37
C ALA D 104 10.71 -0.65 -42.12
N ASP D 105 10.97 -1.10 -40.90
CA ASP D 105 10.91 -2.52 -40.57
C ASP D 105 9.55 -3.14 -40.72
N THR D 106 8.50 -2.39 -40.45
CA THR D 106 7.20 -3.01 -40.26
C THR D 106 6.11 -2.46 -41.12
N GLY D 107 6.35 -1.35 -41.77
CA GLY D 107 5.34 -0.77 -42.62
C GLY D 107 4.22 -0.07 -41.90
N ARG D 108 4.36 0.13 -40.59
CA ARG D 108 3.34 0.82 -39.83
C ARG D 108 3.21 2.28 -40.30
N PRO D 109 1.99 2.79 -40.34
CA PRO D 109 1.79 4.20 -40.73
C PRO D 109 2.64 5.12 -39.87
N VAL D 110 3.20 6.16 -40.47
CA VAL D 110 4.10 7.06 -39.78
C VAL D 110 3.38 7.73 -38.61
N HIS D 111 2.11 8.00 -38.80
CA HIS D 111 1.32 8.73 -37.82
C HIS D 111 1.21 7.92 -36.54
N GLN D 112 1.01 6.60 -36.67
CA GLN D 112 0.98 5.70 -35.51
C GLN D 112 2.33 5.62 -34.83
N ALA D 113 3.40 5.53 -35.62
CA ALA D 113 4.74 5.51 -35.05
C ALA D 113 4.98 6.80 -34.31
N ARG D 114 4.58 7.91 -34.89
CA ARG D 114 4.78 9.23 -34.25
C ARG D 114 3.96 9.45 -32.98
N THR D 115 2.76 8.88 -32.89
CA THR D 115 1.84 9.14 -31.75
C THR D 115 1.66 7.99 -30.75
N LEU D 116 1.87 6.76 -31.20
CA LEU D 116 1.77 5.64 -30.30
C LEU D 116 3.14 5.06 -29.94
N ASP D 117 3.86 4.53 -30.93
CA ASP D 117 4.99 3.64 -30.68
C ASP D 117 6.18 4.34 -30.01
N ILE D 118 6.67 5.42 -30.58
CA ILE D 118 7.88 6.00 -30.03
C ILE D 118 7.58 6.75 -28.73
N PRO D 119 6.47 7.52 -28.69
CA PRO D 119 6.23 8.14 -27.38
C PRO D 119 6.02 7.10 -26.26
N ARG D 120 5.39 5.97 -26.54
CA ARG D 120 5.19 4.97 -25.47
C ARG D 120 6.56 4.40 -25.06
N ALA D 121 7.49 4.30 -26.01
CA ALA D 121 8.78 3.74 -25.69
C ALA D 121 9.54 4.73 -24.82
N ILE D 122 9.43 6.01 -25.11
CA ILE D 122 9.97 7.02 -24.20
C ILE D 122 9.31 6.93 -22.80
N ALA D 123 7.99 6.86 -22.79
CA ALA D 123 7.23 6.90 -21.58
C ALA D 123 7.50 5.67 -20.70
N ASN D 124 7.80 4.54 -21.30
CA ASN D 124 8.14 3.35 -20.55
C ASN D 124 9.36 3.62 -19.69
N PHE D 125 10.40 4.18 -20.29
CA PHE D 125 11.58 4.48 -19.51
C PHE D 125 11.29 5.52 -18.39
N ARG D 126 10.50 6.55 -18.68
CA ARG D 126 10.29 7.58 -17.71
C ARG D 126 9.49 7.03 -16.56
N THR D 127 8.44 6.27 -16.86
CA THR D 127 7.55 5.77 -15.83
C THR D 127 8.28 4.88 -14.81
N PHE D 128 9.08 3.95 -15.30
CA PHE D 128 9.81 3.04 -14.42
C PHE D 128 11.00 3.68 -13.76
N ALA D 129 11.56 4.72 -14.34
CA ALA D 129 12.62 5.46 -13.65
C ALA D 129 12.00 6.16 -12.45
N ASP D 130 10.79 6.68 -12.65
CA ASP D 130 10.08 7.34 -11.56
C ASP D 130 9.70 6.36 -10.43
N LEU D 131 9.19 5.19 -10.81
CA LEU D 131 8.82 4.18 -9.85
C LEU D 131 10.05 3.73 -9.09
N ALA D 132 11.22 3.77 -9.73
CA ALA D 132 12.43 3.35 -9.04
C ALA D 132 12.65 4.26 -7.87
N LYS D 133 12.38 5.54 -8.05
CA LYS D 133 12.63 6.53 -7.02
C LYS D 133 11.57 6.46 -5.92
N THR D 134 10.32 6.17 -6.27
CA THR D 134 9.24 6.25 -5.28
C THR D 134 8.98 4.94 -4.56
N SER D 135 9.46 3.84 -5.09
CA SER D 135 9.07 2.53 -4.58
C SER D 135 9.69 2.27 -3.21
N HIS D 136 8.92 1.69 -2.31
CA HIS D 136 9.45 1.31 -0.99
C HIS D 136 8.94 -0.05 -0.65
N THR D 137 9.42 -0.58 0.47
CA THR D 137 9.01 -1.91 0.91
C THR D 137 8.34 -1.89 2.30
N ASP D 138 8.28 -3.04 2.95
CA ASP D 138 7.40 -3.22 4.11
C ASP D 138 8.13 -3.52 5.43
N LEU D 139 7.49 -3.07 6.50
CA LEU D 139 7.98 -3.28 7.87
C LEU D 139 6.87 -3.95 8.66
N PHE D 140 7.19 -5.11 9.19
CA PHE D 140 6.26 -5.89 10.02
C PHE D 140 6.85 -6.07 11.42
N GLU D 141 6.14 -5.65 12.45
CA GLU D 141 6.56 -5.94 13.82
C GLU D 141 5.86 -7.19 14.34
N MET D 142 6.54 -7.96 15.19
CA MET D 142 5.93 -9.13 15.84
C MET D 142 6.42 -9.28 17.27
N SER D 143 5.62 -10.00 18.06
CA SER D 143 6.00 -10.40 19.40
C SER D 143 6.66 -11.78 19.36
N THR D 144 7.41 -12.09 20.41
CA THR D 144 8.07 -13.40 20.58
C THR D 144 7.82 -13.91 22.00
N SER D 145 8.12 -15.19 22.25
CA SER D 145 8.08 -15.76 23.61
C SER D 145 8.68 -14.82 24.67
N ASP D 146 9.91 -14.36 24.44
CA ASP D 146 10.71 -13.72 25.48
C ASP D 146 10.35 -12.25 25.75
N GLY D 147 9.33 -11.75 25.03
CA GLY D 147 8.79 -10.43 25.27
C GLY D 147 9.57 -9.27 24.67
N SER D 148 10.62 -9.60 23.90
CA SER D 148 11.47 -8.55 23.31
C SER D 148 11.08 -8.23 21.86
N GLY D 149 10.39 -9.15 21.20
CA GLY D 149 9.88 -8.91 19.85
C GLY D 149 10.89 -9.14 18.72
N ALA D 150 10.43 -8.87 17.51
CA ALA D 150 11.23 -8.97 16.32
C ALA D 150 10.75 -7.96 15.29
N LEU D 151 11.60 -7.69 14.31
CA LEU D 151 11.29 -6.87 13.14
C LEU D 151 11.49 -7.70 11.90
N ASN D 152 10.55 -7.65 10.99
CA ASN D 152 10.72 -8.15 9.64
C ASN D 152 10.62 -6.98 8.70
N TYR D 153 11.69 -6.71 7.94
CA TYR D 153 11.63 -5.72 6.89
C TYR D 153 12.01 -6.37 5.54
N THR D 154 11.43 -5.86 4.45
CA THR D 154 11.72 -6.41 3.15
C THR D 154 12.49 -5.40 2.36
N VAL D 155 13.25 -5.91 1.41
CA VAL D 155 13.97 -5.06 0.49
C VAL D 155 13.82 -5.64 -0.92
N ARG D 156 13.98 -4.74 -1.90
CA ARG D 156 14.09 -5.09 -3.30
C ARG D 156 15.52 -4.99 -3.78
N LYS D 157 16.00 -6.09 -4.34
CA LYS D 157 17.30 -6.12 -5.00
C LYS D 157 17.11 -6.51 -6.47
N PRO D 158 18.12 -6.21 -7.30
CA PRO D 158 18.10 -6.71 -8.68
C PRO D 158 17.99 -8.23 -8.68
N LEU D 159 17.12 -8.77 -9.52
CA LEU D 159 17.04 -10.22 -9.71
C LEU D 159 18.39 -10.78 -10.24
N GLY D 160 19.00 -10.07 -11.18
CA GLY D 160 20.25 -10.49 -11.76
C GLY D 160 20.33 -10.05 -13.21
N VAL D 161 20.57 -11.00 -14.11
CA VAL D 161 20.62 -10.70 -15.55
C VAL D 161 19.26 -11.09 -16.08
N ILE D 162 18.62 -10.16 -16.79
CA ILE D 162 17.27 -10.45 -17.31
C ILE D 162 17.38 -10.73 -18.79
N GLY D 163 16.82 -11.86 -19.20
CA GLY D 163 16.71 -12.17 -20.61
C GLY D 163 15.37 -11.70 -21.17
N VAL D 164 15.44 -10.81 -22.17
CA VAL D 164 14.28 -10.29 -22.86
C VAL D 164 14.19 -10.85 -24.33
N ILE D 165 13.10 -11.53 -24.65
CA ILE D 165 12.83 -11.93 -26.02
C ILE D 165 11.54 -11.23 -26.46
N SER D 166 11.62 -10.31 -27.42
CA SER D 166 10.47 -9.43 -27.65
C SER D 166 9.97 -9.55 -29.08
N PRO D 167 8.70 -9.12 -29.31
CA PRO D 167 7.99 -9.37 -30.57
C PRO D 167 8.12 -8.27 -31.61
N TRP D 168 7.54 -8.55 -32.78
CA TRP D 168 7.74 -7.70 -33.95
C TRP D 168 6.56 -6.75 -34.22
N ASN D 169 5.48 -6.90 -33.47
CA ASN D 169 4.29 -6.14 -33.80
C ASN D 169 4.37 -4.72 -33.21
N LEU D 170 4.93 -4.58 -32.01
CA LEU D 170 5.21 -3.26 -31.46
C LEU D 170 6.66 -3.28 -30.97
N PRO D 171 7.57 -3.15 -31.94
CA PRO D 171 8.96 -3.49 -31.66
C PRO D 171 9.54 -2.65 -30.49
N LEU D 172 9.60 -1.34 -30.64
CA LEU D 172 10.24 -0.55 -29.60
C LEU D 172 9.38 -0.48 -28.31
N LEU D 173 8.06 -0.43 -28.49
CA LEU D 173 7.14 -0.28 -27.37
C LEU D 173 7.23 -1.48 -26.43
N LEU D 174 7.04 -2.69 -26.96
CA LEU D 174 7.14 -3.90 -26.15
C LEU D 174 8.56 -4.24 -25.71
N PHE D 175 9.55 -3.83 -26.49
CA PHE D 175 10.93 -4.05 -26.13
C PHE D 175 11.28 -3.22 -24.88
N THR D 176 10.86 -1.96 -24.85
CA THR D 176 11.23 -1.07 -23.75
C THR D 176 10.35 -1.35 -22.53
N TRP D 177 9.19 -1.94 -22.81
CA TRP D 177 8.23 -2.29 -21.79
C TRP D 177 8.88 -3.26 -20.81
N LYS D 178 9.81 -4.06 -21.33
CA LYS D 178 10.52 -5.05 -20.54
C LYS D 178 11.85 -4.47 -20.10
N VAL D 179 12.56 -3.80 -20.99
CA VAL D 179 13.92 -3.37 -20.70
C VAL D 179 13.89 -2.24 -19.66
N ALA D 180 12.89 -1.38 -19.74
CA ALA D 180 12.78 -0.26 -18.80
C ALA D 180 12.65 -0.69 -17.30
N PRO D 181 11.64 -1.48 -16.95
CA PRO D 181 11.60 -1.93 -15.55
C PRO D 181 12.78 -2.81 -15.14
N ALA D 182 13.32 -3.58 -16.07
CA ALA D 182 14.49 -4.40 -15.75
C ALA D 182 15.64 -3.51 -15.32
N LEU D 183 15.89 -2.43 -16.05
CA LEU D 183 17.00 -1.53 -15.70
C LEU D 183 16.68 -0.67 -14.49
N ALA D 184 15.43 -0.23 -14.39
CA ALA D 184 14.99 0.54 -13.25
C ALA D 184 15.18 -0.21 -11.93
N CYS D 185 15.19 -1.54 -11.96
CA CYS D 185 15.29 -2.38 -10.78
C CYS D 185 16.74 -2.81 -10.56
N GLY D 186 17.64 -2.34 -11.39
CA GLY D 186 19.04 -2.54 -11.11
C GLY D 186 19.60 -3.77 -11.78
N ASN D 187 18.79 -4.47 -12.54
CA ASN D 187 19.31 -5.61 -13.27
C ASN D 187 20.18 -5.14 -14.41
N THR D 188 20.88 -6.11 -14.98
CA THR D 188 21.47 -5.94 -16.31
C THR D 188 20.68 -6.78 -17.29
N VAL D 189 20.86 -6.52 -18.59
CA VAL D 189 19.95 -7.05 -19.59
C VAL D 189 20.68 -7.70 -20.78
N VAL D 190 20.15 -8.82 -21.24
CA VAL D 190 20.52 -9.29 -22.57
C VAL D 190 19.24 -9.47 -23.34
N ALA D 191 19.04 -8.65 -24.38
CA ALA D 191 17.79 -8.62 -25.14
C ALA D 191 18.00 -8.98 -26.60
N LYS D 192 17.01 -9.73 -27.09
CA LYS D 192 16.94 -10.27 -28.43
C LYS D 192 15.68 -9.72 -29.08
N PRO D 193 15.80 -8.66 -29.91
CA PRO D 193 14.60 -8.10 -30.56
C PRO D 193 14.18 -9.00 -31.73
N SER D 194 12.94 -8.88 -32.24
CA SER D 194 12.49 -9.77 -33.31
C SER D 194 13.38 -9.66 -34.54
N GLU D 195 13.60 -10.78 -35.20
CA GLU D 195 14.34 -10.77 -36.45
C GLU D 195 13.61 -9.91 -37.50
N GLU D 196 12.28 -9.82 -37.40
CA GLU D 196 11.48 -9.04 -38.35
C GLU D 196 11.59 -7.53 -38.09
N SER D 197 12.12 -7.14 -36.91
CA SER D 197 12.07 -5.72 -36.53
C SER D 197 13.20 -5.30 -35.59
N PRO D 198 14.43 -5.27 -36.12
CA PRO D 198 15.57 -5.00 -35.27
C PRO D 198 16.13 -3.59 -35.33
N SER D 199 15.55 -2.71 -36.13
CA SER D 199 16.19 -1.42 -36.34
C SER D 199 16.08 -0.53 -35.10
N SER D 200 14.89 -0.42 -34.51
CA SER D 200 14.74 0.57 -33.44
C SER D 200 15.54 0.12 -32.21
N ALA D 201 15.58 -1.18 -31.98
CA ALA D 201 16.35 -1.72 -30.87
C ALA D 201 17.83 -1.40 -31.07
N THR D 202 18.29 -1.48 -32.32
CA THR D 202 19.68 -1.24 -32.59
C THR D 202 20.00 0.24 -32.32
N LEU D 203 19.06 1.11 -32.69
CA LEU D 203 19.14 2.52 -32.33
C LEU D 203 19.11 2.77 -30.80
N LEU D 204 18.29 1.99 -30.10
CA LEU D 204 18.25 2.14 -28.64
C LEU D 204 19.63 1.86 -28.04
N ALA D 205 20.34 0.87 -28.58
CA ALA D 205 21.68 0.57 -28.09
C ALA D 205 22.61 1.79 -28.24
N GLU D 206 22.48 2.49 -29.37
CA GLU D 206 23.30 3.65 -29.61
C GLU D 206 22.96 4.71 -28.56
N VAL D 207 21.68 4.91 -28.29
CA VAL D 207 21.27 5.86 -27.26
C VAL D 207 21.89 5.41 -25.94
N MET D 208 21.85 4.11 -25.66
CA MET D 208 22.42 3.59 -24.43
C MET D 208 23.89 3.99 -24.30
N HIS D 209 24.63 3.69 -25.36
CA HIS D 209 26.05 3.97 -25.47
C HIS D 209 26.36 5.45 -25.29
N ASP D 210 25.65 6.30 -26.03
CA ASP D 210 25.96 7.72 -26.02
C ASP D 210 25.58 8.33 -24.68
N ALA D 211 24.62 7.70 -24.00
CA ALA D 211 24.16 8.19 -22.71
C ALA D 211 25.11 7.79 -21.60
N GLY D 212 26.10 6.93 -21.90
CA GLY D 212 27.10 6.57 -20.90
C GLY D 212 26.71 5.39 -20.04
N VAL D 213 25.75 4.61 -20.52
CA VAL D 213 25.34 3.43 -19.82
C VAL D 213 26.58 2.53 -19.75
N PRO D 214 26.93 2.05 -18.54
CA PRO D 214 28.19 1.31 -18.39
C PRO D 214 28.21 -0.01 -19.15
N PRO D 215 29.38 -0.36 -19.71
CA PRO D 215 29.48 -1.58 -20.52
C PRO D 215 28.93 -2.82 -19.82
N GLY D 216 28.18 -3.61 -20.57
CA GLY D 216 27.60 -4.85 -20.04
C GLY D 216 26.21 -4.65 -19.40
N VAL D 217 25.82 -3.45 -19.05
CA VAL D 217 24.48 -3.27 -18.46
C VAL D 217 23.37 -3.68 -19.42
N PHE D 218 23.41 -3.09 -20.62
CA PHE D 218 22.50 -3.42 -21.70
C PHE D 218 23.19 -4.12 -22.88
N ASN D 219 22.77 -5.34 -23.20
CA ASN D 219 23.33 -6.05 -24.34
C ASN D 219 22.30 -6.44 -25.37
N LEU D 220 22.61 -6.20 -26.65
CA LEU D 220 21.71 -6.47 -27.75
C LEU D 220 22.24 -7.57 -28.65
N ILE D 221 21.53 -8.68 -28.68
CA ILE D 221 21.84 -9.78 -29.55
C ILE D 221 20.72 -10.01 -30.56
N HIS D 222 21.11 -10.05 -31.83
CA HIS D 222 20.17 -10.26 -32.95
C HIS D 222 20.09 -11.70 -33.36
N GLY D 223 18.94 -12.10 -33.91
CA GLY D 223 18.77 -13.46 -34.36
C GLY D 223 17.34 -13.97 -34.27
N PHE D 224 17.21 -15.29 -34.33
CA PHE D 224 15.92 -15.95 -34.34
C PHE D 224 15.77 -16.67 -33.05
N GLY D 225 14.87 -17.66 -33.04
CA GLY D 225 14.63 -18.45 -31.87
C GLY D 225 15.45 -19.74 -31.95
N LYS D 226 14.79 -20.83 -32.31
CA LYS D 226 15.43 -22.14 -32.38
C LYS D 226 16.78 -22.13 -33.09
N ASP D 227 17.75 -22.80 -32.47
CA ASP D 227 19.10 -22.96 -33.03
C ASP D 227 19.68 -21.61 -33.35
N SER D 228 19.26 -20.63 -32.57
CA SER D 228 19.73 -19.28 -32.73
C SER D 228 19.69 -18.51 -31.40
N ALA D 229 20.04 -17.23 -31.48
CA ALA D 229 20.23 -16.36 -30.33
C ALA D 229 19.14 -16.46 -29.28
N GLY D 230 17.88 -16.59 -29.68
CA GLY D 230 16.77 -16.68 -28.74
C GLY D 230 16.79 -17.95 -27.90
N GLU D 231 17.10 -19.06 -28.56
CA GLU D 231 17.24 -20.32 -27.86
C GLU D 231 18.48 -20.30 -26.98
N PHE D 232 19.58 -19.79 -27.50
CA PHE D 232 20.81 -19.70 -26.70
C PHE D 232 20.59 -18.88 -25.41
N LEU D 233 19.86 -17.78 -25.53
CA LEU D 233 19.56 -16.93 -24.39
C LEU D 233 18.73 -17.71 -23.37
N THR D 234 17.66 -18.32 -23.87
CA THR D 234 16.73 -19.05 -23.04
C THR D 234 17.38 -20.20 -22.25
N GLN D 235 18.46 -20.77 -22.80
CA GLN D 235 19.11 -21.94 -22.23
C GLN D 235 20.27 -21.58 -21.30
N HIS D 236 20.72 -20.34 -21.37
CA HIS D 236 21.92 -19.94 -20.67
C HIS D 236 21.66 -19.94 -19.16
N PRO D 237 22.52 -20.61 -18.38
CA PRO D 237 22.33 -20.74 -16.91
C PRO D 237 22.59 -19.46 -16.13
N GLY D 238 23.44 -18.60 -16.65
CA GLY D 238 23.66 -17.30 -16.05
C GLY D 238 22.53 -16.26 -16.06
N ILE D 239 21.37 -16.53 -16.68
CA ILE D 239 20.29 -15.54 -16.58
C ILE D 239 19.56 -15.83 -15.28
N SER D 240 18.82 -14.85 -14.75
CA SER D 240 17.99 -15.09 -13.57
C SER D 240 16.50 -15.09 -13.96
N ALA D 241 16.17 -14.46 -15.08
CA ALA D 241 14.79 -14.43 -15.52
C ALA D 241 14.69 -14.32 -17.06
N LEU D 242 13.56 -14.82 -17.56
CA LEU D 242 13.17 -14.70 -18.97
C LEU D 242 11.78 -14.09 -19.05
N THR D 243 11.71 -12.90 -19.62
CA THR D 243 10.42 -12.28 -19.80
C THR D 243 10.23 -12.24 -21.29
N PHE D 244 9.02 -12.55 -21.71
CA PHE D 244 8.71 -12.81 -23.11
C PHE D 244 7.29 -12.38 -23.41
N THR D 245 7.12 -11.73 -24.56
CA THR D 245 5.82 -11.46 -25.14
C THR D 245 5.78 -12.09 -26.56
N GLY D 246 4.67 -12.75 -26.93
CA GLY D 246 4.55 -13.42 -28.22
C GLY D 246 3.57 -14.60 -28.23
N GLU D 247 3.74 -15.48 -29.21
CA GLU D 247 2.87 -16.65 -29.37
C GLU D 247 2.86 -17.56 -28.15
N SER D 248 1.68 -18.07 -27.86
CA SER D 248 1.49 -18.85 -26.66
C SER D 248 2.35 -20.13 -26.66
N LYS D 249 2.36 -20.87 -27.77
CA LYS D 249 3.15 -22.09 -27.87
C LYS D 249 4.64 -21.80 -27.62
N THR D 250 5.07 -20.59 -27.96
CA THR D 250 6.44 -20.23 -27.72
C THR D 250 6.69 -19.96 -26.21
N GLY D 251 5.71 -19.33 -25.55
CA GLY D 251 5.74 -19.22 -24.11
C GLY D 251 5.97 -20.59 -23.50
N SER D 252 5.12 -21.55 -23.86
CA SER D 252 5.22 -22.92 -23.38
C SER D 252 6.65 -23.49 -23.63
N THR D 253 7.18 -23.30 -24.82
CA THR D 253 8.55 -23.77 -25.11
C THR D 253 9.59 -23.10 -24.17
N ILE D 254 9.46 -21.80 -23.97
CA ILE D 254 10.37 -21.08 -23.10
C ILE D 254 10.27 -21.62 -21.67
N MET D 255 9.05 -21.86 -21.19
CA MET D 255 8.85 -22.36 -19.84
C MET D 255 9.55 -23.71 -19.63
N LYS D 256 9.41 -24.61 -20.61
CA LYS D 256 10.09 -25.91 -20.56
C LYS D 256 11.60 -25.72 -20.50
N ALA D 257 12.10 -24.72 -21.24
CA ALA D 257 13.53 -24.54 -21.44
C ALA D 257 14.28 -24.01 -20.23
N VAL D 258 13.58 -23.24 -19.38
CA VAL D 258 14.22 -22.64 -18.22
C VAL D 258 13.87 -23.40 -16.94
N ALA D 259 13.09 -24.47 -17.10
CA ALA D 259 12.54 -25.23 -15.99
C ALA D 259 13.63 -25.89 -15.09
N ASP D 260 14.66 -26.47 -15.71
CA ASP D 260 15.75 -27.11 -14.97
C ASP D 260 16.45 -26.07 -14.11
N GLY D 261 16.43 -24.80 -14.53
CA GLY D 261 17.05 -23.71 -13.78
C GLY D 261 16.10 -23.01 -12.80
N VAL D 262 14.80 -23.36 -12.89
CA VAL D 262 13.73 -22.70 -12.11
C VAL D 262 13.82 -21.18 -12.23
N LYS D 263 14.01 -20.69 -13.45
CA LYS D 263 14.12 -19.27 -13.71
C LYS D 263 12.77 -18.57 -13.46
N GLU D 264 12.83 -17.33 -13.00
CA GLU D 264 11.61 -16.55 -12.93
C GLU D 264 11.16 -16.27 -14.39
N VAL D 265 9.87 -16.47 -14.63
CA VAL D 265 9.29 -16.24 -15.95
C VAL D 265 8.06 -15.29 -15.92
N SER D 266 7.94 -14.52 -16.98
CA SER D 266 6.84 -13.55 -17.13
C SER D 266 6.37 -13.56 -18.59
N PHE D 267 5.13 -14.02 -18.82
CA PHE D 267 4.64 -14.22 -20.18
C PHE D 267 3.40 -13.37 -20.56
N GLU D 268 3.47 -12.71 -21.71
CA GLU D 268 2.28 -12.08 -22.30
C GLU D 268 2.10 -12.76 -23.66
N LEU D 269 1.04 -13.53 -23.78
CA LEU D 269 0.93 -14.47 -24.88
C LEU D 269 -0.21 -14.13 -25.84
N GLY D 270 -0.80 -15.12 -26.48
CA GLY D 270 -1.82 -14.87 -27.47
C GLY D 270 -3.09 -14.27 -26.89
N GLY D 271 -4.06 -14.03 -27.77
CA GLY D 271 -5.41 -13.73 -27.35
C GLY D 271 -6.35 -14.06 -28.49
N LYS D 272 -7.57 -14.46 -28.15
CA LYS D 272 -8.67 -14.42 -29.08
C LYS D 272 -9.69 -13.48 -28.44
N ASN D 273 -9.35 -12.20 -28.45
CA ASN D 273 -10.09 -11.19 -27.73
C ASN D 273 -11.44 -10.82 -28.32
N ALA D 274 -12.41 -10.66 -27.44
CA ALA D 274 -13.74 -10.31 -27.85
C ALA D 274 -14.09 -8.85 -27.60
N ALA D 275 -14.89 -8.28 -28.49
CA ALA D 275 -15.61 -7.07 -28.15
C ALA D 275 -17.07 -7.46 -28.04
N VAL D 276 -17.75 -6.82 -27.09
CA VAL D 276 -19.14 -7.04 -26.90
C VAL D 276 -19.87 -5.71 -27.05
N VAL D 277 -20.90 -5.68 -27.87
CA VAL D 277 -21.73 -4.49 -28.02
C VAL D 277 -23.18 -4.73 -27.60
N PHE D 278 -23.56 -4.10 -26.50
CA PHE D 278 -24.89 -4.22 -25.98
C PHE D 278 -25.85 -3.28 -26.67
N ALA D 279 -27.15 -3.59 -26.56
CA ALA D 279 -28.19 -2.79 -27.18
C ALA D 279 -28.14 -1.36 -26.73
N ASP D 280 -27.59 -1.06 -25.55
CA ASP D 280 -27.60 0.34 -25.12
C ASP D 280 -26.25 1.05 -25.40
N ALA D 281 -25.41 0.43 -26.22
CA ALA D 281 -24.15 1.08 -26.58
C ALA D 281 -24.43 2.36 -27.35
N ASP D 282 -23.48 3.28 -27.34
CA ASP D 282 -23.49 4.34 -28.34
C ASP D 282 -22.98 3.63 -29.60
N LEU D 283 -23.91 3.37 -30.53
CA LEU D 283 -23.66 2.50 -31.67
C LEU D 283 -22.57 3.03 -32.60
N ASP D 284 -22.61 4.33 -32.87
CA ASP D 284 -21.57 4.97 -33.69
C ASP D 284 -20.22 4.91 -33.04
N ALA D 285 -20.17 5.15 -31.74
CA ALA D 285 -18.92 5.06 -31.03
C ALA D 285 -18.45 3.59 -31.00
N ALA D 286 -19.37 2.63 -30.86
CA ALA D 286 -18.96 1.21 -30.82
C ALA D 286 -18.46 0.74 -32.18
N ILE D 287 -19.06 1.23 -33.25
CA ILE D 287 -18.61 0.87 -34.59
C ILE D 287 -17.18 1.35 -34.77
N GLU D 288 -16.97 2.61 -34.42
CA GLU D 288 -15.66 3.20 -34.53
C GLU D 288 -14.66 2.50 -33.65
N GLY D 289 -15.10 2.10 -32.47
CA GLY D 289 -14.20 1.46 -31.52
C GLY D 289 -13.79 0.08 -31.98
N VAL D 290 -14.73 -0.65 -32.55
CA VAL D 290 -14.46 -2.02 -33.02
C VAL D 290 -13.66 -1.95 -34.30
N LEU D 291 -13.87 -0.89 -35.09
CA LEU D 291 -13.02 -0.67 -36.24
C LEU D 291 -11.57 -0.54 -35.81
N ARG D 292 -11.34 0.24 -34.76
CA ARG D 292 -9.99 0.42 -34.26
C ARG D 292 -9.45 -0.85 -33.61
N SER D 293 -10.26 -1.53 -32.82
CA SER D 293 -9.75 -2.70 -32.13
C SER D 293 -9.49 -3.86 -33.07
N SER D 294 -10.12 -3.88 -34.23
CA SER D 294 -9.94 -5.00 -35.15
C SER D 294 -8.78 -4.80 -36.12
N PHE D 295 -8.57 -3.55 -36.53
CA PHE D 295 -7.70 -3.24 -37.67
C PHE D 295 -6.49 -2.32 -37.34
N THR D 296 -6.39 -1.78 -36.12
CA THR D 296 -5.20 -0.99 -35.74
C THR D 296 -3.93 -1.83 -35.94
N ASN D 297 -2.87 -1.22 -36.46
CA ASN D 297 -1.62 -1.99 -36.75
C ASN D 297 -1.91 -3.21 -37.66
N SER D 298 -2.97 -3.09 -38.45
CA SER D 298 -3.45 -4.15 -39.30
C SER D 298 -3.75 -5.41 -38.51
N GLY D 299 -4.37 -5.19 -37.34
CA GLY D 299 -4.84 -6.28 -36.50
C GLY D 299 -3.73 -7.09 -35.87
N GLN D 300 -2.50 -6.60 -35.96
CA GLN D 300 -1.37 -7.31 -35.36
C GLN D 300 -1.04 -6.76 -33.94
N VAL D 301 -2.06 -6.58 -33.11
CA VAL D 301 -1.82 -6.30 -31.72
C VAL D 301 -2.35 -7.49 -30.94
N CYS D 302 -1.64 -7.87 -29.87
CA CYS D 302 -2.12 -8.92 -28.95
C CYS D 302 -3.51 -8.59 -28.47
N LEU D 303 -3.80 -7.30 -28.33
CA LEU D 303 -5.08 -6.84 -27.76
C LEU D 303 -6.25 -6.72 -28.75
N CYS D 304 -5.99 -6.96 -30.03
CA CYS D 304 -7.02 -6.74 -31.04
C CYS D 304 -8.19 -7.66 -30.86
N SER D 305 -9.35 -7.19 -31.28
CA SER D 305 -10.56 -7.97 -31.18
C SER D 305 -10.80 -8.78 -32.46
N GLU D 306 -10.69 -10.10 -32.38
CA GLU D 306 -10.95 -10.95 -33.54
C GLU D 306 -12.31 -11.64 -33.46
N ARG D 307 -12.96 -11.54 -32.31
CA ARG D 307 -14.35 -11.99 -32.16
C ARG D 307 -15.14 -10.80 -31.72
N VAL D 308 -16.37 -10.68 -32.22
CA VAL D 308 -17.21 -9.55 -31.87
C VAL D 308 -18.64 -10.03 -31.69
N TYR D 309 -19.24 -9.70 -30.55
CA TYR D 309 -20.59 -10.09 -30.24
C TYR D 309 -21.46 -8.86 -30.16
N VAL D 310 -22.60 -8.89 -30.84
CA VAL D 310 -23.43 -7.72 -30.94
C VAL D 310 -24.86 -8.11 -30.69
N HIS D 311 -25.56 -7.27 -29.96
CA HIS D 311 -26.90 -7.65 -29.57
C HIS D 311 -27.75 -7.77 -30.83
N ARG D 312 -28.60 -8.79 -30.87
CA ARG D 312 -29.43 -9.10 -32.04
C ARG D 312 -30.15 -7.87 -32.62
N SER D 313 -30.69 -7.06 -31.72
CA SER D 313 -31.50 -5.91 -32.11
C SER D 313 -30.70 -4.85 -32.88
N ILE D 314 -29.37 -4.86 -32.77
CA ILE D 314 -28.57 -3.90 -33.52
C ILE D 314 -27.55 -4.59 -34.41
N PHE D 315 -27.64 -5.90 -34.54
CA PHE D 315 -26.61 -6.64 -35.21
C PHE D 315 -26.48 -6.19 -36.69
N ASP D 316 -27.60 -6.15 -37.44
CA ASP D 316 -27.58 -5.82 -38.87
C ASP D 316 -27.04 -4.41 -39.12
N GLU D 317 -27.56 -3.45 -38.38
CA GLU D 317 -27.08 -2.10 -38.41
C GLU D 317 -25.57 -2.01 -38.07
N PHE D 318 -25.13 -2.73 -37.03
CA PHE D 318 -23.71 -2.72 -36.64
C PHE D 318 -22.83 -3.27 -37.78
N VAL D 319 -23.20 -4.41 -38.36
CA VAL D 319 -22.38 -5.04 -39.38
C VAL D 319 -22.30 -4.14 -40.62
N SER D 320 -23.41 -3.49 -40.94
CA SER D 320 -23.49 -2.60 -42.09
C SER D 320 -22.63 -1.38 -41.90
N GLY D 321 -22.76 -0.76 -40.72
CA GLY D 321 -21.93 0.37 -40.37
C GLY D 321 -20.44 0.01 -40.39
N LEU D 322 -20.06 -1.11 -39.81
CA LEU D 322 -18.64 -1.46 -39.71
C LEU D 322 -18.08 -1.76 -41.10
N LYS D 323 -18.90 -2.35 -41.96
CA LYS D 323 -18.52 -2.63 -43.35
C LYS D 323 -18.18 -1.34 -44.10
N VAL D 324 -19.08 -0.37 -43.99
CA VAL D 324 -18.87 0.90 -44.63
C VAL D 324 -17.56 1.50 -44.14
N GLU D 325 -17.39 1.56 -42.82
CA GLU D 325 -16.17 2.11 -42.23
C GLU D 325 -14.92 1.35 -42.58
N ALA D 326 -15.00 0.02 -42.61
CA ALA D 326 -13.80 -0.77 -42.99
C ALA D 326 -13.38 -0.48 -44.44
N GLU D 327 -14.36 -0.33 -45.33
CA GLU D 327 -14.07 -0.12 -46.75
C GLU D 327 -13.57 1.29 -47.03
N ARG D 328 -13.75 2.19 -46.06
CA ARG D 328 -13.17 3.52 -46.14
C ARG D 328 -11.73 3.57 -45.67
N LEU D 329 -11.25 2.52 -45.02
CA LEU D 329 -9.88 2.50 -44.57
C LEU D 329 -8.93 2.63 -45.77
N VAL D 330 -7.95 3.49 -45.64
CA VAL D 330 -6.91 3.62 -46.63
C VAL D 330 -5.80 2.64 -46.32
N VAL D 331 -5.57 1.71 -47.25
CA VAL D 331 -4.52 0.74 -47.10
C VAL D 331 -3.41 1.10 -48.05
N GLY D 332 -2.26 1.47 -47.51
CA GLY D 332 -1.23 2.02 -48.35
C GLY D 332 0.14 2.26 -47.75
N TYR D 333 0.81 3.28 -48.27
CA TYR D 333 2.15 3.61 -47.85
C TYR D 333 2.12 4.26 -46.43
N PRO D 334 3.13 3.99 -45.63
CA PRO D 334 3.25 4.59 -44.30
C PRO D 334 3.11 6.11 -44.27
N ASP D 335 3.61 6.81 -45.28
CA ASP D 335 3.45 8.26 -45.32
C ASP D 335 2.42 8.75 -46.34
N GLN D 336 1.61 7.85 -46.88
CA GLN D 336 0.54 8.23 -47.81
C GLN D 336 -0.55 9.03 -47.08
N ASP D 337 -1.26 9.86 -47.85
CA ASP D 337 -2.01 10.96 -47.27
C ASP D 337 -2.88 10.61 -46.07
N GLY D 338 -3.97 9.91 -46.27
CA GLY D 338 -4.81 9.60 -45.10
C GLY D 338 -4.75 8.12 -44.78
N VAL D 339 -3.54 7.53 -44.83
CA VAL D 339 -3.35 6.10 -44.62
C VAL D 339 -3.77 5.63 -43.20
N ASN D 340 -4.52 4.54 -43.17
CA ASN D 340 -4.93 3.91 -41.93
C ASN D 340 -4.19 2.60 -41.68
N MET D 341 -3.88 1.88 -42.74
CA MET D 341 -3.40 0.52 -42.62
C MET D 341 -2.19 0.29 -43.51
N GLY D 342 -1.18 -0.33 -42.91
CA GLY D 342 0.00 -0.79 -43.61
C GLY D 342 -0.14 -2.26 -43.91
N PRO D 343 0.94 -2.89 -44.36
CA PRO D 343 0.96 -4.31 -44.66
C PRO D 343 1.12 -5.10 -43.40
N LEU D 344 1.10 -6.42 -43.53
CA LEU D 344 1.52 -7.30 -42.45
C LEU D 344 3.02 -7.23 -42.31
N ILE D 345 3.51 -7.78 -41.21
CA ILE D 345 4.92 -7.74 -40.90
C ILE D 345 5.82 -8.39 -41.94
N SER D 346 5.33 -9.43 -42.58
CA SER D 346 6.19 -10.20 -43.48
C SER D 346 5.38 -11.07 -44.42
N HIS D 347 6.04 -11.55 -45.47
CA HIS D 347 5.39 -12.46 -46.44
C HIS D 347 4.93 -13.74 -45.76
N GLY D 348 5.80 -14.31 -44.93
CA GLY D 348 5.50 -15.56 -44.25
C GLY D 348 4.33 -15.39 -43.29
N HIS D 349 4.25 -14.23 -42.64
CA HIS D 349 3.05 -14.02 -41.80
C HIS D 349 1.81 -13.87 -42.66
N ARG D 350 1.95 -13.17 -43.78
CA ARG D 350 0.79 -13.08 -44.68
C ARG D 350 0.33 -14.43 -45.19
N ASP D 351 1.25 -15.35 -45.48
CA ASP D 351 0.84 -16.69 -45.88
C ASP D 351 -0.04 -17.30 -44.79
N LYS D 352 0.32 -17.10 -43.54
CA LYS D 352 -0.47 -17.67 -42.44
C LYS D 352 -1.85 -16.98 -42.44
N VAL D 353 -1.88 -15.68 -42.61
CA VAL D 353 -3.15 -14.98 -42.53
C VAL D 353 -4.09 -15.36 -43.68
N LEU D 354 -3.53 -15.44 -44.87
CA LEU D 354 -4.35 -15.80 -46.01
C LEU D 354 -4.83 -17.23 -45.87
N SER D 355 -4.00 -18.11 -45.33
CA SER D 355 -4.48 -19.45 -45.03
C SER D 355 -5.72 -19.46 -44.11
N TYR D 356 -5.82 -18.56 -43.12
CA TYR D 356 -7.05 -18.48 -42.30
C TYR D 356 -8.17 -17.85 -43.12
N TYR D 357 -7.81 -16.95 -44.03
CA TYR D 357 -8.83 -16.38 -44.91
C TYR D 357 -9.55 -17.48 -45.73
N ARG D 358 -8.77 -18.42 -46.27
CA ARG D 358 -9.36 -19.55 -47.01
C ARG D 358 -10.09 -20.47 -46.07
N LEU D 359 -9.49 -20.77 -44.93
CA LEU D 359 -10.15 -21.64 -43.97
C LEU D 359 -11.54 -21.11 -43.55
N ALA D 360 -11.70 -19.81 -43.48
CA ALA D 360 -12.99 -19.26 -43.04
C ALA D 360 -14.11 -19.46 -44.10
N VAL D 361 -13.79 -19.21 -45.35
CA VAL D 361 -14.71 -19.55 -46.43
C VAL D 361 -15.06 -21.02 -46.32
N ASP D 362 -14.06 -21.88 -46.15
CA ASP D 362 -14.30 -23.32 -46.08
C ASP D 362 -15.19 -23.73 -44.89
N GLU D 363 -15.10 -22.96 -43.80
CA GLU D 363 -15.90 -23.21 -42.61
C GLU D 363 -17.30 -22.65 -42.74
N GLY D 364 -17.54 -21.93 -43.83
CA GLY D 364 -18.89 -21.45 -44.13
C GLY D 364 -19.13 -19.97 -43.83
N ALA D 365 -18.06 -19.21 -43.62
CA ALA D 365 -18.23 -17.78 -43.38
C ALA D 365 -18.84 -17.08 -44.58
N THR D 366 -19.71 -16.13 -44.29
CA THR D 366 -20.05 -15.07 -45.23
C THR D 366 -18.99 -13.99 -45.09
N VAL D 367 -18.36 -13.61 -46.20
CA VAL D 367 -17.32 -12.59 -46.21
C VAL D 367 -17.99 -11.23 -46.44
N VAL D 368 -18.20 -10.51 -45.35
CA VAL D 368 -18.86 -9.22 -45.42
C VAL D 368 -18.01 -8.21 -46.18
N THR D 369 -16.69 -8.25 -45.99
CA THR D 369 -15.76 -7.41 -46.75
C THR D 369 -14.35 -7.99 -46.65
N GLY D 370 -13.46 -7.59 -47.56
CA GLY D 370 -12.09 -8.11 -47.55
C GLY D 370 -12.00 -9.56 -47.96
N GLY D 371 -11.14 -10.31 -47.30
CA GLY D 371 -11.04 -11.74 -47.58
C GLY D 371 -9.87 -12.07 -48.49
N GLY D 372 -9.20 -11.05 -49.02
CA GLY D 372 -8.07 -11.25 -49.92
C GLY D 372 -6.94 -10.25 -49.75
N VAL D 373 -6.24 -9.95 -50.84
CA VAL D 373 -5.16 -8.98 -50.80
C VAL D 373 -5.46 -7.90 -51.81
N PRO D 374 -5.19 -6.66 -51.46
CA PRO D 374 -5.55 -5.60 -52.39
C PRO D 374 -4.60 -5.65 -53.58
N LYS D 375 -5.01 -5.04 -54.69
CA LYS D 375 -4.18 -5.04 -55.89
C LYS D 375 -3.74 -3.62 -56.13
N PHE D 376 -2.44 -3.42 -56.07
CA PHE D 376 -1.94 -2.08 -56.13
C PHE D 376 -1.50 -1.68 -57.53
N ASN D 377 -0.97 -2.66 -58.26
CA ASN D 377 -0.31 -2.39 -59.55
C ASN D 377 0.84 -1.41 -59.40
N ASP D 378 1.62 -1.61 -58.34
CA ASP D 378 2.87 -0.92 -58.13
C ASP D 378 3.74 -1.76 -57.19
N GLU D 379 4.82 -1.19 -56.67
CA GLU D 379 5.79 -1.92 -55.90
C GLU D 379 5.15 -2.61 -54.66
N ARG D 380 3.99 -2.14 -54.22
CA ARG D 380 3.39 -2.69 -53.02
C ARG D 380 2.88 -4.09 -53.26
N ASP D 381 2.77 -4.49 -54.53
CA ASP D 381 2.31 -5.83 -54.82
C ASP D 381 3.38 -6.86 -54.46
N GLN D 382 4.63 -6.41 -54.37
CA GLN D 382 5.70 -7.27 -53.90
C GLN D 382 5.83 -7.23 -52.36
N GLY D 383 5.00 -6.42 -51.69
CA GLY D 383 5.04 -6.28 -50.24
C GLY D 383 4.16 -7.31 -49.61
N ALA D 384 3.70 -7.06 -48.39
CA ALA D 384 2.92 -8.10 -47.72
C ALA D 384 1.54 -7.67 -47.19
N TYR D 385 0.77 -6.98 -48.05
CA TYR D 385 -0.55 -6.46 -47.66
C TYR D 385 -1.66 -7.47 -47.70
N VAL D 386 -2.67 -7.27 -46.83
CA VAL D 386 -3.96 -7.93 -46.91
C VAL D 386 -5.04 -6.92 -46.69
N GLN D 387 -6.27 -7.28 -47.03
CA GLN D 387 -7.44 -6.42 -46.79
C GLN D 387 -8.02 -6.62 -45.40
N PRO D 388 -8.54 -5.53 -44.81
CA PRO D 388 -9.33 -5.62 -43.57
C PRO D 388 -10.53 -6.51 -43.86
N THR D 389 -10.82 -7.47 -42.98
CA THR D 389 -11.78 -8.51 -43.27
C THR D 389 -12.81 -8.68 -42.15
N ILE D 390 -14.08 -8.80 -42.52
CA ILE D 390 -15.18 -9.07 -41.59
C ILE D 390 -15.90 -10.35 -42.02
N TRP D 391 -16.01 -11.32 -41.11
CA TRP D 391 -16.80 -12.49 -41.37
C TRP D 391 -18.03 -12.49 -40.48
N THR D 392 -19.06 -13.18 -40.99
CA THR D 392 -20.28 -13.41 -40.25
C THR D 392 -20.65 -14.89 -40.47
N GLY D 393 -21.55 -15.44 -39.67
CA GLY D 393 -22.11 -16.76 -39.92
C GLY D 393 -21.42 -18.04 -39.43
N LEU D 394 -20.22 -17.93 -38.87
CA LEU D 394 -19.52 -19.08 -38.25
C LEU D 394 -20.05 -19.39 -36.88
N SER D 395 -19.96 -20.65 -36.49
CA SER D 395 -20.34 -21.06 -35.13
C SER D 395 -19.20 -20.84 -34.15
N ASP D 396 -19.50 -20.91 -32.87
CA ASP D 396 -18.51 -20.68 -31.82
C ASP D 396 -17.39 -21.73 -31.79
N LYS D 397 -17.61 -22.84 -32.49
CA LYS D 397 -16.68 -23.95 -32.56
C LYS D 397 -15.67 -23.79 -33.70
N ALA D 398 -15.97 -22.91 -34.65
CA ALA D 398 -15.12 -22.82 -35.84
C ALA D 398 -13.71 -22.43 -35.45
N ARG D 399 -12.74 -23.01 -36.14
CA ARG D 399 -11.35 -22.68 -35.93
C ARG D 399 -11.05 -21.18 -36.13
N CYS D 400 -11.79 -20.49 -36.99
CA CYS D 400 -11.47 -19.10 -37.30
C CYS D 400 -12.02 -18.19 -36.21
N VAL D 401 -12.90 -18.73 -35.41
CA VAL D 401 -13.47 -18.01 -34.32
C VAL D 401 -12.70 -18.33 -33.03
N THR D 402 -11.85 -19.36 -33.06
CA THR D 402 -11.20 -19.81 -31.82
C THR D 402 -9.69 -19.65 -31.83
N GLU D 403 -9.06 -19.59 -32.99
CA GLU D 403 -7.61 -19.48 -33.06
C GLU D 403 -7.18 -18.08 -33.44
N GLU D 404 -6.09 -17.67 -32.84
CA GLU D 404 -5.56 -16.35 -33.06
C GLU D 404 -5.00 -16.32 -34.48
N ILE D 405 -5.44 -15.34 -35.25
CA ILE D 405 -5.00 -15.09 -36.63
C ILE D 405 -3.92 -14.00 -36.69
N PHE D 406 -4.10 -12.93 -35.91
CA PHE D 406 -3.09 -11.88 -35.81
C PHE D 406 -3.01 -11.14 -37.13
N GLY D 407 -4.18 -10.96 -37.73
CA GLY D 407 -4.36 -10.10 -38.89
C GLY D 407 -5.57 -9.20 -38.74
N PRO D 408 -5.83 -8.38 -39.74
CA PRO D 408 -6.89 -7.39 -39.63
C PRO D 408 -8.25 -7.99 -39.90
N VAL D 409 -8.75 -8.74 -38.94
CA VAL D 409 -9.96 -9.49 -39.18
C VAL D 409 -10.82 -9.59 -37.94
N CYS D 410 -12.13 -9.65 -38.13
CA CYS D 410 -13.01 -10.03 -37.07
C CYS D 410 -14.25 -10.68 -37.60
N HIS D 411 -14.70 -11.63 -36.80
CA HIS D 411 -15.95 -12.30 -37.00
C HIS D 411 -16.97 -11.69 -36.03
N ILE D 412 -18.17 -11.46 -36.51
CA ILE D 412 -19.24 -10.85 -35.74
C ILE D 412 -20.43 -11.78 -35.62
N SER D 413 -20.97 -11.87 -34.40
CA SER D 413 -21.94 -12.88 -34.08
C SER D 413 -23.03 -12.25 -33.22
N PRO D 414 -24.31 -12.60 -33.43
CA PRO D 414 -25.30 -11.94 -32.59
C PRO D 414 -25.52 -12.60 -31.23
N PHE D 415 -26.06 -11.90 -30.25
CA PHE D 415 -26.46 -12.53 -29.00
C PHE D 415 -27.74 -11.89 -28.47
N ASP D 416 -28.43 -12.56 -27.56
CA ASP D 416 -29.66 -12.00 -27.02
C ASP D 416 -29.55 -11.60 -25.56
N ASP D 417 -28.76 -12.34 -24.81
CA ASP D 417 -28.83 -12.30 -23.37
C ASP D 417 -27.45 -12.02 -22.75
N GLU D 418 -27.43 -11.26 -21.65
CA GLU D 418 -26.18 -10.87 -21.03
C GLU D 418 -25.35 -12.06 -20.56
N ASP D 419 -25.96 -12.99 -19.84
CA ASP D 419 -25.21 -14.12 -19.27
C ASP D 419 -24.69 -15.02 -20.38
N GLU D 420 -25.52 -15.23 -21.40
CA GLU D 420 -25.13 -15.99 -22.59
C GLU D 420 -23.85 -15.42 -23.21
N VAL D 421 -23.80 -14.10 -23.43
CA VAL D 421 -22.61 -13.51 -24.07
C VAL D 421 -21.41 -13.58 -23.14
N ILE D 422 -21.60 -13.40 -21.84
CA ILE D 422 -20.46 -13.53 -20.92
C ILE D 422 -19.87 -14.93 -21.07
N ASN D 423 -20.75 -15.94 -21.05
CA ASN D 423 -20.31 -17.33 -21.20
C ASN D 423 -19.63 -17.57 -22.57
N ARG D 424 -20.20 -17.03 -23.65
CA ARG D 424 -19.52 -17.19 -24.95
C ARG D 424 -18.14 -16.50 -25.03
N VAL D 425 -17.97 -15.33 -24.42
CA VAL D 425 -16.68 -14.66 -24.41
C VAL D 425 -15.65 -15.49 -23.66
N ASN D 426 -16.07 -16.03 -22.53
CA ASN D 426 -15.20 -16.80 -21.63
C ASN D 426 -14.93 -18.24 -22.06
N ASP D 427 -15.75 -18.77 -22.96
CA ASP D 427 -15.53 -20.11 -23.50
C ASP D 427 -14.33 -20.15 -24.45
N SER D 428 -13.13 -20.17 -23.87
CA SER D 428 -11.94 -19.92 -24.66
C SER D 428 -10.75 -20.36 -23.85
N ASN D 429 -9.73 -20.86 -24.54
CA ASN D 429 -8.47 -21.22 -23.89
C ASN D 429 -7.56 -20.01 -23.68
N TYR D 430 -7.92 -18.90 -24.31
CA TYR D 430 -7.27 -17.61 -24.04
C TYR D 430 -8.07 -16.75 -23.06
N GLY D 431 -7.42 -15.68 -22.61
CA GLY D 431 -8.05 -14.69 -21.76
C GLY D 431 -7.17 -13.47 -21.58
N LEU D 432 -6.85 -12.76 -22.67
CA LEU D 432 -6.03 -11.55 -22.54
C LEU D 432 -6.85 -10.27 -22.30
N ALA D 433 -7.68 -9.88 -23.26
CA ALA D 433 -8.49 -8.68 -23.07
C ALA D 433 -9.90 -8.81 -23.63
N CYS D 434 -10.69 -7.80 -23.35
CA CYS D 434 -12.05 -7.74 -23.80
C CYS D 434 -12.47 -6.27 -23.77
N ALA D 435 -13.20 -5.84 -24.79
CA ALA D 435 -13.81 -4.53 -24.75
C ALA D 435 -15.31 -4.68 -24.75
N ILE D 436 -15.95 -3.83 -23.98
CA ILE D 436 -17.38 -3.86 -23.80
C ILE D 436 -17.94 -2.48 -24.08
N TRP D 437 -19.04 -2.43 -24.83
CA TRP D 437 -19.70 -1.18 -25.17
C TRP D 437 -21.09 -1.15 -24.57
N THR D 438 -21.30 -0.19 -23.68
CA THR D 438 -22.58 0.01 -23.03
C THR D 438 -22.64 1.37 -22.36
N THR D 439 -23.81 2.01 -22.36
CA THR D 439 -23.96 3.28 -21.65
C THR D 439 -24.54 3.12 -20.23
N ASN D 440 -24.75 1.89 -19.80
CA ASN D 440 -25.45 1.66 -18.54
C ASN D 440 -24.43 1.43 -17.41
N LEU D 441 -24.59 2.20 -16.33
CA LEU D 441 -23.67 2.17 -15.18
C LEU D 441 -23.54 0.78 -14.59
N SER D 442 -24.65 0.19 -14.17
CA SER D 442 -24.58 -1.14 -13.59
C SER D 442 -24.01 -2.16 -14.58
N ARG D 443 -24.53 -2.17 -15.79
CA ARG D 443 -24.07 -3.18 -16.76
C ARG D 443 -22.56 -3.10 -16.92
N ALA D 444 -22.00 -1.89 -16.94
CA ALA D 444 -20.57 -1.78 -17.20
C ALA D 444 -19.81 -2.56 -16.14
N HIS D 445 -20.16 -2.33 -14.89
CA HIS D 445 -19.42 -2.93 -13.81
C HIS D 445 -19.80 -4.39 -13.56
N ARG D 446 -21.08 -4.75 -13.72
CA ARG D 446 -21.54 -6.13 -13.52
C ARG D 446 -20.87 -7.06 -14.49
N VAL D 447 -20.88 -6.68 -15.76
CA VAL D 447 -20.34 -7.52 -16.80
C VAL D 447 -18.85 -7.57 -16.80
N SER D 448 -18.18 -6.45 -16.60
CA SER D 448 -16.73 -6.47 -16.73
C SER D 448 -16.09 -7.37 -15.72
N ARG D 449 -16.61 -7.39 -14.50
CA ARG D 449 -15.99 -8.22 -13.45
C ARG D 449 -16.12 -9.71 -13.74
N GLN D 450 -17.01 -10.07 -14.66
CA GLN D 450 -17.30 -11.46 -14.98
C GLN D 450 -16.57 -11.95 -16.21
N ILE D 451 -15.86 -11.07 -16.91
CA ILE D 451 -15.06 -11.51 -18.03
C ILE D 451 -13.74 -12.09 -17.56
N HIS D 452 -13.42 -13.29 -17.97
CA HIS D 452 -12.23 -13.98 -17.49
C HIS D 452 -11.01 -13.59 -18.33
N VAL D 453 -10.50 -12.39 -18.11
CA VAL D 453 -9.41 -11.86 -18.89
C VAL D 453 -8.61 -11.00 -17.92
N GLY D 454 -7.44 -10.56 -18.34
CA GLY D 454 -6.67 -9.69 -17.51
C GLY D 454 -7.05 -8.24 -17.62
N LEU D 455 -7.55 -7.81 -18.79
CA LEU D 455 -7.87 -6.40 -19.07
C LEU D 455 -9.22 -6.26 -19.72
N VAL D 456 -10.08 -5.45 -19.14
CA VAL D 456 -11.32 -5.08 -19.80
C VAL D 456 -11.25 -3.58 -20.07
N TRP D 457 -11.81 -3.17 -21.20
CA TRP D 457 -12.05 -1.78 -21.52
C TRP D 457 -13.54 -1.58 -21.69
N VAL D 458 -14.09 -0.53 -21.10
CA VAL D 458 -15.47 -0.18 -21.36
C VAL D 458 -15.54 1.10 -22.15
N ASN D 459 -16.17 1.03 -23.33
CA ASN D 459 -16.32 2.18 -24.23
C ASN D 459 -15.01 2.82 -24.70
N THR D 460 -13.99 2.00 -24.81
CA THR D 460 -12.75 2.41 -25.44
C THR D 460 -11.97 1.12 -25.76
N TRP D 461 -10.73 1.24 -26.20
CA TRP D 461 -9.86 0.07 -26.35
C TRP D 461 -8.39 0.47 -26.29
N TYR D 462 -7.57 -0.37 -25.68
CA TYR D 462 -6.15 -0.12 -25.63
C TYR D 462 -5.86 1.32 -25.17
N LEU D 463 -6.57 1.76 -24.13
CA LEU D 463 -6.19 2.93 -23.30
C LEU D 463 -5.26 2.44 -22.17
N ARG D 464 -4.04 2.94 -22.08
CA ARG D 464 -3.07 2.34 -21.17
C ARG D 464 -2.56 3.31 -20.10
N ASP D 465 -2.79 2.96 -18.84
CA ASP D 465 -2.15 3.64 -17.73
C ASP D 465 -1.03 2.71 -17.26
N LEU D 466 0.21 3.20 -17.34
CA LEU D 466 1.34 2.29 -17.17
C LEU D 466 1.53 1.82 -15.70
N ARG D 467 0.74 2.35 -14.76
CA ARG D 467 0.80 1.86 -13.36
C ARG D 467 -0.06 0.61 -13.12
N THR D 468 -0.91 0.28 -14.09
CA THR D 468 -1.88 -0.79 -13.88
C THR D 468 -1.22 -2.14 -14.07
N PRO D 469 -1.74 -3.16 -13.39
CA PRO D 469 -1.35 -4.53 -13.68
C PRO D 469 -1.82 -4.92 -15.08
N PHE D 470 -0.97 -5.58 -15.83
CA PHE D 470 -1.29 -5.93 -17.20
C PHE D 470 -0.82 -7.36 -17.48
N GLY D 471 -1.69 -8.15 -18.09
CA GLY D 471 -1.35 -9.52 -18.37
C GLY D 471 -2.62 -10.30 -18.63
N GLY D 472 -2.51 -11.62 -18.64
CA GLY D 472 -3.62 -12.46 -19.03
C GLY D 472 -3.83 -13.71 -18.22
N VAL D 473 -4.96 -14.37 -18.49
CA VAL D 473 -5.28 -15.63 -17.87
C VAL D 473 -5.19 -16.77 -18.89
N LYS D 474 -5.21 -17.99 -18.36
CA LYS D 474 -5.15 -19.21 -19.17
C LYS D 474 -3.95 -19.18 -20.14
N LEU D 475 -4.17 -19.48 -21.40
CA LEU D 475 -3.09 -19.48 -22.40
C LEU D 475 -2.53 -18.10 -22.75
N SER D 476 -3.16 -17.04 -22.26
CA SER D 476 -2.72 -15.66 -22.59
C SER D 476 -1.55 -15.19 -21.75
N GLY D 477 -1.16 -15.97 -20.76
CA GLY D 477 0.07 -15.68 -20.04
C GLY D 477 0.12 -16.16 -18.61
N LEU D 478 1.11 -15.66 -17.90
CA LEU D 478 1.14 -15.80 -16.48
C LEU D 478 2.00 -14.68 -15.90
N GLY D 479 1.72 -14.37 -14.64
CA GLY D 479 2.31 -13.20 -13.98
C GLY D 479 1.65 -11.93 -14.46
N ARG D 480 1.94 -10.84 -13.76
CA ARG D 480 1.50 -9.52 -14.20
C ARG D 480 2.74 -8.61 -14.29
N GLU D 481 2.72 -7.69 -15.25
CA GLU D 481 3.68 -6.59 -15.27
C GLU D 481 2.89 -5.29 -15.14
N GLY D 482 3.60 -4.16 -15.13
CA GLY D 482 3.01 -2.83 -14.93
C GLY D 482 3.14 -2.41 -13.47
N GLY D 483 3.44 -1.14 -13.27
CA GLY D 483 3.51 -0.61 -11.92
C GLY D 483 4.34 -1.46 -10.98
N ARG D 484 3.84 -1.59 -9.76
CA ARG D 484 4.56 -2.34 -8.75
C ARG D 484 4.67 -3.82 -9.14
N PHE D 485 3.82 -4.28 -10.07
CA PHE D 485 3.91 -5.68 -10.48
C PHE D 485 5.25 -5.95 -11.20
N SER D 486 5.69 -4.96 -12.00
CA SER D 486 7.00 -5.02 -12.64
C SER D 486 8.13 -4.80 -11.65
N MET D 487 7.92 -3.93 -10.68
CA MET D 487 8.99 -3.67 -9.69
C MET D 487 9.24 -4.92 -8.84
N ASP D 488 8.19 -5.73 -8.67
CA ASP D 488 8.28 -7.00 -7.95
C ASP D 488 8.84 -8.10 -8.85
N PHE D 489 8.41 -8.17 -10.10
CA PHE D 489 8.91 -9.24 -10.92
C PHE D 489 10.40 -9.11 -11.24
N TYR D 490 10.87 -7.89 -11.51
CA TYR D 490 12.26 -7.69 -11.89
C TYR D 490 13.16 -7.49 -10.67
N SER D 491 12.66 -7.83 -9.47
CA SER D 491 13.44 -7.74 -8.25
C SER D 491 13.44 -9.04 -7.47
N ASP D 492 14.55 -9.34 -6.80
CA ASP D 492 14.53 -10.22 -5.64
C ASP D 492 13.81 -9.49 -4.51
N ILE D 493 12.75 -10.07 -3.97
CA ILE D 493 12.17 -9.56 -2.75
C ILE D 493 12.76 -10.36 -1.61
N ALA D 494 13.50 -9.71 -0.71
CA ALA D 494 14.15 -10.44 0.36
C ALA D 494 13.58 -10.00 1.69
N ASN D 495 13.32 -10.95 2.58
CA ASN D 495 12.83 -10.66 3.93
C ASN D 495 13.95 -10.84 4.93
N ILE D 496 14.15 -9.82 5.73
CA ILE D 496 15.13 -9.81 6.78
C ILE D 496 14.44 -9.68 8.15
N CYS D 497 14.68 -10.67 8.99
CA CYS D 497 14.07 -10.77 10.28
C CYS D 497 15.11 -10.59 11.40
N ILE D 498 14.94 -9.54 12.20
CA ILE D 498 15.83 -9.22 13.28
C ILE D 498 15.17 -9.57 14.63
N LYS D 499 15.72 -10.54 15.34
CA LYS D 499 15.30 -10.77 16.73
C LYS D 499 15.87 -9.65 17.60
N ILE D 500 15.05 -9.01 18.41
CA ILE D 500 15.54 -7.87 19.18
C ILE D 500 15.90 -8.29 20.59
#